data_5TKB
#
_entry.id   5TKB
#
_cell.length_a   99.000
_cell.length_b   112.700
_cell.length_c   159.880
_cell.angle_alpha   90.00
_cell.angle_beta   90.00
_cell.angle_gamma   90.00
#
_symmetry.space_group_name_H-M   'P 21 21 21'
#
loop_
_entity.id
_entity.type
_entity.pdbx_description
1 polymer "cAMP-specific 3',5'-cyclic phosphodiesterase 4D"
2 non-polymer 'ZINC ION'
3 non-polymer 'MAGNESIUM ION'
4 non-polymer 'SULFATE ION'
5 non-polymer ETHANOL
6 non-polymer N-[(2R)-2,3-dihydroxy-2-methylpropyl]-8-(methylamino)-6-[(2,3,5,6-tetrafluorophenyl)amino]imidazo[1,2-b]pyridazine-3-carboxamide
7 water water
#
_entity_poly.entity_id   1
_entity_poly.type   'polypeptide(L)'
_entity_poly.pdbx_seq_one_letter_code
;MSIPRFGVKTEQEDVLAKELEDVNKWGLHVFRIAELSGNRPLTVIMHTIFQERDLLKTFKIPVDTLITYLMTLEDHYHAD
VAYHNNIHAADVVQSTHVLLSTPALEAVFTDLEILAAIFASAIHDVDHPGVSNQFLINTNSELALMYNDSSVLENHHLAV
GFKLLQEENCDIFQNLTKKQRQSLRKMVIDIVLATDMSKHMNLLADLKTMVETKKVTSSGVLLLDNYSDRIQVLQNMVHC
ADLSNPTKPLQLYRQWTDRIMEEFFRQGDRERERGMEISPMCDKHNASVEKSQVGFIDYIVHPLWETWADLVHPDAQDIL
DTLEDNREWYQSTIPQAPAPAPDDPEEGRQGQTEKFQFELTLEEDGESDTEKDSGHHHHHH
;
_entity_poly.pdbx_strand_id   A,B,C,D
#
loop_
_chem_comp.id
_chem_comp.type
_chem_comp.name
_chem_comp.formula
7DJ non-polymer N-[(2R)-2,3-dihydroxy-2-methylpropyl]-8-(methylamino)-6-[(2,3,5,6-tetrafluorophenyl)amino]imidazo[1,2-b]pyridazine-3-carboxamide 'C18 H18 F4 N6 O3'
EOH non-polymer ETHANOL 'C2 H6 O'
MG non-polymer 'MAGNESIUM ION' 'Mg 2'
SO4 non-polymer 'SULFATE ION' 'O4 S -2'
ZN non-polymer 'ZINC ION' 'Zn 2'
#
# COMPACT_ATOMS: atom_id res chain seq x y z
N VAL A 8 17.63 41.13 -2.91
CA VAL A 8 16.68 41.82 -3.79
C VAL A 8 16.08 40.88 -4.84
N LYS A 9 14.75 41.00 -5.06
CA LYS A 9 13.99 40.23 -6.02
C LYS A 9 14.55 40.36 -7.42
N THR A 10 14.47 39.25 -8.16
CA THR A 10 14.78 39.15 -9.59
C THR A 10 13.67 39.98 -10.31
N GLU A 11 13.90 40.35 -11.58
CA GLU A 11 12.92 41.10 -12.35
C GLU A 11 11.66 40.27 -12.63
N GLN A 12 11.83 38.97 -12.92
CA GLN A 12 10.73 38.01 -13.10
C GLN A 12 9.95 37.84 -11.77
N GLU A 13 10.66 37.73 -10.60
CA GLU A 13 10.07 37.65 -9.24
C GLU A 13 9.26 38.91 -8.90
N ASP A 14 9.73 40.10 -9.34
CA ASP A 14 9.01 41.37 -9.10
C ASP A 14 7.70 41.43 -9.91
N VAL A 15 7.73 40.98 -11.20
CA VAL A 15 6.53 40.90 -12.06
C VAL A 15 5.50 39.93 -11.42
N LEU A 16 6.01 38.81 -10.85
CA LEU A 16 5.22 37.82 -10.14
C LEU A 16 4.59 38.47 -8.90
N ALA A 17 5.38 39.20 -8.09
CA ALA A 17 4.88 39.90 -6.88
C ALA A 17 3.77 40.90 -7.20
N LYS A 18 3.86 41.53 -8.37
CA LYS A 18 2.87 42.50 -8.84
C LYS A 18 1.57 41.80 -9.25
N GLU A 19 1.67 40.62 -9.91
CA GLU A 19 0.51 39.80 -10.28
C GLU A 19 -0.22 39.32 -9.02
N LEU A 20 0.56 38.90 -8.01
CA LEU A 20 0.08 38.41 -6.73
C LEU A 20 -0.63 39.47 -5.88
N GLU A 21 -0.62 40.75 -6.29
CA GLU A 21 -1.35 41.81 -5.58
C GLU A 21 -2.88 41.67 -5.80
N ASP A 22 -3.29 40.88 -6.82
CA ASP A 22 -4.68 40.56 -7.14
C ASP A 22 -5.17 39.26 -6.49
N VAL A 23 -4.42 38.72 -5.50
CA VAL A 23 -4.75 37.46 -4.82
C VAL A 23 -6.14 37.52 -4.12
N ASN A 24 -6.60 38.72 -3.78
CA ASN A 24 -7.88 38.91 -3.12
C ASN A 24 -9.01 39.19 -4.13
N LYS A 25 -8.71 39.11 -5.43
CA LYS A 25 -9.69 39.40 -6.49
C LYS A 25 -10.08 38.19 -7.31
N TRP A 26 -11.38 38.10 -7.62
CA TRP A 26 -11.98 37.09 -8.50
C TRP A 26 -11.50 37.44 -9.90
N GLY A 27 -10.84 36.50 -10.58
CA GLY A 27 -10.31 36.77 -11.91
C GLY A 27 -8.82 36.99 -11.94
N LEU A 28 -8.10 36.47 -10.91
CA LEU A 28 -6.63 36.52 -10.85
C LEU A 28 -6.05 35.87 -12.12
N HIS A 29 -4.93 36.40 -12.66
CA HIS A 29 -4.28 35.87 -13.84
C HIS A 29 -3.44 34.64 -13.44
N VAL A 30 -4.13 33.54 -13.11
CA VAL A 30 -3.55 32.30 -12.60
C VAL A 30 -2.60 31.65 -13.62
N PHE A 31 -2.91 31.72 -14.93
CA PHE A 31 -2.05 31.15 -15.97
C PHE A 31 -0.76 31.95 -16.12
N ARG A 32 -0.83 33.29 -15.98
CA ARG A 32 0.35 34.15 -16.00
C ARG A 32 1.24 33.86 -14.76
N ILE A 33 0.61 33.67 -13.58
CA ILE A 33 1.30 33.30 -12.33
C ILE A 33 2.00 31.95 -12.51
N ALA A 34 1.33 30.97 -13.18
CA ALA A 34 1.93 29.66 -13.44
C ALA A 34 3.20 29.78 -14.29
N GLU A 35 3.19 30.66 -15.32
CA GLU A 35 4.35 30.90 -16.19
C GLU A 35 5.45 31.65 -15.43
N LEU A 36 5.09 32.77 -14.74
CA LEU A 36 6.02 33.62 -14.00
C LEU A 36 6.73 32.91 -12.85
N SER A 37 6.04 31.99 -12.15
CA SER A 37 6.62 31.25 -11.02
C SER A 37 7.43 30.01 -11.43
N GLY A 38 7.55 29.76 -12.73
CA GLY A 38 8.26 28.59 -13.24
C GLY A 38 7.51 27.31 -12.91
N ASN A 39 6.18 27.33 -13.17
CA ASN A 39 5.22 26.25 -12.91
C ASN A 39 5.10 25.92 -11.42
N ARG A 40 5.03 26.98 -10.60
CA ARG A 40 4.82 26.86 -9.17
C ARG A 40 3.62 27.70 -8.72
N PRO A 41 2.48 27.73 -9.46
CA PRO A 41 1.34 28.54 -9.01
C PRO A 41 0.80 28.13 -7.64
N LEU A 42 0.76 26.81 -7.34
CA LEU A 42 0.22 26.32 -6.07
C LEU A 42 1.09 26.75 -4.90
N THR A 43 2.42 26.57 -5.00
CA THR A 43 3.35 27.00 -3.97
C THR A 43 3.26 28.52 -3.69
N VAL A 44 3.35 29.35 -4.75
CA VAL A 44 3.37 30.82 -4.61
C VAL A 44 2.05 31.35 -4.10
N ILE A 45 0.92 30.87 -4.65
CA ILE A 45 -0.39 31.33 -4.23
C ILE A 45 -0.68 30.90 -2.79
N MET A 46 -0.40 29.63 -2.43
CA MET A 46 -0.61 29.17 -1.04
C MET A 46 0.27 29.96 -0.07
N HIS A 47 1.57 30.19 -0.40
CA HIS A 47 2.48 30.94 0.47
C HIS A 47 1.95 32.36 0.70
N THR A 48 1.46 33.03 -0.37
CA THR A 48 0.90 34.39 -0.32
C THR A 48 -0.32 34.40 0.61
N ILE A 49 -1.22 33.41 0.43
CA ILE A 49 -2.45 33.32 1.22
C ILE A 49 -2.15 33.05 2.69
N PHE A 50 -1.20 32.16 2.99
CA PHE A 50 -0.81 31.83 4.37
C PHE A 50 -0.24 33.05 5.09
N GLN A 51 0.57 33.87 4.36
CA GLN A 51 1.15 35.13 4.87
C GLN A 51 0.07 36.16 5.11
N GLU A 52 -0.82 36.35 4.12
CA GLU A 52 -1.96 37.27 4.13
C GLU A 52 -2.90 37.01 5.32
N ARG A 53 -3.18 35.73 5.60
CA ARG A 53 -4.09 35.33 6.68
C ARG A 53 -3.38 35.07 8.01
N ASP A 54 -2.04 35.29 8.06
CA ASP A 54 -1.19 35.10 9.25
C ASP A 54 -1.26 33.67 9.81
N LEU A 55 -1.41 32.67 8.91
CA LEU A 55 -1.54 31.26 9.30
C LEU A 55 -0.25 30.65 9.83
N LEU A 56 0.91 31.12 9.38
CA LEU A 56 2.21 30.62 9.85
C LEU A 56 2.39 30.93 11.33
N LYS A 57 2.08 32.17 11.71
CA LYS A 57 2.18 32.68 13.09
C LYS A 57 1.15 32.00 13.99
N THR A 58 -0.12 31.99 13.58
CA THR A 58 -1.24 31.37 14.31
C THR A 58 -1.01 29.87 14.60
N PHE A 59 -0.56 29.10 13.59
CA PHE A 59 -0.38 27.67 13.77
C PHE A 59 1.07 27.24 13.93
N LYS A 60 1.97 28.22 14.17
CA LYS A 60 3.41 28.00 14.39
C LYS A 60 4.02 27.08 13.29
N ILE A 61 3.77 27.44 12.03
CA ILE A 61 4.23 26.69 10.86
C ILE A 61 5.60 27.20 10.46
N PRO A 62 6.69 26.42 10.58
CA PRO A 62 8.00 26.92 10.10
C PRO A 62 7.90 27.22 8.61
N VAL A 63 8.46 28.37 8.16
CA VAL A 63 8.32 28.79 6.76
C VAL A 63 8.96 27.77 5.77
N ASP A 64 10.11 27.18 6.13
CA ASP A 64 10.85 26.20 5.32
C ASP A 64 10.02 24.92 5.21
N THR A 65 9.29 24.56 6.29
CA THR A 65 8.42 23.38 6.33
C THR A 65 7.24 23.63 5.38
N LEU A 66 6.65 24.83 5.42
CA LEU A 66 5.52 25.16 4.53
C LEU A 66 5.95 25.10 3.06
N ILE A 67 7.08 25.72 2.70
CA ILE A 67 7.58 25.74 1.32
C ILE A 67 7.91 24.32 0.82
N THR A 68 8.57 23.49 1.67
CA THR A 68 8.93 22.11 1.31
C THR A 68 7.65 21.30 1.03
N TYR A 69 6.65 21.39 1.93
CA TYR A 69 5.39 20.68 1.76
C TYR A 69 4.68 21.13 0.48
N LEU A 70 4.54 22.44 0.27
CA LEU A 70 3.86 22.98 -0.92
C LEU A 70 4.49 22.52 -2.23
N MET A 71 5.83 22.50 -2.29
CA MET A 71 6.57 22.05 -3.45
C MET A 71 6.34 20.57 -3.67
N THR A 72 6.36 19.77 -2.60
CA THR A 72 6.10 18.33 -2.60
C THR A 72 4.67 18.06 -3.09
N LEU A 73 3.68 18.78 -2.52
CA LEU A 73 2.28 18.65 -2.90
C LEU A 73 2.12 18.98 -4.40
N GLU A 74 2.68 20.12 -4.83
CA GLU A 74 2.60 20.56 -6.21
C GLU A 74 3.24 19.55 -7.17
N ASP A 75 4.37 18.93 -6.75
CA ASP A 75 5.07 17.90 -7.53
C ASP A 75 4.21 16.64 -7.72
N HIS A 76 3.19 16.42 -6.87
CA HIS A 76 2.34 15.24 -6.98
C HIS A 76 1.08 15.50 -7.81
N TYR A 77 0.96 16.69 -8.42
CA TYR A 77 -0.06 17.02 -9.41
C TYR A 77 0.67 16.72 -10.73
N HIS A 78 -0.02 16.11 -11.69
CA HIS A 78 0.60 15.66 -12.95
C HIS A 78 0.68 16.76 -13.99
N ALA A 79 1.90 17.06 -14.44
CA ALA A 79 2.17 18.09 -15.46
C ALA A 79 1.58 17.73 -16.83
N ASP A 80 1.46 16.42 -17.13
CA ASP A 80 0.90 15.92 -18.39
C ASP A 80 -0.66 15.89 -18.42
N VAL A 81 -1.33 16.23 -17.31
CA VAL A 81 -2.80 16.23 -17.22
C VAL A 81 -3.26 17.67 -17.54
N ALA A 82 -4.06 17.86 -18.60
CA ALA A 82 -4.44 19.20 -19.10
C ALA A 82 -5.24 20.05 -18.13
N TYR A 83 -6.15 19.47 -17.37
CA TYR A 83 -6.99 20.24 -16.47
C TYR A 83 -6.70 19.99 -14.98
N HIS A 84 -6.81 18.74 -14.51
CA HIS A 84 -6.62 18.38 -13.10
C HIS A 84 -5.14 18.35 -12.67
N ASN A 85 -4.52 19.52 -12.73
CA ASN A 85 -3.11 19.71 -12.43
C ASN A 85 -2.95 20.80 -11.34
N ASN A 86 -1.71 21.24 -11.09
CA ASN A 86 -1.36 22.25 -10.07
C ASN A 86 -1.96 23.64 -10.35
N ILE A 87 -2.25 23.98 -11.63
CA ILE A 87 -2.87 25.27 -11.98
C ILE A 87 -4.32 25.26 -11.49
N HIS A 88 -5.03 24.15 -11.71
CA HIS A 88 -6.41 23.98 -11.22
C HIS A 88 -6.45 24.06 -9.67
N ALA A 89 -5.50 23.36 -8.99
CA ALA A 89 -5.40 23.38 -7.53
C ALA A 89 -5.19 24.82 -7.01
N ALA A 90 -4.25 25.57 -7.62
CA ALA A 90 -3.93 26.96 -7.24
C ALA A 90 -5.17 27.85 -7.42
N ASP A 91 -5.92 27.63 -8.51
CA ASP A 91 -7.15 28.34 -8.84
C ASP A 91 -8.24 28.08 -7.83
N VAL A 92 -8.43 26.81 -7.39
CA VAL A 92 -9.45 26.46 -6.41
C VAL A 92 -9.08 27.07 -5.05
N VAL A 93 -7.78 27.03 -4.69
CA VAL A 93 -7.26 27.65 -3.45
C VAL A 93 -7.59 29.15 -3.46
N GLN A 94 -7.21 29.87 -4.51
CA GLN A 94 -7.41 31.31 -4.59
C GLN A 94 -8.90 31.66 -4.63
N SER A 95 -9.73 30.87 -5.32
CA SER A 95 -11.18 31.10 -5.37
C SER A 95 -11.81 30.90 -3.98
N THR A 96 -11.37 29.88 -3.22
CA THR A 96 -11.82 29.61 -1.84
C THR A 96 -11.43 30.79 -0.94
N HIS A 97 -10.18 31.28 -1.09
CA HIS A 97 -9.64 32.41 -0.35
C HIS A 97 -10.53 33.67 -0.51
N VAL A 98 -10.98 33.95 -1.76
CA VAL A 98 -11.87 35.08 -2.07
C VAL A 98 -13.26 34.84 -1.44
N LEU A 99 -13.83 33.63 -1.62
CA LEU A 99 -15.12 33.25 -1.06
C LEU A 99 -15.15 33.31 0.49
N LEU A 100 -14.01 33.00 1.14
CA LEU A 100 -13.91 33.06 2.61
C LEU A 100 -14.02 34.51 3.11
N SER A 101 -13.59 35.49 2.29
CA SER A 101 -13.58 36.93 2.60
C SER A 101 -14.89 37.65 2.24
N THR A 102 -15.94 36.92 1.86
CA THR A 102 -17.21 37.52 1.49
C THR A 102 -17.88 38.22 2.73
N PRO A 103 -18.37 39.49 2.59
CA PRO A 103 -18.97 40.21 3.74
C PRO A 103 -19.98 39.42 4.57
N ALA A 104 -20.88 38.67 3.92
CA ALA A 104 -21.88 37.87 4.62
C ALA A 104 -21.31 36.77 5.56
N LEU A 105 -19.99 36.47 5.42
CA LEU A 105 -19.31 35.45 6.22
C LEU A 105 -18.22 36.04 7.15
N GLU A 106 -18.17 37.38 7.29
CA GLU A 106 -17.21 38.08 8.14
C GLU A 106 -17.30 37.63 9.60
N ALA A 107 -16.15 37.19 10.17
CA ALA A 107 -15.99 36.67 11.55
C ALA A 107 -16.83 35.42 11.87
N VAL A 108 -17.32 34.71 10.84
CA VAL A 108 -18.10 33.49 11.03
C VAL A 108 -17.17 32.30 11.36
N PHE A 109 -16.11 32.10 10.56
CA PHE A 109 -15.21 30.95 10.70
C PHE A 109 -13.97 31.22 11.53
N THR A 110 -13.52 30.19 12.27
CA THR A 110 -12.30 30.25 13.09
C THR A 110 -11.08 30.12 12.18
N ASP A 111 -9.87 30.39 12.71
CA ASP A 111 -8.64 30.27 11.93
C ASP A 111 -8.40 28.81 11.48
N LEU A 112 -8.83 27.83 12.31
CA LEU A 112 -8.70 26.40 12.03
C LEU A 112 -9.61 25.98 10.88
N GLU A 113 -10.85 26.52 10.84
CA GLU A 113 -11.82 26.25 9.77
C GLU A 113 -11.34 26.87 8.46
N ILE A 114 -10.70 28.05 8.54
CA ILE A 114 -10.13 28.75 7.40
C ILE A 114 -8.96 27.92 6.84
N LEU A 115 -8.06 27.45 7.74
CA LEU A 115 -6.93 26.59 7.41
C LEU A 115 -7.42 25.31 6.72
N ALA A 116 -8.50 24.70 7.25
CA ALA A 116 -9.09 23.49 6.70
C ALA A 116 -9.61 23.69 5.27
N ALA A 117 -10.34 24.78 5.01
CA ALA A 117 -10.89 25.07 3.67
C ALA A 117 -9.80 25.32 2.64
N ILE A 118 -8.74 26.05 3.03
CA ILE A 118 -7.59 26.34 2.17
C ILE A 118 -6.75 25.08 1.91
N PHE A 119 -6.43 24.31 2.96
CA PHE A 119 -5.66 23.06 2.82
C PHE A 119 -6.45 22.05 1.99
N ALA A 120 -7.75 21.88 2.27
CA ALA A 120 -8.61 20.97 1.49
C ALA A 120 -8.59 21.35 -0.01
N SER A 121 -8.69 22.65 -0.32
CA SER A 121 -8.65 23.15 -1.71
C SER A 121 -7.31 22.83 -2.39
N ALA A 122 -6.22 22.93 -1.65
CA ALA A 122 -4.87 22.69 -2.17
C ALA A 122 -4.63 21.22 -2.55
N ILE A 123 -5.16 20.28 -1.75
CA ILE A 123 -4.95 18.84 -1.96
C ILE A 123 -6.08 18.15 -2.71
N HIS A 124 -7.21 18.84 -2.94
CA HIS A 124 -8.46 18.23 -3.40
C HIS A 124 -8.36 17.37 -4.67
N ASP A 125 -7.40 17.60 -5.57
CA ASP A 125 -7.21 16.78 -6.78
C ASP A 125 -5.79 16.24 -6.91
N VAL A 126 -5.01 16.20 -5.80
CA VAL A 126 -3.62 15.77 -5.92
C VAL A 126 -3.49 14.33 -6.49
N ASP A 127 -2.52 14.13 -7.42
CA ASP A 127 -2.25 12.84 -8.04
C ASP A 127 -3.42 12.37 -8.92
N HIS A 128 -4.16 13.32 -9.49
CA HIS A 128 -5.25 13.01 -10.41
C HIS A 128 -4.64 12.42 -11.71
N PRO A 129 -5.06 11.21 -12.15
CA PRO A 129 -4.49 10.63 -13.39
C PRO A 129 -5.10 11.18 -14.69
N GLY A 130 -6.09 12.07 -14.61
CA GLY A 130 -6.71 12.63 -15.82
C GLY A 130 -7.85 11.78 -16.37
N VAL A 131 -8.30 10.79 -15.58
CA VAL A 131 -9.39 9.88 -15.94
C VAL A 131 -10.42 9.86 -14.84
N SER A 132 -11.66 9.50 -15.18
CA SER A 132 -12.77 9.46 -14.25
C SER A 132 -12.71 8.25 -13.32
N ASN A 133 -13.49 8.30 -12.24
CA ASN A 133 -13.68 7.20 -11.31
C ASN A 133 -14.16 5.96 -12.04
N GLN A 134 -15.13 6.12 -12.96
CA GLN A 134 -15.71 5.03 -13.76
C GLN A 134 -14.66 4.31 -14.61
N PHE A 135 -13.73 5.04 -15.25
CA PHE A 135 -12.65 4.44 -16.04
C PHE A 135 -11.78 3.56 -15.12
N LEU A 136 -11.48 4.05 -13.89
CA LEU A 136 -10.69 3.33 -12.90
C LEU A 136 -11.39 2.08 -12.42
N ILE A 137 -12.71 2.16 -12.28
CA ILE A 137 -13.55 1.04 -11.84
C ILE A 137 -13.60 -0.03 -12.95
N ASN A 138 -13.93 0.39 -14.19
CA ASN A 138 -14.05 -0.53 -15.34
C ASN A 138 -12.77 -1.28 -15.71
N THR A 139 -11.59 -0.69 -15.45
CA THR A 139 -10.30 -1.33 -15.73
C THR A 139 -9.79 -2.21 -14.58
N ASN A 140 -10.52 -2.25 -13.46
CA ASN A 140 -10.12 -2.98 -12.24
C ASN A 140 -8.79 -2.47 -11.72
N SER A 141 -8.59 -1.14 -11.76
CA SER A 141 -7.36 -0.51 -11.26
C SER A 141 -7.18 -0.82 -9.76
N GLU A 142 -5.93 -0.83 -9.32
CA GLU A 142 -5.58 -1.07 -7.92
C GLU A 142 -6.22 0.02 -7.01
N LEU A 143 -6.34 1.27 -7.52
CA LEU A 143 -7.02 2.34 -6.76
C LEU A 143 -8.47 2.01 -6.48
N ALA A 144 -9.22 1.56 -7.53
CA ALA A 144 -10.64 1.20 -7.39
C ALA A 144 -10.79 0.00 -6.45
N LEU A 145 -9.83 -0.95 -6.47
CA LEU A 145 -9.82 -2.11 -5.59
C LEU A 145 -9.58 -1.69 -4.13
N MET A 146 -8.61 -0.77 -3.90
CA MET A 146 -8.32 -0.26 -2.55
C MET A 146 -9.56 0.47 -1.97
N TYR A 147 -10.22 1.31 -2.80
CA TYR A 147 -11.33 2.13 -2.32
C TYR A 147 -12.72 1.61 -2.60
N ASN A 148 -12.84 0.33 -2.96
CA ASN A 148 -14.14 -0.32 -3.16
C ASN A 148 -15.07 0.44 -4.10
N ASP A 149 -14.50 0.97 -5.22
CA ASP A 149 -15.24 1.69 -6.28
C ASP A 149 -16.03 2.92 -5.75
N SER A 150 -15.74 3.41 -4.53
CA SER A 150 -16.48 4.53 -3.88
C SER A 150 -15.61 5.75 -3.70
N SER A 151 -15.97 6.88 -4.36
CA SER A 151 -15.20 8.14 -4.37
C SER A 151 -13.72 7.80 -4.47
N VAL A 152 -13.36 6.95 -5.44
CA VAL A 152 -11.99 6.43 -5.62
C VAL A 152 -10.98 7.56 -5.63
N LEU A 153 -11.12 8.51 -6.57
CA LEU A 153 -10.19 9.62 -6.73
C LEU A 153 -10.16 10.51 -5.51
N GLU A 154 -11.34 10.89 -4.98
CA GLU A 154 -11.45 11.80 -3.83
C GLU A 154 -10.79 11.20 -2.57
N ASN A 155 -10.95 9.89 -2.35
CA ASN A 155 -10.30 9.19 -1.24
C ASN A 155 -8.79 9.20 -1.42
N HIS A 156 -8.33 8.99 -2.66
CA HIS A 156 -6.91 9.00 -3.02
C HIS A 156 -6.28 10.38 -2.86
N HIS A 157 -6.96 11.46 -3.32
CA HIS A 157 -6.48 12.84 -3.18
C HIS A 157 -6.21 13.15 -1.71
N LEU A 158 -7.13 12.74 -0.82
CA LEU A 158 -6.99 12.95 0.62
C LEU A 158 -5.81 12.15 1.18
N ALA A 159 -5.74 10.84 0.86
CA ALA A 159 -4.67 9.97 1.38
C ALA A 159 -3.28 10.46 0.97
N VAL A 160 -3.11 10.94 -0.28
CA VAL A 160 -1.87 11.52 -0.79
C VAL A 160 -1.54 12.84 -0.07
N GLY A 161 -2.52 13.77 0.00
CA GLY A 161 -2.35 15.06 0.66
C GLY A 161 -1.83 14.92 2.09
N PHE A 162 -2.40 13.97 2.85
CA PHE A 162 -1.97 13.68 4.21
C PHE A 162 -0.67 12.89 4.25
N LYS A 163 -0.48 11.89 3.37
CA LYS A 163 0.76 11.08 3.34
C LYS A 163 1.99 11.94 3.08
N LEU A 164 1.86 12.97 2.23
CA LEU A 164 2.98 13.86 1.90
C LEU A 164 3.51 14.67 3.10
N LEU A 165 2.73 14.79 4.19
CA LEU A 165 3.17 15.46 5.42
C LEU A 165 4.30 14.67 6.11
N GLN A 166 4.46 13.38 5.76
CA GLN A 166 5.46 12.50 6.35
C GLN A 166 6.81 12.57 5.62
N GLU A 167 6.90 13.31 4.51
CA GLU A 167 8.18 13.41 3.79
C GLU A 167 9.15 14.32 4.58
N GLU A 168 10.43 14.35 4.22
CA GLU A 168 11.41 15.14 4.97
C GLU A 168 11.04 16.63 5.10
N ASN A 169 10.90 17.13 6.34
CA ASN A 169 10.55 18.53 6.65
C ASN A 169 9.24 18.99 5.96
N CYS A 170 8.22 18.14 5.97
CA CYS A 170 6.93 18.45 5.33
C CYS A 170 5.78 18.57 6.30
N ASP A 171 5.98 18.27 7.61
CA ASP A 171 4.84 18.30 8.54
C ASP A 171 4.49 19.71 8.97
N ILE A 172 3.63 20.36 8.19
CA ILE A 172 3.19 21.73 8.46
C ILE A 172 2.28 21.83 9.70
N PHE A 173 1.74 20.69 10.17
CA PHE A 173 0.86 20.62 11.33
C PHE A 173 1.59 20.12 12.59
N GLN A 174 2.93 20.10 12.56
CA GLN A 174 3.76 19.61 13.68
C GLN A 174 3.51 20.31 15.01
N ASN A 175 3.08 21.59 15.00
CA ASN A 175 2.88 22.34 16.25
C ASN A 175 1.42 22.48 16.66
N LEU A 176 0.52 21.79 15.97
CA LEU A 176 -0.90 21.79 16.32
C LEU A 176 -1.09 20.76 17.41
N THR A 177 -2.03 20.99 18.33
CA THR A 177 -2.35 20.01 19.38
C THR A 177 -3.11 18.86 18.74
N LYS A 178 -3.20 17.70 19.41
CA LYS A 178 -3.96 16.54 18.94
C LYS A 178 -5.41 16.93 18.64
N LYS A 179 -6.05 17.76 19.51
CA LYS A 179 -7.43 18.24 19.34
C LYS A 179 -7.55 19.08 18.05
N GLN A 180 -6.58 19.99 17.78
CA GLN A 180 -6.57 20.81 16.57
C GLN A 180 -6.44 19.96 15.32
N ARG A 181 -5.50 18.98 15.34
CA ARG A 181 -5.23 18.03 14.25
C ARG A 181 -6.44 17.15 13.93
N GLN A 182 -7.15 16.63 14.93
CA GLN A 182 -8.33 15.80 14.71
C GLN A 182 -9.49 16.62 14.15
N SER A 183 -9.64 17.86 14.60
CA SER A 183 -10.70 18.72 14.10
C SER A 183 -10.38 19.11 12.66
N LEU A 184 -9.15 19.56 12.39
CA LEU A 184 -8.70 19.96 11.05
C LEU A 184 -8.84 18.77 10.08
N ARG A 185 -8.35 17.59 10.49
CA ARG A 185 -8.42 16.37 9.69
C ARG A 185 -9.86 16.02 9.31
N LYS A 186 -10.81 16.05 10.27
CA LYS A 186 -12.21 15.73 10.01
C LYS A 186 -12.82 16.72 8.99
N MET A 187 -12.53 18.02 9.14
CA MET A 187 -13.04 19.05 8.24
C MET A 187 -12.49 18.91 6.84
N VAL A 188 -11.19 18.65 6.70
CA VAL A 188 -10.52 18.45 5.40
C VAL A 188 -11.13 17.26 4.65
N ILE A 189 -11.37 16.15 5.36
CA ILE A 189 -11.97 14.93 4.79
C ILE A 189 -13.41 15.21 4.32
N ASP A 190 -14.23 15.83 5.16
CA ASP A 190 -15.62 16.18 4.83
C ASP A 190 -15.69 17.07 3.61
N ILE A 191 -14.73 17.99 3.48
CA ILE A 191 -14.66 18.92 2.34
C ILE A 191 -14.24 18.20 1.05
N VAL A 192 -13.09 17.49 1.06
CA VAL A 192 -12.63 16.83 -0.19
C VAL A 192 -13.60 15.74 -0.65
N LEU A 193 -14.20 14.97 0.26
CA LEU A 193 -15.17 13.94 -0.16
C LEU A 193 -16.41 14.56 -0.80
N ALA A 194 -16.75 15.82 -0.43
CA ALA A 194 -17.89 16.58 -0.99
C ALA A 194 -17.58 17.10 -2.42
N THR A 195 -16.31 16.97 -2.89
CA THR A 195 -15.93 17.40 -4.26
C THR A 195 -16.29 16.31 -5.29
N ASP A 196 -16.70 15.11 -4.84
CA ASP A 196 -17.12 14.05 -5.77
C ASP A 196 -18.48 14.49 -6.33
N MET A 197 -18.59 14.62 -7.67
CA MET A 197 -19.81 15.05 -8.37
C MET A 197 -21.05 14.19 -8.07
N SER A 198 -20.85 12.93 -7.66
CA SER A 198 -21.95 12.03 -7.27
C SER A 198 -22.67 12.55 -6.01
N LYS A 199 -22.03 13.49 -5.28
CA LYS A 199 -22.56 14.08 -4.05
C LYS A 199 -23.23 15.45 -4.30
N HIS A 200 -23.10 16.01 -5.53
CA HIS A 200 -23.58 17.35 -5.89
C HIS A 200 -25.06 17.62 -5.54
N MET A 201 -25.98 16.76 -6.03
CA MET A 201 -27.43 16.93 -5.83
C MET A 201 -27.82 16.99 -4.37
N ASN A 202 -27.26 16.08 -3.52
CA ASN A 202 -27.54 16.08 -2.08
C ASN A 202 -26.95 17.29 -1.36
N LEU A 203 -25.75 17.72 -1.78
CA LEU A 203 -25.07 18.89 -1.24
C LEU A 203 -25.89 20.16 -1.55
N LEU A 204 -26.39 20.28 -2.81
CA LEU A 204 -27.20 21.42 -3.23
C LEU A 204 -28.54 21.47 -2.47
N ALA A 205 -29.22 20.30 -2.37
CA ALA A 205 -30.50 20.17 -1.65
C ALA A 205 -30.37 20.67 -0.20
N ASP A 206 -29.27 20.32 0.50
CA ASP A 206 -29.03 20.77 1.87
C ASP A 206 -28.67 22.25 1.95
N LEU A 207 -27.96 22.78 0.92
CA LEU A 207 -27.65 24.21 0.85
C LEU A 207 -28.96 25.03 0.66
N LYS A 208 -29.88 24.50 -0.19
CA LYS A 208 -31.20 25.12 -0.43
C LYS A 208 -32.01 25.16 0.88
N THR A 209 -32.01 24.05 1.65
CA THR A 209 -32.68 23.92 2.95
C THR A 209 -32.15 24.97 3.93
N MET A 210 -30.83 25.17 3.96
CA MET A 210 -30.21 26.17 4.81
C MET A 210 -30.60 27.59 4.40
N VAL A 211 -30.68 27.86 3.08
CA VAL A 211 -31.08 29.18 2.54
C VAL A 211 -32.52 29.51 2.99
N GLU A 212 -33.41 28.49 2.99
CA GLU A 212 -34.82 28.63 3.38
C GLU A 212 -34.98 29.05 4.84
N THR A 213 -34.18 28.44 5.75
CA THR A 213 -34.20 28.68 7.20
C THR A 213 -32.99 29.52 7.67
N LYS A 214 -32.45 30.37 6.78
CA LYS A 214 -31.30 31.24 7.02
C LYS A 214 -31.51 32.22 8.18
N LYS A 215 -30.55 32.23 9.11
CA LYS A 215 -30.52 33.12 10.27
C LYS A 215 -29.29 34.03 10.17
N VAL A 216 -29.50 35.34 10.33
CA VAL A 216 -28.45 36.35 10.29
C VAL A 216 -28.26 36.96 11.69
N THR A 217 -27.09 37.54 11.97
CA THR A 217 -26.82 38.19 13.26
C THR A 217 -27.27 39.65 13.20
N VAL A 221 -24.79 39.42 8.49
CA VAL A 221 -23.76 38.37 8.59
C VAL A 221 -24.37 37.06 9.12
N LEU A 222 -24.15 35.96 8.37
CA LEU A 222 -24.65 34.61 8.64
C LEU A 222 -24.41 34.10 10.06
N LEU A 223 -25.39 33.34 10.59
CA LEU A 223 -25.30 32.73 11.91
C LEU A 223 -25.30 31.18 11.75
N LEU A 224 -24.15 30.53 12.06
CA LEU A 224 -23.99 29.07 11.96
C LEU A 224 -23.64 28.52 13.35
N ASP A 225 -24.63 27.86 13.97
CA ASP A 225 -24.59 27.39 15.36
C ASP A 225 -23.87 26.06 15.62
N ASN A 226 -24.12 25.05 14.78
CA ASN A 226 -23.58 23.68 14.94
C ASN A 226 -22.54 23.31 13.87
N TYR A 227 -21.76 22.20 14.11
CA TYR A 227 -20.76 21.70 13.15
C TYR A 227 -21.41 21.34 11.82
N SER A 228 -22.59 20.71 11.85
CA SER A 228 -23.34 20.28 10.67
C SER A 228 -23.60 21.42 9.68
N ASP A 229 -23.95 22.61 10.20
CA ASP A 229 -24.24 23.83 9.43
C ASP A 229 -22.95 24.48 8.92
N ARG A 230 -21.92 24.51 9.78
CA ARG A 230 -20.64 25.10 9.48
C ARG A 230 -19.90 24.29 8.39
N ILE A 231 -19.87 22.96 8.52
CA ILE A 231 -19.20 22.10 7.53
C ILE A 231 -19.96 22.13 6.18
N GLN A 232 -21.31 22.19 6.21
CA GLN A 232 -22.12 22.26 4.98
C GLN A 232 -21.79 23.51 4.15
N VAL A 233 -21.58 24.67 4.82
CA VAL A 233 -21.21 25.92 4.16
C VAL A 233 -19.79 25.78 3.56
N LEU A 234 -18.85 25.21 4.34
CA LEU A 234 -17.46 25.01 3.90
C LEU A 234 -17.35 24.04 2.73
N GLN A 235 -18.16 22.95 2.74
CA GLN A 235 -18.20 21.95 1.68
C GLN A 235 -18.74 22.61 0.41
N ASN A 236 -19.84 23.38 0.52
CA ASN A 236 -20.44 24.09 -0.62
C ASN A 236 -19.56 25.17 -1.15
N MET A 237 -18.83 25.84 -0.27
CA MET A 237 -17.90 26.89 -0.66
C MET A 237 -16.78 26.33 -1.55
N VAL A 238 -16.11 25.25 -1.11
CA VAL A 238 -15.01 24.64 -1.87
C VAL A 238 -15.55 23.99 -3.16
N HIS A 239 -16.78 23.44 -3.10
CA HIS A 239 -17.48 22.87 -4.25
C HIS A 239 -17.77 24.00 -5.29
N CYS A 240 -18.18 25.19 -4.82
CA CYS A 240 -18.37 26.39 -5.65
C CYS A 240 -17.04 26.79 -6.26
N ALA A 241 -15.92 26.78 -5.45
CA ALA A 241 -14.58 27.16 -5.95
C ALA A 241 -14.12 26.18 -7.05
N ASP A 242 -14.44 24.89 -6.86
CA ASP A 242 -14.12 23.82 -7.80
C ASP A 242 -14.91 23.98 -9.11
N LEU A 243 -16.16 24.48 -9.01
CA LEU A 243 -17.05 24.72 -10.13
C LEU A 243 -17.14 26.24 -10.45
N SER A 244 -16.01 26.98 -10.29
CA SER A 244 -16.00 28.44 -10.49
C SER A 244 -15.54 28.91 -11.83
N ASN A 245 -14.96 28.03 -12.67
CA ASN A 245 -14.47 28.43 -14.01
C ASN A 245 -15.53 29.19 -14.85
N PRO A 246 -16.82 28.74 -14.96
CA PRO A 246 -17.79 29.49 -15.77
C PRO A 246 -18.19 30.85 -15.22
N THR A 247 -17.80 31.14 -13.95
CA THR A 247 -18.11 32.42 -13.29
C THR A 247 -16.97 33.42 -13.44
N LYS A 248 -15.87 33.01 -14.06
CA LYS A 248 -14.68 33.85 -14.24
C LYS A 248 -14.76 34.66 -15.53
N PRO A 249 -13.94 35.74 -15.71
CA PRO A 249 -13.92 36.43 -17.02
C PRO A 249 -13.71 35.41 -18.14
N LEU A 250 -14.41 35.60 -19.27
CA LEU A 250 -14.43 34.72 -20.43
C LEU A 250 -13.05 34.28 -20.92
N GLN A 251 -12.02 35.18 -20.86
CA GLN A 251 -10.63 34.86 -21.26
C GLN A 251 -10.05 33.71 -20.40
N LEU A 252 -10.40 33.69 -19.10
CA LEU A 252 -9.99 32.63 -18.17
C LEU A 252 -10.81 31.35 -18.41
N TYR A 253 -12.15 31.46 -18.44
CA TYR A 253 -13.10 30.37 -18.63
C TYR A 253 -12.81 29.54 -19.87
N ARG A 254 -12.55 30.21 -21.02
CA ARG A 254 -12.22 29.57 -22.30
C ARG A 254 -10.98 28.70 -22.20
N GLN A 255 -9.98 29.14 -21.44
CA GLN A 255 -8.73 28.36 -21.21
C GLN A 255 -9.03 27.11 -20.38
N TRP A 256 -9.89 27.23 -19.37
CA TRP A 256 -10.36 26.10 -18.55
C TRP A 256 -11.14 25.09 -19.38
N THR A 257 -12.02 25.60 -20.27
CA THR A 257 -12.81 24.76 -21.18
C THR A 257 -11.90 23.98 -22.14
N ASP A 258 -10.91 24.65 -22.76
CA ASP A 258 -9.96 23.99 -23.67
C ASP A 258 -9.22 22.86 -22.97
N ARG A 259 -8.82 23.10 -21.71
CA ARG A 259 -8.09 22.14 -20.89
C ARG A 259 -8.94 20.93 -20.49
N ILE A 260 -10.18 21.15 -20.00
CA ILE A 260 -11.06 20.03 -19.62
C ILE A 260 -11.45 19.19 -20.86
N MET A 261 -11.68 19.85 -22.02
CA MET A 261 -12.03 19.15 -23.27
C MET A 261 -10.87 18.31 -23.74
N GLU A 262 -9.64 18.82 -23.65
CA GLU A 262 -8.41 18.10 -24.02
C GLU A 262 -8.28 16.87 -23.11
N GLU A 263 -8.54 17.05 -21.80
CA GLU A 263 -8.49 15.95 -20.84
C GLU A 263 -9.58 14.89 -21.12
N PHE A 264 -10.83 15.32 -21.37
CA PHE A 264 -11.95 14.45 -21.71
C PHE A 264 -11.68 13.67 -22.99
N PHE A 265 -11.18 14.36 -24.05
CA PHE A 265 -10.86 13.76 -25.35
C PHE A 265 -9.75 12.72 -25.24
N ARG A 266 -8.75 12.97 -24.37
CA ARG A 266 -7.67 12.00 -24.14
C ARG A 266 -8.24 10.74 -23.49
N GLN A 267 -9.22 10.89 -22.57
CA GLN A 267 -9.87 9.75 -21.93
C GLN A 267 -10.69 8.95 -22.98
N GLY A 268 -11.41 9.65 -23.86
CA GLY A 268 -12.19 9.04 -24.93
C GLY A 268 -11.32 8.25 -25.90
N ASP A 269 -10.09 8.76 -26.19
CA ASP A 269 -9.11 8.08 -27.05
C ASP A 269 -8.66 6.79 -26.40
N ARG A 270 -8.48 6.81 -25.06
CA ARG A 270 -8.08 5.65 -24.26
C ARG A 270 -9.21 4.63 -24.22
N GLU A 271 -10.45 5.08 -24.02
CA GLU A 271 -11.63 4.23 -24.01
C GLU A 271 -11.82 3.57 -25.39
N ARG A 272 -11.65 4.36 -26.48
CA ARG A 272 -11.82 3.87 -27.85
C ARG A 272 -10.80 2.79 -28.21
N GLU A 273 -9.51 3.01 -27.92
CA GLU A 273 -8.47 2.03 -28.23
C GLU A 273 -8.59 0.73 -27.42
N ARG A 274 -9.29 0.79 -26.27
CA ARG A 274 -9.54 -0.34 -25.37
C ARG A 274 -10.85 -1.06 -25.65
N GLY A 275 -11.66 -0.53 -26.57
CA GLY A 275 -12.96 -1.11 -26.93
C GLY A 275 -14.04 -0.83 -25.89
N MET A 276 -13.83 0.21 -25.07
CA MET A 276 -14.78 0.59 -24.01
C MET A 276 -15.77 1.59 -24.59
N GLU A 277 -16.93 1.73 -23.93
CA GLU A 277 -17.92 2.75 -24.32
C GLU A 277 -17.28 4.12 -24.00
N ILE A 278 -17.35 5.04 -24.95
CA ILE A 278 -16.79 6.38 -24.77
C ILE A 278 -17.69 7.18 -23.84
N SER A 279 -17.11 7.73 -22.75
CA SER A 279 -17.83 8.51 -21.75
C SER A 279 -18.44 9.78 -22.32
N PRO A 280 -19.54 10.32 -21.72
CA PRO A 280 -20.10 11.58 -22.24
C PRO A 280 -19.05 12.70 -22.32
N MET A 281 -19.05 13.43 -23.46
CA MET A 281 -18.17 14.56 -23.81
C MET A 281 -16.73 14.16 -24.13
N CYS A 282 -16.43 12.85 -24.18
CA CYS A 282 -15.07 12.35 -24.40
C CYS A 282 -14.78 11.94 -25.84
N ASP A 283 -15.78 11.99 -26.72
CA ASP A 283 -15.56 11.61 -28.12
C ASP A 283 -15.26 12.87 -28.96
N LYS A 284 -13.98 13.04 -29.34
CA LYS A 284 -13.52 14.16 -30.17
C LYS A 284 -14.17 14.17 -31.58
N HIS A 285 -14.68 13.01 -32.03
CA HIS A 285 -15.34 12.85 -33.33
C HIS A 285 -16.85 13.15 -33.28
N ASN A 286 -17.45 13.15 -32.08
CA ASN A 286 -18.87 13.43 -31.87
C ASN A 286 -19.05 14.38 -30.68
N ALA A 287 -18.34 15.52 -30.74
CA ALA A 287 -18.32 16.53 -29.70
C ALA A 287 -19.16 17.78 -30.02
N SER A 288 -19.65 18.45 -28.96
CA SER A 288 -20.42 19.69 -29.00
C SER A 288 -19.97 20.51 -27.77
N VAL A 289 -18.77 21.10 -27.86
CA VAL A 289 -18.11 21.85 -26.77
C VAL A 289 -19.04 22.92 -26.20
N GLU A 290 -19.70 23.69 -27.08
CA GLU A 290 -20.63 24.76 -26.72
C GLU A 290 -21.88 24.25 -26.02
N LYS A 291 -22.50 23.17 -26.57
CA LYS A 291 -23.71 22.55 -25.98
C LYS A 291 -23.38 21.95 -24.62
N SER A 292 -22.17 21.37 -24.49
CA SER A 292 -21.70 20.79 -23.23
C SER A 292 -21.52 21.85 -22.16
N GLN A 293 -21.01 23.06 -22.54
CA GLN A 293 -20.86 24.16 -21.57
C GLN A 293 -22.21 24.76 -21.14
N VAL A 294 -23.16 24.95 -22.08
CA VAL A 294 -24.50 25.44 -21.75
C VAL A 294 -25.19 24.46 -20.78
N GLY A 295 -25.07 23.16 -21.06
CA GLY A 295 -25.62 22.08 -20.23
C GLY A 295 -25.03 22.02 -18.82
N PHE A 296 -23.69 22.15 -18.72
CA PHE A 296 -22.96 22.18 -17.44
C PHE A 296 -23.43 23.38 -16.63
N ILE A 297 -23.56 24.56 -17.28
CA ILE A 297 -24.01 25.78 -16.60
C ILE A 297 -25.46 25.66 -16.16
N ASP A 298 -26.37 25.30 -17.10
CA ASP A 298 -27.81 25.15 -16.81
C ASP A 298 -28.16 24.11 -15.75
N TYR A 299 -27.56 22.95 -15.81
CA TYR A 299 -27.94 21.89 -14.87
C TYR A 299 -27.09 21.79 -13.60
N ILE A 300 -25.85 22.32 -13.60
CA ILE A 300 -24.97 22.18 -12.42
C ILE A 300 -24.52 23.51 -11.82
N VAL A 301 -23.76 24.30 -12.59
CA VAL A 301 -23.12 25.52 -12.12
C VAL A 301 -24.13 26.61 -11.71
N HIS A 302 -25.06 27.01 -12.61
CA HIS A 302 -26.06 28.04 -12.28
C HIS A 302 -26.91 27.67 -11.07
N PRO A 303 -27.54 26.46 -10.99
CA PRO A 303 -28.31 26.11 -9.78
C PRO A 303 -27.50 26.22 -8.49
N LEU A 304 -26.21 25.82 -8.52
CA LEU A 304 -25.34 25.90 -7.35
C LEU A 304 -25.03 27.35 -6.97
N TRP A 305 -24.50 28.14 -7.92
CA TRP A 305 -24.13 29.53 -7.69
C TRP A 305 -25.29 30.45 -7.36
N GLU A 306 -26.50 30.16 -7.89
CA GLU A 306 -27.74 30.91 -7.61
C GLU A 306 -28.11 30.70 -6.12
N THR A 307 -27.98 29.45 -5.62
CA THR A 307 -28.24 29.12 -4.23
C THR A 307 -27.16 29.77 -3.31
N TRP A 308 -25.87 29.74 -3.73
CA TRP A 308 -24.79 30.38 -2.96
C TRP A 308 -25.06 31.89 -2.89
N ALA A 309 -25.42 32.51 -4.04
CA ALA A 309 -25.74 33.96 -4.14
C ALA A 309 -26.89 34.33 -3.21
N ASP A 310 -27.88 33.44 -3.01
CA ASP A 310 -28.97 33.65 -2.06
C ASP A 310 -28.47 33.62 -0.62
N LEU A 311 -27.58 32.66 -0.29
CA LEU A 311 -26.99 32.51 1.04
C LEU A 311 -26.18 33.75 1.45
N VAL A 312 -25.39 34.31 0.52
CA VAL A 312 -24.52 35.45 0.79
C VAL A 312 -25.06 36.78 0.18
N HIS A 313 -26.35 36.82 -0.22
CA HIS A 313 -26.97 38.00 -0.86
C HIS A 313 -26.60 39.33 -0.20
N PRO A 314 -26.09 40.35 -0.94
CA PRO A 314 -25.91 40.42 -2.40
C PRO A 314 -24.46 40.27 -2.87
N ASP A 315 -23.59 39.69 -2.02
CA ASP A 315 -22.14 39.52 -2.28
C ASP A 315 -21.74 38.89 -3.60
N ALA A 316 -22.46 37.84 -4.04
CA ALA A 316 -22.14 37.08 -5.26
C ALA A 316 -22.86 37.55 -6.54
N GLN A 317 -23.49 38.77 -6.52
CA GLN A 317 -24.24 39.32 -7.67
C GLN A 317 -23.40 39.47 -8.94
N ASP A 318 -22.17 40.02 -8.86
CA ASP A 318 -21.30 40.17 -10.04
C ASP A 318 -20.81 38.81 -10.59
N ILE A 319 -20.57 37.82 -9.70
CA ILE A 319 -20.13 36.47 -10.06
C ILE A 319 -21.27 35.82 -10.86
N LEU A 320 -22.50 35.93 -10.34
CA LEU A 320 -23.71 35.41 -10.99
C LEU A 320 -23.98 36.09 -12.35
N ASP A 321 -23.72 37.42 -12.45
CA ASP A 321 -23.87 38.17 -13.71
C ASP A 321 -22.86 37.71 -14.76
N THR A 322 -21.59 37.46 -14.36
CA THR A 322 -20.55 36.96 -15.28
C THR A 322 -20.92 35.55 -15.77
N LEU A 323 -21.45 34.71 -14.86
CA LEU A 323 -21.89 33.34 -15.17
C LEU A 323 -22.98 33.37 -16.27
N GLU A 324 -23.99 34.24 -16.09
CA GLU A 324 -25.10 34.43 -17.04
C GLU A 324 -24.61 35.00 -18.38
N ASP A 325 -23.60 35.91 -18.37
CA ASP A 325 -23.01 36.45 -19.59
C ASP A 325 -22.23 35.36 -20.35
N ASN A 326 -21.44 34.54 -19.63
CA ASN A 326 -20.65 33.45 -20.20
C ASN A 326 -21.56 32.36 -20.79
N ARG A 327 -22.71 32.11 -20.14
CA ARG A 327 -23.70 31.15 -20.63
C ARG A 327 -24.29 31.61 -21.99
N GLU A 328 -24.62 32.93 -22.12
CA GLU A 328 -25.13 33.50 -23.36
C GLU A 328 -24.09 33.55 -24.45
N TRP A 329 -22.79 33.71 -24.08
CA TRP A 329 -21.71 33.68 -25.07
C TRP A 329 -21.63 32.29 -25.69
N TYR A 330 -21.68 31.23 -24.85
CA TYR A 330 -21.65 29.85 -25.34
C TYR A 330 -22.92 29.53 -26.11
N GLN A 331 -24.08 29.97 -25.62
CA GLN A 331 -25.37 29.75 -26.31
C GLN A 331 -25.34 30.32 -27.75
N SER A 332 -24.85 31.56 -27.90
CA SER A 332 -24.73 32.23 -29.20
C SER A 332 -23.69 31.56 -30.15
N THR A 333 -22.79 30.74 -29.59
CA THR A 333 -21.68 30.05 -30.26
C THR A 333 -22.10 28.66 -30.83
N ILE A 334 -23.21 28.08 -30.31
CA ILE A 334 -23.71 26.79 -30.78
C ILE A 334 -23.97 26.83 -32.30
N PRO A 335 -23.28 25.98 -33.12
CA PRO A 335 -23.54 25.99 -34.58
C PRO A 335 -24.92 25.40 -34.93
N GLN A 336 -25.68 26.10 -35.79
CA GLN A 336 -27.03 25.67 -36.21
C GLN A 336 -26.99 24.74 -37.42
N GLU B 11 -14.39 -41.14 11.20
CA GLU B 11 -14.56 -41.32 12.65
C GLU B 11 -15.28 -40.15 13.29
N GLN B 12 -14.57 -39.01 13.55
CA GLN B 12 -15.16 -37.79 14.12
C GLN B 12 -15.80 -36.93 13.03
N GLU B 13 -15.63 -37.37 11.76
CA GLU B 13 -16.24 -36.81 10.56
C GLU B 13 -17.76 -37.07 10.61
N ASP B 14 -18.18 -38.13 11.35
CA ASP B 14 -19.58 -38.53 11.56
C ASP B 14 -20.29 -37.56 12.48
N VAL B 15 -19.60 -37.10 13.54
CA VAL B 15 -20.12 -36.14 14.52
C VAL B 15 -20.32 -34.77 13.82
N LEU B 16 -19.31 -34.35 13.02
CA LEU B 16 -19.32 -33.11 12.25
C LEU B 16 -20.48 -33.12 11.25
N ALA B 17 -20.58 -34.19 10.42
CA ALA B 17 -21.67 -34.38 9.44
C ALA B 17 -23.04 -34.32 10.10
N LYS B 18 -23.19 -34.91 11.32
CA LYS B 18 -24.44 -34.86 12.09
C LYS B 18 -24.74 -33.43 12.53
N GLU B 19 -23.70 -32.70 13.00
CA GLU B 19 -23.87 -31.30 13.39
C GLU B 19 -24.27 -30.43 12.21
N LEU B 20 -23.67 -30.69 11.04
CA LEU B 20 -23.91 -29.98 9.78
C LEU B 20 -25.32 -30.16 9.21
N GLU B 21 -26.08 -31.17 9.70
CA GLU B 21 -27.47 -31.40 9.28
C GLU B 21 -28.38 -30.24 9.69
N ASP B 22 -27.89 -29.41 10.63
CA ASP B 22 -28.62 -28.25 11.14
C ASP B 22 -28.28 -26.92 10.45
N VAL B 23 -27.53 -26.97 9.32
CA VAL B 23 -27.09 -25.79 8.54
C VAL B 23 -28.25 -24.86 8.13
N ASN B 24 -29.47 -25.41 7.96
CA ASN B 24 -30.66 -24.64 7.57
C ASN B 24 -31.46 -24.15 8.77
N LYS B 25 -30.96 -24.39 9.99
CA LYS B 25 -31.66 -24.01 11.21
C LYS B 25 -31.01 -22.88 11.99
N TRP B 26 -31.85 -21.96 12.51
CA TRP B 26 -31.45 -20.86 13.38
C TRP B 26 -31.07 -21.51 14.69
N GLY B 27 -29.83 -21.31 15.14
CA GLY B 27 -29.36 -21.94 16.37
C GLY B 27 -28.44 -23.11 16.16
N LEU B 28 -27.76 -23.17 15.01
CA LEU B 28 -26.74 -24.17 14.70
C LEU B 28 -25.63 -24.13 15.79
N HIS B 29 -25.09 -25.31 16.16
CA HIS B 29 -24.04 -25.40 17.19
C HIS B 29 -22.68 -25.04 16.55
N VAL B 30 -22.52 -23.74 16.25
CA VAL B 30 -21.36 -23.18 15.55
C VAL B 30 -20.04 -23.39 16.34
N PHE B 31 -20.08 -23.30 17.68
CA PHE B 31 -18.89 -23.53 18.53
C PHE B 31 -18.44 -24.98 18.49
N ARG B 32 -19.41 -25.92 18.46
CA ARG B 32 -19.14 -27.37 18.35
C ARG B 32 -18.53 -27.65 16.96
N ILE B 33 -19.08 -27.02 15.89
CA ILE B 33 -18.56 -27.16 14.53
C ILE B 33 -17.12 -26.63 14.45
N ALA B 34 -16.82 -25.50 15.14
CA ALA B 34 -15.48 -24.93 15.20
C ALA B 34 -14.49 -25.93 15.81
N GLU B 35 -14.89 -26.63 16.91
CA GLU B 35 -14.06 -27.65 17.57
C GLU B 35 -13.88 -28.89 16.70
N LEU B 36 -14.99 -29.46 16.16
CA LEU B 36 -14.98 -30.66 15.33
C LEU B 36 -14.18 -30.50 14.03
N SER B 37 -14.28 -29.32 13.37
CA SER B 37 -13.57 -29.08 12.11
C SER B 37 -12.08 -28.73 12.26
N GLY B 38 -11.59 -28.70 13.50
CA GLY B 38 -10.21 -28.32 13.78
C GLY B 38 -9.99 -26.84 13.51
N ASN B 39 -10.91 -25.99 14.01
CA ASN B 39 -10.94 -24.53 13.84
C ASN B 39 -11.09 -24.11 12.35
N ARG B 40 -11.99 -24.81 11.65
CA ARG B 40 -12.31 -24.50 10.26
C ARG B 40 -13.82 -24.31 10.10
N PRO B 41 -14.54 -23.62 11.03
CA PRO B 41 -16.00 -23.46 10.86
C PRO B 41 -16.38 -22.71 9.57
N LEU B 42 -15.61 -21.66 9.19
CA LEU B 42 -15.91 -20.87 7.99
C LEU B 42 -15.77 -21.71 6.73
N THR B 43 -14.67 -22.46 6.59
CA THR B 43 -14.45 -23.33 5.44
C THR B 43 -15.56 -24.39 5.32
N VAL B 44 -15.81 -25.15 6.39
CA VAL B 44 -16.78 -26.26 6.45
C VAL B 44 -18.23 -25.76 6.23
N ILE B 45 -18.65 -24.67 6.89
CA ILE B 45 -20.00 -24.11 6.74
C ILE B 45 -20.20 -23.51 5.33
N MET B 46 -19.23 -22.73 4.82
CA MET B 46 -19.33 -22.17 3.46
C MET B 46 -19.39 -23.29 2.42
N HIS B 47 -18.53 -24.33 2.55
CA HIS B 47 -18.51 -25.45 1.62
C HIS B 47 -19.88 -26.17 1.60
N THR B 48 -20.48 -26.40 2.80
CA THR B 48 -21.79 -27.03 2.96
C THR B 48 -22.85 -26.20 2.27
N ILE B 49 -22.86 -24.86 2.51
CA ILE B 49 -23.83 -23.95 1.93
C ILE B 49 -23.71 -23.88 0.41
N PHE B 50 -22.47 -23.85 -0.13
CA PHE B 50 -22.23 -23.81 -1.57
C PHE B 50 -22.75 -25.07 -2.26
N GLN B 51 -22.56 -26.24 -1.61
CA GLN B 51 -23.06 -27.54 -2.09
C GLN B 51 -24.59 -27.59 -2.04
N GLU B 52 -25.18 -27.16 -0.91
CA GLU B 52 -26.61 -27.09 -0.62
C GLU B 52 -27.34 -26.22 -1.66
N ARG B 53 -26.76 -25.07 -2.01
CA ARG B 53 -27.37 -24.13 -2.95
C ARG B 53 -26.93 -24.36 -4.40
N ASP B 54 -26.11 -25.41 -4.65
CA ASP B 54 -25.59 -25.81 -5.96
C ASP B 54 -24.81 -24.66 -6.65
N LEU B 55 -24.11 -23.85 -5.85
CA LEU B 55 -23.35 -22.69 -6.33
C LEU B 55 -22.11 -23.06 -7.13
N LEU B 56 -21.48 -24.22 -6.84
CA LEU B 56 -20.29 -24.68 -7.56
C LEU B 56 -20.63 -25.00 -9.02
N LYS B 57 -21.76 -25.70 -9.24
CA LYS B 57 -22.27 -26.09 -10.55
C LYS B 57 -22.75 -24.84 -11.32
N THR B 58 -23.61 -24.01 -10.70
CA THR B 58 -24.16 -22.78 -11.28
C THR B 58 -23.08 -21.81 -11.76
N PHE B 59 -22.04 -21.58 -10.93
CA PHE B 59 -21.02 -20.60 -11.27
C PHE B 59 -19.72 -21.23 -11.70
N LYS B 60 -19.72 -22.54 -11.98
CA LYS B 60 -18.56 -23.31 -12.46
C LYS B 60 -17.30 -23.06 -11.59
N ILE B 61 -17.49 -23.17 -10.26
CA ILE B 61 -16.42 -22.96 -9.28
C ILE B 61 -15.69 -24.28 -9.06
N PRO B 62 -14.39 -24.41 -9.47
CA PRO B 62 -13.67 -25.66 -9.17
C PRO B 62 -13.64 -25.86 -7.66
N VAL B 63 -13.87 -27.10 -7.19
CA VAL B 63 -13.99 -27.41 -5.76
C VAL B 63 -12.67 -27.10 -5.00
N ASP B 64 -11.50 -27.39 -5.61
CA ASP B 64 -10.17 -27.13 -5.04
C ASP B 64 -9.96 -25.61 -4.91
N THR B 65 -10.45 -24.83 -5.91
CA THR B 65 -10.36 -23.37 -5.90
C THR B 65 -11.19 -22.81 -4.75
N LEU B 66 -12.42 -23.36 -4.56
CA LEU B 66 -13.29 -22.93 -3.46
C LEU B 66 -12.65 -23.21 -2.09
N ILE B 67 -12.15 -24.44 -1.89
CA ILE B 67 -11.56 -24.84 -0.61
C ILE B 67 -10.28 -24.02 -0.32
N THR B 68 -9.41 -23.79 -1.33
CA THR B 68 -8.19 -22.99 -1.16
C THR B 68 -8.56 -21.57 -0.74
N TYR B 69 -9.55 -20.95 -1.43
CA TYR B 69 -9.98 -19.60 -1.11
C TYR B 69 -10.53 -19.52 0.32
N LEU B 70 -11.44 -20.45 0.68
CA LEU B 70 -12.06 -20.47 1.99
C LEU B 70 -11.04 -20.60 3.12
N MET B 71 -10.03 -21.47 2.93
CA MET B 71 -8.97 -21.68 3.92
C MET B 71 -8.12 -20.42 4.04
N THR B 72 -7.82 -19.75 2.91
CA THR B 72 -7.08 -18.49 2.82
C THR B 72 -7.85 -17.39 3.54
N LEU B 73 -9.14 -17.25 3.23
CA LEU B 73 -10.02 -16.27 3.85
C LEU B 73 -10.07 -16.48 5.37
N GLU B 74 -10.31 -17.73 5.81
CA GLU B 74 -10.38 -18.10 7.21
C GLU B 74 -9.05 -17.81 7.94
N ASP B 75 -7.91 -18.05 7.26
CA ASP B 75 -6.56 -17.78 7.79
C ASP B 75 -6.33 -16.28 8.01
N HIS B 76 -7.12 -15.39 7.34
CA HIS B 76 -6.95 -13.95 7.51
C HIS B 76 -7.89 -13.37 8.58
N TYR B 77 -8.64 -14.24 9.29
CA TYR B 77 -9.40 -13.87 10.48
C TYR B 77 -8.43 -14.18 11.62
N HIS B 78 -8.36 -13.31 12.64
CA HIS B 78 -7.37 -13.44 13.72
C HIS B 78 -7.81 -14.38 14.82
N ALA B 79 -6.98 -15.43 15.06
CA ALA B 79 -7.24 -16.45 16.08
C ALA B 79 -7.20 -15.88 17.49
N ASP B 80 -6.40 -14.82 17.71
CA ASP B 80 -6.23 -14.16 19.00
C ASP B 80 -7.35 -13.15 19.34
N VAL B 81 -8.28 -12.89 18.40
CA VAL B 81 -9.39 -11.92 18.61
C VAL B 81 -10.62 -12.73 19.10
N ALA B 82 -11.13 -12.42 20.30
CA ALA B 82 -12.19 -13.19 20.98
C ALA B 82 -13.54 -13.24 20.26
N TYR B 83 -13.94 -12.14 19.62
CA TYR B 83 -15.24 -12.13 18.94
C TYR B 83 -15.13 -12.06 17.41
N HIS B 84 -14.46 -11.03 16.85
CA HIS B 84 -14.36 -10.80 15.40
C HIS B 84 -13.35 -11.73 14.72
N ASN B 85 -13.65 -13.03 14.79
CA ASN B 85 -12.81 -14.08 14.25
C ASN B 85 -13.61 -14.93 13.25
N ASN B 86 -13.03 -16.05 12.81
CA ASN B 86 -13.62 -16.99 11.84
C ASN B 86 -14.94 -17.65 12.33
N ILE B 87 -15.14 -17.79 13.67
CA ILE B 87 -16.38 -18.36 14.22
C ILE B 87 -17.51 -17.38 14.00
N HIS B 88 -17.28 -16.07 14.26
CA HIS B 88 -18.26 -15.02 14.00
C HIS B 88 -18.61 -14.95 12.50
N ALA B 89 -17.59 -15.03 11.60
CA ALA B 89 -17.79 -15.02 10.15
C ALA B 89 -18.68 -16.22 9.72
N ALA B 90 -18.37 -17.44 10.22
CA ALA B 90 -19.13 -18.67 9.93
C ALA B 90 -20.59 -18.52 10.38
N ASP B 91 -20.79 -17.90 11.54
CA ASP B 91 -22.09 -17.64 12.14
C ASP B 91 -22.90 -16.65 11.31
N VAL B 92 -22.27 -15.57 10.81
CA VAL B 92 -22.97 -14.57 9.99
C VAL B 92 -23.35 -15.18 8.64
N VAL B 93 -22.46 -16.00 8.06
CA VAL B 93 -22.71 -16.73 6.82
C VAL B 93 -23.96 -17.62 6.99
N GLN B 94 -23.96 -18.47 8.01
CA GLN B 94 -25.05 -19.41 8.27
C GLN B 94 -26.36 -18.67 8.60
N SER B 95 -26.31 -17.55 9.35
CA SER B 95 -27.49 -16.76 9.65
C SER B 95 -28.08 -16.11 8.40
N THR B 96 -27.21 -15.62 7.48
CA THR B 96 -27.63 -15.03 6.20
C THR B 96 -28.30 -16.13 5.34
N HIS B 97 -27.70 -17.33 5.32
CA HIS B 97 -28.20 -18.50 4.60
C HIS B 97 -29.63 -18.83 5.02
N VAL B 98 -29.93 -18.80 6.34
CA VAL B 98 -31.26 -19.05 6.91
C VAL B 98 -32.19 -17.90 6.51
N LEU B 99 -31.77 -16.62 6.68
CA LEU B 99 -32.56 -15.44 6.31
C LEU B 99 -32.93 -15.39 4.81
N LEU B 100 -32.04 -15.91 3.94
CA LEU B 100 -32.27 -15.96 2.48
C LEU B 100 -33.42 -16.94 2.16
N SER B 101 -33.61 -17.98 3.00
CA SER B 101 -34.65 -19.01 2.88
C SER B 101 -36.02 -18.61 3.55
N THR B 102 -36.17 -17.32 3.98
CA THR B 102 -37.41 -16.84 4.60
C THR B 102 -38.58 -16.86 3.56
N PRO B 103 -39.78 -17.39 3.97
CA PRO B 103 -40.91 -17.48 3.02
C PRO B 103 -41.21 -16.21 2.23
N ALA B 104 -41.21 -15.01 2.86
CA ALA B 104 -41.50 -13.72 2.18
C ALA B 104 -40.45 -13.30 1.14
N LEU B 105 -39.39 -14.11 1.01
CA LEU B 105 -38.33 -13.85 0.04
C LEU B 105 -38.13 -14.99 -0.95
N GLU B 106 -39.00 -16.02 -0.92
CA GLU B 106 -38.91 -17.18 -1.81
C GLU B 106 -38.96 -16.78 -3.30
N ALA B 107 -37.94 -17.20 -4.08
CA ALA B 107 -37.74 -16.91 -5.51
C ALA B 107 -37.58 -15.41 -5.85
N VAL B 108 -37.30 -14.56 -4.84
CA VAL B 108 -37.11 -13.13 -5.05
C VAL B 108 -35.71 -12.85 -5.64
N PHE B 109 -34.66 -13.43 -5.04
CA PHE B 109 -33.28 -13.19 -5.43
C PHE B 109 -32.71 -14.19 -6.40
N THR B 110 -31.87 -13.69 -7.33
CA THR B 110 -31.19 -14.54 -8.34
C THR B 110 -30.04 -15.30 -7.65
N ASP B 111 -29.46 -16.30 -8.33
CA ASP B 111 -28.34 -17.07 -7.80
C ASP B 111 -27.12 -16.16 -7.54
N LEU B 112 -26.94 -15.10 -8.36
CA LEU B 112 -25.85 -14.14 -8.22
C LEU B 112 -26.03 -13.26 -6.99
N GLU B 113 -27.27 -12.85 -6.69
CA GLU B 113 -27.58 -12.04 -5.52
C GLU B 113 -27.39 -12.86 -4.26
N ILE B 114 -27.72 -14.16 -4.32
CA ILE B 114 -27.56 -15.12 -3.24
C ILE B 114 -26.06 -15.31 -2.97
N LEU B 115 -25.27 -15.52 -4.04
CA LEU B 115 -23.81 -15.66 -3.98
C LEU B 115 -23.20 -14.40 -3.35
N ALA B 116 -23.66 -13.19 -3.76
CA ALA B 116 -23.21 -11.91 -3.22
C ALA B 116 -23.47 -11.77 -1.72
N ALA B 117 -24.69 -12.10 -1.23
CA ALA B 117 -25.01 -12.01 0.19
C ALA B 117 -24.18 -12.99 1.05
N ILE B 118 -23.95 -14.21 0.54
CA ILE B 118 -23.18 -15.24 1.24
C ILE B 118 -21.68 -14.87 1.24
N PHE B 119 -21.12 -14.46 0.08
CA PHE B 119 -19.72 -14.03 -0.03
C PHE B 119 -19.48 -12.78 0.84
N ALA B 120 -20.38 -11.77 0.77
CA ALA B 120 -20.28 -10.57 1.61
C ALA B 120 -20.23 -10.95 3.11
N SER B 121 -21.10 -11.88 3.55
CA SER B 121 -21.14 -12.35 4.95
C SER B 121 -19.82 -13.03 5.36
N ALA B 122 -19.24 -13.81 4.46
CA ALA B 122 -17.99 -14.54 4.72
C ALA B 122 -16.79 -13.62 4.92
N ILE B 123 -16.71 -12.52 4.14
CA ILE B 123 -15.57 -11.59 4.18
C ILE B 123 -15.81 -10.36 5.05
N HIS B 124 -17.04 -10.13 5.54
CA HIS B 124 -17.46 -8.88 6.16
C HIS B 124 -16.59 -8.37 7.33
N ASP B 125 -15.86 -9.25 8.03
CA ASP B 125 -14.97 -8.84 9.14
C ASP B 125 -13.55 -9.37 8.95
N VAL B 126 -13.17 -9.79 7.73
CA VAL B 126 -11.84 -10.39 7.55
C VAL B 126 -10.70 -9.42 7.96
N ASP B 127 -9.69 -9.95 8.68
CA ASP B 127 -8.53 -9.19 9.15
C ASP B 127 -8.91 -8.12 10.19
N HIS B 128 -9.97 -8.39 10.96
CA HIS B 128 -10.39 -7.49 12.04
C HIS B 128 -9.31 -7.53 13.16
N PRO B 129 -8.75 -6.38 13.58
CA PRO B 129 -7.71 -6.39 14.65
C PRO B 129 -8.26 -6.48 16.08
N GLY B 130 -9.58 -6.49 16.25
CA GLY B 130 -10.18 -6.57 17.59
C GLY B 130 -10.31 -5.24 18.27
N VAL B 131 -10.15 -4.14 17.50
CA VAL B 131 -10.29 -2.77 18.00
C VAL B 131 -11.26 -2.01 17.10
N SER B 132 -11.88 -0.95 17.64
CA SER B 132 -12.84 -0.14 16.93
C SER B 132 -12.15 0.79 15.91
N ASN B 133 -12.95 1.35 14.99
CA ASN B 133 -12.55 2.35 14.03
C ASN B 133 -11.97 3.55 14.74
N GLN B 134 -12.62 4.01 15.82
CA GLN B 134 -12.17 5.16 16.61
C GLN B 134 -10.77 4.97 17.21
N PHE B 135 -10.45 3.78 17.71
CA PHE B 135 -9.11 3.45 18.24
C PHE B 135 -8.06 3.61 17.11
N LEU B 136 -8.39 3.09 15.91
CA LEU B 136 -7.52 3.18 14.74
C LEU B 136 -7.33 4.64 14.28
N ILE B 137 -8.40 5.45 14.39
CA ILE B 137 -8.36 6.87 14.04
C ILE B 137 -7.48 7.64 15.02
N ASN B 138 -7.75 7.49 16.33
CA ASN B 138 -7.03 8.18 17.40
C ASN B 138 -5.53 7.91 17.43
N THR B 139 -5.09 6.70 17.01
CA THR B 139 -3.67 6.32 17.01
C THR B 139 -2.95 6.67 15.71
N ASN B 140 -3.66 7.26 14.74
CA ASN B 140 -3.13 7.59 13.41
C ASN B 140 -2.60 6.35 12.71
N SER B 141 -3.31 5.21 12.84
CA SER B 141 -2.92 3.97 12.20
C SER B 141 -2.90 4.18 10.67
N GLU B 142 -2.06 3.41 10.00
CA GLU B 142 -1.91 3.40 8.54
C GLU B 142 -3.28 3.10 7.86
N LEU B 143 -4.11 2.23 8.46
CA LEU B 143 -5.45 1.92 7.93
C LEU B 143 -6.34 3.16 7.91
N ALA B 144 -6.39 3.91 9.03
CA ALA B 144 -7.21 5.13 9.13
C ALA B 144 -6.70 6.19 8.16
N LEU B 145 -5.38 6.24 7.92
CA LEU B 145 -4.77 7.17 6.96
C LEU B 145 -5.14 6.81 5.52
N MET B 146 -5.09 5.52 5.18
CA MET B 146 -5.49 5.02 3.88
C MET B 146 -6.98 5.32 3.59
N TYR B 147 -7.85 5.07 4.59
CA TYR B 147 -9.29 5.21 4.40
C TYR B 147 -9.92 6.49 4.90
N ASN B 148 -9.10 7.51 5.19
CA ASN B 148 -9.59 8.83 5.58
C ASN B 148 -10.58 8.80 6.74
N ASP B 149 -10.31 7.96 7.76
CA ASP B 149 -11.14 7.80 8.98
C ASP B 149 -12.63 7.45 8.70
N SER B 150 -12.95 6.97 7.46
CA SER B 150 -14.34 6.67 7.06
C SER B 150 -14.52 5.20 6.80
N SER B 151 -15.35 4.53 7.63
CA SER B 151 -15.61 3.08 7.57
C SER B 151 -14.29 2.35 7.37
N VAL B 152 -13.31 2.69 8.21
CA VAL B 152 -11.94 2.18 8.10
C VAL B 152 -11.91 0.66 8.00
N LEU B 153 -12.46 -0.02 9.01
CA LEU B 153 -12.48 -1.48 9.05
C LEU B 153 -13.26 -2.09 7.92
N GLU B 154 -14.47 -1.56 7.67
CA GLU B 154 -15.37 -2.09 6.63
C GLU B 154 -14.75 -2.02 5.23
N ASN B 155 -14.05 -0.89 4.92
CA ASN B 155 -13.34 -0.72 3.67
C ASN B 155 -12.21 -1.73 3.56
N HIS B 156 -11.48 -1.96 4.67
CA HIS B 156 -10.39 -2.93 4.74
C HIS B 156 -10.87 -4.37 4.58
N HIS B 157 -11.99 -4.76 5.23
CA HIS B 157 -12.57 -6.12 5.12
C HIS B 157 -12.85 -6.44 3.68
N LEU B 158 -13.42 -5.48 2.94
CA LEU B 158 -13.72 -5.62 1.51
C LEU B 158 -12.47 -5.76 0.67
N ALA B 159 -11.48 -4.86 0.88
CA ALA B 159 -10.23 -4.87 0.11
C ALA B 159 -9.48 -6.19 0.28
N VAL B 160 -9.41 -6.73 1.50
CA VAL B 160 -8.78 -8.01 1.82
C VAL B 160 -9.55 -9.18 1.19
N GLY B 161 -10.89 -9.22 1.37
CA GLY B 161 -11.74 -10.27 0.79
C GLY B 161 -11.53 -10.43 -0.71
N PHE B 162 -11.48 -9.30 -1.44
CA PHE B 162 -11.23 -9.30 -2.87
C PHE B 162 -9.78 -9.58 -3.22
N LYS B 163 -8.82 -8.98 -2.46
CA LYS B 163 -7.37 -9.22 -2.71
C LYS B 163 -7.01 -10.69 -2.60
N LEU B 164 -7.62 -11.42 -1.66
CA LEU B 164 -7.32 -12.83 -1.45
C LEU B 164 -7.69 -13.73 -2.64
N LEU B 165 -8.56 -13.24 -3.58
CA LEU B 165 -8.91 -13.98 -4.81
C LEU B 165 -7.69 -14.10 -5.74
N GLN B 166 -6.67 -13.23 -5.55
CA GLN B 166 -5.45 -13.21 -6.37
C GLN B 166 -4.37 -14.17 -5.88
N GLU B 167 -4.57 -14.84 -4.73
CA GLU B 167 -3.58 -15.81 -4.24
C GLU B 167 -3.62 -17.09 -5.09
N GLU B 168 -2.62 -17.99 -4.95
CA GLU B 168 -2.55 -19.18 -5.80
C GLU B 168 -3.82 -20.03 -5.73
N ASN B 169 -4.47 -20.27 -6.89
CA ASN B 169 -5.71 -21.09 -7.00
C ASN B 169 -6.83 -20.63 -6.05
N CYS B 170 -7.04 -19.30 -5.96
CA CYS B 170 -8.07 -18.71 -5.09
C CYS B 170 -9.18 -18.00 -5.83
N ASP B 171 -9.09 -17.83 -7.16
CA ASP B 171 -10.13 -17.09 -7.88
C ASP B 171 -11.38 -17.92 -8.12
N ILE B 172 -12.30 -17.89 -7.15
CA ILE B 172 -13.56 -18.64 -7.21
C ILE B 172 -14.53 -18.05 -8.27
N PHE B 173 -14.28 -16.83 -8.74
CA PHE B 173 -15.10 -16.14 -9.74
C PHE B 173 -14.49 -16.17 -11.13
N GLN B 174 -13.47 -17.04 -11.35
CA GLN B 174 -12.78 -17.17 -12.62
C GLN B 174 -13.67 -17.51 -13.82
N ASN B 175 -14.83 -18.19 -13.59
CA ASN B 175 -15.72 -18.60 -14.67
C ASN B 175 -16.98 -17.77 -14.79
N LEU B 176 -17.05 -16.66 -14.05
CA LEU B 176 -18.15 -15.70 -14.16
C LEU B 176 -17.83 -14.80 -15.34
N THR B 177 -18.87 -14.30 -16.03
CA THR B 177 -18.69 -13.34 -17.13
C THR B 177 -18.34 -12.00 -16.51
N LYS B 178 -17.82 -11.07 -17.32
CA LYS B 178 -17.50 -9.71 -16.87
C LYS B 178 -18.73 -9.04 -16.26
N LYS B 179 -19.93 -9.22 -16.89
CA LYS B 179 -21.19 -8.64 -16.37
C LYS B 179 -21.54 -9.21 -14.99
N GLN B 180 -21.39 -10.53 -14.81
CA GLN B 180 -21.65 -11.18 -13.52
C GLN B 180 -20.70 -10.67 -12.42
N ARG B 181 -19.38 -10.58 -12.73
CA ARG B 181 -18.32 -10.08 -11.83
C ARG B 181 -18.55 -8.63 -11.39
N GLN B 182 -18.91 -7.76 -12.35
CA GLN B 182 -19.20 -6.35 -12.06
C GLN B 182 -20.43 -6.20 -11.14
N SER B 183 -21.47 -6.98 -11.40
CA SER B 183 -22.70 -6.91 -10.62
C SER B 183 -22.46 -7.48 -9.22
N LEU B 184 -21.79 -8.64 -9.13
CA LEU B 184 -21.45 -9.28 -7.86
C LEU B 184 -20.58 -8.34 -7.00
N ARG B 185 -19.53 -7.76 -7.62
CA ARG B 185 -18.65 -6.84 -6.92
C ARG B 185 -19.40 -5.65 -6.31
N LYS B 186 -20.29 -5.00 -7.07
CA LYS B 186 -21.06 -3.86 -6.59
C LYS B 186 -21.95 -4.23 -5.40
N MET B 187 -22.60 -5.39 -5.47
CA MET B 187 -23.49 -5.87 -4.42
C MET B 187 -22.73 -6.19 -3.13
N VAL B 188 -21.58 -6.87 -3.26
CA VAL B 188 -20.74 -7.22 -2.10
C VAL B 188 -20.26 -5.95 -1.37
N ILE B 189 -19.84 -4.92 -2.13
CA ILE B 189 -19.39 -3.64 -1.56
C ILE B 189 -20.53 -2.95 -0.81
N ASP B 190 -21.69 -2.83 -1.45
CA ASP B 190 -22.87 -2.17 -0.87
C ASP B 190 -23.29 -2.86 0.44
N ILE B 191 -23.18 -4.19 0.48
CA ILE B 191 -23.52 -4.98 1.66
C ILE B 191 -22.50 -4.77 2.80
N VAL B 192 -21.20 -5.00 2.55
CA VAL B 192 -20.19 -4.89 3.63
C VAL B 192 -20.10 -3.44 4.16
N LEU B 193 -20.19 -2.42 3.30
CA LEU B 193 -20.15 -1.04 3.79
C LEU B 193 -21.33 -0.70 4.69
N ALA B 194 -22.48 -1.39 4.48
CA ALA B 194 -23.69 -1.23 5.29
C ALA B 194 -23.55 -1.88 6.69
N THR B 195 -22.48 -2.69 6.93
CA THR B 195 -22.21 -3.33 8.23
C THR B 195 -21.57 -2.34 9.23
N ASP B 196 -21.18 -1.13 8.77
CA ASP B 196 -20.61 -0.12 9.66
C ASP B 196 -21.77 0.43 10.50
N MET B 197 -21.66 0.32 11.84
CA MET B 197 -22.68 0.78 12.79
C MET B 197 -23.03 2.27 12.66
N SER B 198 -22.13 3.10 12.13
CA SER B 198 -22.38 4.53 11.90
C SER B 198 -23.47 4.72 10.81
N LYS B 199 -23.78 3.66 10.05
CA LYS B 199 -24.79 3.65 8.98
C LYS B 199 -26.12 3.06 9.45
N HIS B 200 -26.16 2.45 10.66
CA HIS B 200 -27.35 1.78 11.21
C HIS B 200 -28.62 2.62 11.17
N MET B 201 -28.60 3.82 11.77
CA MET B 201 -29.76 4.72 11.86
C MET B 201 -30.34 5.07 10.50
N ASN B 202 -29.48 5.44 9.51
CA ASN B 202 -29.95 5.75 8.14
C ASN B 202 -30.45 4.51 7.40
N LEU B 203 -29.85 3.33 7.62
CA LEU B 203 -30.25 2.04 7.03
C LEU B 203 -31.61 1.65 7.58
N LEU B 204 -31.82 1.86 8.91
CA LEU B 204 -33.06 1.55 9.61
C LEU B 204 -34.17 2.47 9.13
N ALA B 205 -33.90 3.80 9.05
CA ALA B 205 -34.86 4.82 8.58
C ALA B 205 -35.36 4.47 7.19
N ASP B 206 -34.43 4.07 6.28
CA ASP B 206 -34.79 3.65 4.92
C ASP B 206 -35.58 2.31 4.93
N LEU B 207 -35.25 1.32 5.81
CA LEU B 207 -35.98 0.06 5.92
C LEU B 207 -37.42 0.35 6.42
N LYS B 208 -37.58 1.31 7.36
CA LYS B 208 -38.88 1.73 7.89
C LYS B 208 -39.73 2.34 6.76
N THR B 209 -39.13 3.20 5.92
CA THR B 209 -39.77 3.84 4.76
C THR B 209 -40.26 2.78 3.77
N MET B 210 -39.45 1.74 3.52
CA MET B 210 -39.82 0.64 2.65
C MET B 210 -40.98 -0.16 3.23
N VAL B 211 -41.01 -0.37 4.56
CA VAL B 211 -42.08 -1.12 5.25
C VAL B 211 -43.42 -0.35 5.12
N THR B 213 -44.40 1.69 2.57
CA THR B 213 -44.80 1.62 1.16
C THR B 213 -44.56 0.22 0.55
N LYS B 214 -44.60 -0.82 1.40
CA LYS B 214 -44.36 -2.24 1.04
C LYS B 214 -45.28 -2.75 -0.06
N VAL B 216 -46.04 -6.43 -2.21
CA VAL B 216 -46.05 -7.89 -2.35
C VAL B 216 -46.60 -8.34 -3.72
N THR B 217 -46.21 -9.55 -4.17
CA THR B 217 -46.64 -10.11 -5.45
C THR B 217 -48.01 -10.78 -5.29
N SER B 219 -48.16 -13.89 -5.30
CA SER B 219 -47.73 -15.00 -4.45
C SER B 219 -47.55 -14.62 -2.95
N GLY B 220 -47.72 -13.33 -2.63
CA GLY B 220 -47.56 -12.76 -1.30
C GLY B 220 -46.10 -12.50 -0.93
N VAL B 221 -45.19 -12.91 -1.83
CA VAL B 221 -43.75 -12.79 -1.73
C VAL B 221 -43.35 -11.36 -2.08
N LEU B 222 -42.26 -10.86 -1.48
CA LEU B 222 -41.82 -9.47 -1.68
C LEU B 222 -41.58 -9.11 -3.14
N LEU B 223 -41.91 -7.86 -3.50
CA LEU B 223 -41.74 -7.33 -4.84
C LEU B 223 -40.72 -6.21 -4.78
N LEU B 224 -39.55 -6.50 -5.37
CA LEU B 224 -38.41 -5.63 -5.45
C LEU B 224 -38.12 -5.52 -6.95
N ASP B 225 -38.55 -4.38 -7.54
CA ASP B 225 -38.51 -4.07 -8.96
C ASP B 225 -37.20 -3.47 -9.43
N ASN B 226 -36.60 -2.62 -8.62
CA ASN B 226 -35.36 -1.90 -8.92
C ASN B 226 -34.18 -2.37 -8.05
N TYR B 227 -32.93 -2.09 -8.47
CA TYR B 227 -31.71 -2.44 -7.73
C TYR B 227 -31.71 -1.82 -6.32
N SER B 228 -32.12 -0.54 -6.22
CA SER B 228 -32.18 0.20 -4.96
C SER B 228 -32.96 -0.53 -3.87
N ASP B 229 -34.10 -1.16 -4.24
CA ASP B 229 -34.92 -1.88 -3.26
C ASP B 229 -34.34 -3.23 -2.96
N ARG B 230 -33.82 -3.93 -3.98
CA ARG B 230 -33.20 -5.26 -3.86
C ARG B 230 -31.94 -5.21 -2.96
N ILE B 231 -31.05 -4.22 -3.18
CA ILE B 231 -29.84 -4.07 -2.40
C ILE B 231 -30.15 -3.66 -0.96
N GLN B 232 -31.15 -2.78 -0.74
CA GLN B 232 -31.59 -2.33 0.59
C GLN B 232 -31.96 -3.52 1.46
N VAL B 233 -32.73 -4.47 0.91
CA VAL B 233 -33.16 -5.69 1.59
C VAL B 233 -31.94 -6.55 1.92
N LEU B 234 -31.02 -6.76 0.94
CA LEU B 234 -29.80 -7.54 1.12
C LEU B 234 -28.86 -6.94 2.17
N GLN B 235 -28.74 -5.61 2.21
CA GLN B 235 -27.93 -4.87 3.17
C GLN B 235 -28.49 -5.05 4.56
N ASN B 236 -29.82 -4.87 4.72
CA ASN B 236 -30.51 -5.02 6.00
C ASN B 236 -30.50 -6.45 6.47
N MET B 237 -30.57 -7.41 5.54
CA MET B 237 -30.52 -8.84 5.86
C MET B 237 -29.18 -9.22 6.49
N VAL B 238 -28.05 -8.84 5.85
CA VAL B 238 -26.72 -9.19 6.37
C VAL B 238 -26.45 -8.40 7.66
N HIS B 239 -26.98 -7.17 7.78
CA HIS B 239 -26.90 -6.34 8.98
C HIS B 239 -27.65 -7.05 10.13
N CYS B 240 -28.85 -7.63 9.83
CA CYS B 240 -29.61 -8.44 10.79
C CYS B 240 -28.82 -9.67 11.21
N ALA B 241 -28.21 -10.39 10.24
CA ALA B 241 -27.40 -11.59 10.50
C ALA B 241 -26.14 -11.26 11.35
N ASP B 242 -25.57 -10.06 11.16
CA ASP B 242 -24.43 -9.56 11.92
C ASP B 242 -24.87 -9.24 13.37
N LEU B 243 -26.12 -8.72 13.54
CA LEU B 243 -26.71 -8.36 14.82
C LEU B 243 -27.72 -9.44 15.27
N SER B 244 -27.44 -10.71 14.93
CA SER B 244 -28.31 -11.85 15.24
C SER B 244 -27.99 -12.63 16.53
N ASN B 245 -26.86 -12.36 17.24
CA ASN B 245 -26.53 -13.08 18.49
C ASN B 245 -27.64 -13.01 19.55
N PRO B 246 -28.23 -11.82 19.88
CA PRO B 246 -29.29 -11.78 20.90
C PRO B 246 -30.59 -12.49 20.52
N THR B 247 -30.75 -12.90 19.23
CA THR B 247 -31.93 -13.59 18.72
C THR B 247 -31.72 -15.10 18.69
N LYS B 248 -30.56 -15.58 19.16
CA LYS B 248 -30.23 -17.00 19.17
C LYS B 248 -30.59 -17.65 20.52
N PRO B 249 -30.64 -19.02 20.62
CA PRO B 249 -30.86 -19.65 21.94
C PRO B 249 -29.83 -19.09 22.93
N LEU B 250 -30.29 -18.81 24.16
CA LEU B 250 -29.53 -18.20 25.25
C LEU B 250 -28.14 -18.80 25.47
N GLN B 251 -27.97 -20.12 25.37
CA GLN B 251 -26.67 -20.77 25.54
C GLN B 251 -25.63 -20.21 24.53
N LEU B 252 -26.07 -19.97 23.28
CA LEU B 252 -25.20 -19.43 22.25
C LEU B 252 -24.97 -17.94 22.48
N TYR B 253 -26.03 -17.17 22.73
CA TYR B 253 -25.97 -15.75 22.97
C TYR B 253 -24.97 -15.38 24.10
N ARG B 254 -25.02 -16.12 25.24
CA ARG B 254 -24.14 -15.94 26.38
C ARG B 254 -22.66 -16.12 26.01
N GLN B 255 -22.35 -17.08 25.13
CA GLN B 255 -20.98 -17.32 24.61
C GLN B 255 -20.52 -16.14 23.75
N TRP B 256 -21.43 -15.59 22.90
CA TRP B 256 -21.17 -14.41 22.08
C TRP B 256 -20.92 -13.18 22.94
N THR B 257 -21.73 -13.00 24.01
CA THR B 257 -21.56 -11.90 24.96
C THR B 257 -20.20 -11.99 25.68
N ASP B 258 -19.81 -13.17 26.17
CA ASP B 258 -18.52 -13.36 26.85
C ASP B 258 -17.36 -12.99 25.93
N ARG B 259 -17.47 -13.35 24.64
CA ARG B 259 -16.47 -13.08 23.63
C ARG B 259 -16.36 -11.59 23.29
N ILE B 260 -17.49 -10.90 23.05
CA ILE B 260 -17.46 -9.47 22.72
C ILE B 260 -16.95 -8.64 23.92
N MET B 261 -17.32 -9.04 25.17
CA MET B 261 -16.87 -8.35 26.39
C MET B 261 -15.38 -8.50 26.59
N GLU B 262 -14.85 -9.70 26.35
CA GLU B 262 -13.42 -10.01 26.43
C GLU B 262 -12.66 -9.12 25.40
N GLU B 263 -13.22 -8.99 24.17
CA GLU B 263 -12.64 -8.15 23.12
C GLU B 263 -12.68 -6.66 23.52
N PHE B 264 -13.84 -6.19 24.02
CA PHE B 264 -14.03 -4.79 24.48
C PHE B 264 -13.07 -4.45 25.63
N PHE B 265 -12.97 -5.36 26.64
CA PHE B 265 -12.09 -5.17 27.79
C PHE B 265 -10.62 -5.13 27.39
N ARG B 266 -10.21 -5.94 26.39
CA ARG B 266 -8.83 -5.91 25.90
C ARG B 266 -8.55 -4.54 25.26
N GLN B 267 -9.55 -3.95 24.55
CA GLN B 267 -9.39 -2.62 23.96
C GLN B 267 -9.25 -1.55 25.06
N GLY B 268 -10.08 -1.64 26.10
CA GLY B 268 -10.04 -0.73 27.25
C GLY B 268 -8.71 -0.78 27.99
N ASP B 269 -8.11 -1.97 28.09
CA ASP B 269 -6.79 -2.17 28.70
C ASP B 269 -5.73 -1.45 27.90
N ARG B 270 -5.86 -1.51 26.55
CA ARG B 270 -4.95 -0.85 25.62
C ARG B 270 -5.11 0.66 25.71
N GLU B 271 -6.36 1.15 25.75
CA GLU B 271 -6.64 2.57 25.89
C GLU B 271 -6.11 3.11 27.24
N ARG B 272 -6.29 2.35 28.32
CA ARG B 272 -5.85 2.75 29.66
C ARG B 272 -4.32 2.86 29.75
N GLU B 273 -3.56 1.86 29.27
CA GLU B 273 -2.10 1.89 29.31
C GLU B 273 -1.50 3.01 28.42
N ARG B 274 -2.27 3.50 27.44
CA ARG B 274 -1.88 4.56 26.50
C ARG B 274 -2.32 5.94 26.96
N GLY B 275 -3.09 6.01 28.06
CA GLY B 275 -3.59 7.28 28.57
C GLY B 275 -4.74 7.85 27.74
N MET B 276 -5.42 6.97 26.98
CA MET B 276 -6.56 7.36 26.14
C MET B 276 -7.82 7.23 26.97
N GLU B 277 -8.88 7.94 26.58
CA GLU B 277 -10.20 7.82 27.16
C GLU B 277 -10.67 6.39 26.85
N ILE B 278 -11.16 5.67 27.86
CA ILE B 278 -11.64 4.31 27.68
C ILE B 278 -13.03 4.36 27.00
N SER B 279 -13.16 3.62 25.88
CA SER B 279 -14.39 3.58 25.09
C SER B 279 -15.57 3.00 25.89
N PRO B 280 -16.84 3.34 25.52
CA PRO B 280 -18.00 2.75 26.22
C PRO B 280 -17.95 1.22 26.21
N MET B 281 -18.22 0.59 27.37
CA MET B 281 -18.25 -0.87 27.64
C MET B 281 -16.87 -1.53 27.68
N CYS B 282 -15.78 -0.74 27.58
CA CYS B 282 -14.42 -1.29 27.51
C CYS B 282 -13.66 -1.25 28.83
N ASP B 283 -14.25 -0.66 29.87
CA ASP B 283 -13.59 -0.60 31.19
C ASP B 283 -14.01 -1.78 32.06
N LYS B 284 -13.13 -2.79 32.20
CA LYS B 284 -13.37 -3.97 33.04
C LYS B 284 -13.59 -3.62 34.53
N HIS B 285 -13.13 -2.42 34.98
CA HIS B 285 -13.26 -1.94 36.37
C HIS B 285 -14.56 -1.18 36.61
N ASN B 286 -15.21 -0.71 35.54
CA ASN B 286 -16.47 0.04 35.62
C ASN B 286 -17.43 -0.46 34.54
N ALA B 287 -17.66 -1.79 34.54
CA ALA B 287 -18.48 -2.51 33.56
C ALA B 287 -19.91 -2.79 33.98
N SER B 288 -20.80 -2.84 32.98
CA SER B 288 -22.23 -3.12 33.12
C SER B 288 -22.60 -4.00 31.93
N VAL B 289 -21.97 -5.18 31.84
CA VAL B 289 -22.13 -6.22 30.82
C VAL B 289 -23.62 -6.49 30.50
N GLU B 290 -24.43 -6.68 31.57
CA GLU B 290 -25.85 -6.97 31.49
C GLU B 290 -26.67 -5.76 31.03
N LYS B 291 -26.42 -4.56 31.60
CA LYS B 291 -27.07 -3.29 31.21
C LYS B 291 -26.76 -2.97 29.72
N SER B 292 -25.51 -3.25 29.30
CA SER B 292 -25.06 -3.05 27.92
C SER B 292 -25.81 -3.94 26.95
N GLN B 293 -26.06 -5.21 27.33
CA GLN B 293 -26.81 -6.15 26.49
C GLN B 293 -28.23 -5.72 26.30
N VAL B 294 -28.86 -5.23 27.38
CA VAL B 294 -30.25 -4.77 27.37
C VAL B 294 -30.35 -3.47 26.58
N GLY B 295 -29.37 -2.57 26.74
CA GLY B 295 -29.31 -1.31 26.01
C GLY B 295 -29.09 -1.52 24.51
N PHE B 296 -28.27 -2.53 24.17
CA PHE B 296 -27.96 -2.93 22.80
C PHE B 296 -29.23 -3.49 22.18
N ILE B 297 -29.96 -4.38 22.91
CA ILE B 297 -31.23 -4.96 22.46
C ILE B 297 -32.29 -3.86 22.30
N ASP B 298 -32.48 -3.01 23.31
CA ASP B 298 -33.49 -1.94 23.28
C ASP B 298 -33.30 -0.88 22.20
N TYR B 299 -32.08 -0.33 22.09
CA TYR B 299 -31.83 0.78 21.17
C TYR B 299 -31.36 0.38 19.76
N ILE B 300 -30.81 -0.83 19.58
CA ILE B 300 -30.30 -1.23 18.27
C ILE B 300 -30.97 -2.48 17.70
N VAL B 301 -30.80 -3.64 18.37
CA VAL B 301 -31.22 -4.96 17.89
C VAL B 301 -32.75 -5.13 17.76
N HIS B 302 -33.51 -4.77 18.82
CA HIS B 302 -34.98 -4.87 18.78
C HIS B 302 -35.58 -3.93 17.73
N PRO B 303 -35.26 -2.60 17.68
CA PRO B 303 -35.80 -1.75 16.61
C PRO B 303 -35.52 -2.25 15.20
N LEU B 304 -34.32 -2.84 14.96
CA LEU B 304 -33.97 -3.41 13.66
C LEU B 304 -34.78 -4.66 13.35
N TRP B 305 -34.74 -5.67 14.24
CA TRP B 305 -35.45 -6.94 14.06
C TRP B 305 -36.99 -6.81 14.01
N GLU B 306 -37.55 -5.81 14.72
CA GLU B 306 -38.98 -5.49 14.73
C GLU B 306 -39.38 -4.98 13.32
N THR B 307 -38.53 -4.10 12.72
CA THR B 307 -38.72 -3.58 11.36
C THR B 307 -38.56 -4.69 10.33
N TRP B 308 -37.54 -5.58 10.48
CA TRP B 308 -37.34 -6.75 9.60
C TRP B 308 -38.57 -7.62 9.69
N ALA B 309 -39.08 -7.81 10.92
CA ALA B 309 -40.30 -8.60 11.23
C ALA B 309 -41.51 -8.10 10.43
N ASP B 310 -41.78 -6.78 10.44
CA ASP B 310 -42.86 -6.16 9.67
C ASP B 310 -42.65 -6.29 8.15
N LEU B 311 -41.37 -6.25 7.66
CA LEU B 311 -41.07 -6.43 6.24
C LEU B 311 -41.36 -7.86 5.76
N VAL B 312 -40.96 -8.87 6.53
CA VAL B 312 -41.17 -10.29 6.18
C VAL B 312 -42.36 -10.85 6.94
N HIS B 313 -43.23 -9.97 7.50
CA HIS B 313 -44.38 -10.36 8.30
C HIS B 313 -45.18 -11.56 7.74
N PRO B 314 -45.35 -12.66 8.52
CA PRO B 314 -45.02 -12.85 9.94
C PRO B 314 -43.89 -13.88 10.18
N ASP B 315 -43.00 -14.05 9.19
CA ASP B 315 -41.90 -15.05 9.21
C ASP B 315 -40.88 -14.90 10.34
N ALA B 316 -40.68 -13.67 10.84
CA ALA B 316 -39.69 -13.37 11.88
C ALA B 316 -40.28 -13.30 13.32
N GLN B 317 -41.41 -14.02 13.56
CA GLN B 317 -42.09 -14.02 14.87
C GLN B 317 -41.33 -14.78 15.96
N ASP B 318 -40.83 -16.00 15.69
CA ASP B 318 -40.08 -16.79 16.69
C ASP B 318 -38.72 -16.17 17.06
N ILE B 319 -38.06 -15.53 16.08
CA ILE B 319 -36.76 -14.88 16.29
C ILE B 319 -37.00 -13.68 17.21
N LEU B 320 -38.06 -12.90 16.93
CA LEU B 320 -38.44 -11.75 17.74
C LEU B 320 -38.81 -12.18 19.18
N ASP B 321 -39.49 -13.35 19.33
CA ASP B 321 -39.87 -13.91 20.64
C ASP B 321 -38.64 -14.31 21.44
N THR B 322 -37.63 -14.96 20.80
CA THR B 322 -36.38 -15.36 21.47
C THR B 322 -35.61 -14.11 21.91
N LEU B 323 -35.59 -13.07 21.06
CA LEU B 323 -34.93 -11.78 21.34
C LEU B 323 -35.50 -11.14 22.60
N GLU B 324 -36.85 -11.10 22.70
CA GLU B 324 -37.60 -10.55 23.84
C GLU B 324 -37.38 -11.40 25.11
N ASP B 325 -37.26 -12.74 24.98
CA ASP B 325 -36.98 -13.63 26.12
C ASP B 325 -35.55 -13.42 26.64
N ASN B 326 -34.57 -13.31 25.71
CA ASN B 326 -33.17 -13.09 26.04
C ASN B 326 -32.96 -11.73 26.69
N ARG B 327 -33.73 -10.72 26.22
CA ARG B 327 -33.72 -9.37 26.75
C ARG B 327 -34.12 -9.41 28.23
N GLU B 328 -35.20 -10.16 28.55
CA GLU B 328 -35.72 -10.31 29.92
C GLU B 328 -34.76 -11.07 30.79
N TRP B 329 -34.09 -12.13 30.27
CA TRP B 329 -33.09 -12.89 31.01
C TRP B 329 -31.90 -12.02 31.46
N TYR B 330 -31.31 -11.19 30.54
CA TYR B 330 -30.18 -10.31 30.88
C TYR B 330 -30.59 -9.25 31.87
N GLN B 331 -31.81 -8.71 31.69
CA GLN B 331 -32.43 -7.69 32.53
C GLN B 331 -32.53 -8.13 34.02
N SER B 332 -32.79 -9.43 34.24
CA SER B 332 -32.91 -10.01 35.59
C SER B 332 -31.54 -10.37 36.21
N THR B 333 -30.46 -10.22 35.41
CA THR B 333 -29.08 -10.47 35.81
C THR B 333 -28.36 -9.11 36.11
N ILE B 334 -29.06 -7.95 35.85
CA ILE B 334 -28.52 -6.60 36.06
C ILE B 334 -28.45 -6.27 37.56
N PRO B 335 -27.25 -6.02 38.14
CA PRO B 335 -27.19 -5.68 39.57
C PRO B 335 -27.98 -4.43 39.92
N GLN B 336 -28.39 -4.30 41.21
CA GLN B 336 -29.16 -3.17 41.77
C GLN B 336 -30.51 -2.97 41.06
N THR C 10 -3.74 3.86 -46.63
CA THR C 10 -3.44 5.00 -45.75
C THR C 10 -1.94 5.29 -45.66
N GLU C 11 -1.58 6.60 -45.72
CA GLU C 11 -0.20 7.10 -45.69
C GLU C 11 0.50 6.82 -44.35
N GLN C 12 -0.12 7.28 -43.22
CA GLN C 12 0.40 7.12 -41.86
C GLN C 12 0.62 5.65 -41.49
N GLU C 13 -0.31 4.75 -41.90
CA GLU C 13 -0.23 3.30 -41.66
C GLU C 13 0.91 2.70 -42.48
N ASP C 14 1.04 3.14 -43.75
CA ASP C 14 2.10 2.69 -44.66
C ASP C 14 3.48 3.08 -44.14
N VAL C 15 3.63 4.33 -43.62
CA VAL C 15 4.92 4.82 -43.13
C VAL C 15 5.33 4.07 -41.85
N LEU C 16 4.37 3.90 -40.91
CA LEU C 16 4.58 3.17 -39.66
C LEU C 16 5.01 1.71 -39.91
N ALA C 17 4.24 0.97 -40.75
CA ALA C 17 4.52 -0.44 -41.09
C ALA C 17 5.89 -0.58 -41.71
N LYS C 18 6.27 0.39 -42.57
CA LYS C 18 7.58 0.44 -43.22
C LYS C 18 8.66 0.67 -42.17
N GLU C 19 8.42 1.58 -41.19
CA GLU C 19 9.38 1.84 -40.10
C GLU C 19 9.58 0.57 -39.24
N LEU C 20 8.47 -0.14 -38.98
CA LEU C 20 8.44 -1.38 -38.21
C LEU C 20 9.14 -2.56 -38.88
N GLU C 21 9.39 -2.48 -40.20
CA GLU C 21 10.12 -3.53 -40.94
C GLU C 21 11.55 -3.68 -40.42
N ASP C 22 12.08 -2.63 -39.74
CA ASP C 22 13.43 -2.59 -39.18
C ASP C 22 13.52 -3.09 -37.74
N VAL C 23 12.47 -3.76 -37.23
CA VAL C 23 12.34 -4.27 -35.87
C VAL C 23 13.51 -5.22 -35.48
N ASN C 24 14.17 -5.87 -36.46
CA ASN C 24 15.30 -6.79 -36.24
C ASN C 24 16.66 -6.08 -36.40
N LYS C 25 16.63 -4.78 -36.62
CA LYS C 25 17.87 -4.03 -36.85
C LYS C 25 18.21 -3.06 -35.73
N TRP C 26 19.51 -3.01 -35.38
CA TRP C 26 20.09 -2.07 -34.43
C TRP C 26 20.02 -0.70 -35.10
N GLY C 27 19.36 0.25 -34.46
CA GLY C 27 19.23 1.56 -35.06
C GLY C 27 17.85 1.84 -35.62
N LEU C 28 16.82 1.12 -35.13
CA LEU C 28 15.42 1.34 -35.48
C LEU C 28 15.06 2.82 -35.17
N HIS C 29 14.22 3.45 -36.02
CA HIS C 29 13.79 4.83 -35.85
C HIS C 29 12.64 4.87 -34.84
N VAL C 30 13.01 4.63 -33.56
CA VAL C 30 12.08 4.52 -32.43
C VAL C 30 11.29 5.83 -32.19
N PHE C 31 11.92 7.00 -32.39
CA PHE C 31 11.24 8.29 -32.20
C PHE C 31 10.21 8.54 -33.28
N ARG C 32 10.50 8.11 -34.53
CA ARG C 32 9.56 8.22 -35.64
C ARG C 32 8.36 7.29 -35.38
N ILE C 33 8.63 6.05 -34.87
CA ILE C 33 7.59 5.08 -34.49
C ILE C 33 6.70 5.65 -33.37
N ALA C 34 7.31 6.34 -32.38
CA ALA C 34 6.56 6.96 -31.29
C ALA C 34 5.58 8.00 -31.82
N GLU C 35 6.02 8.85 -32.81
CA GLU C 35 5.18 9.89 -33.42
C GLU C 35 4.08 9.25 -34.27
N LEU C 36 4.48 8.33 -35.18
CA LEU C 36 3.57 7.66 -36.10
C LEU C 36 2.47 6.82 -35.45
N SER C 37 2.76 6.16 -34.28
CA SER C 37 1.80 5.31 -33.54
C SER C 37 0.89 6.09 -32.58
N GLY C 38 1.05 7.43 -32.55
CA GLY C 38 0.27 8.27 -31.65
C GLY C 38 0.69 8.04 -30.20
N ASN C 39 2.02 8.03 -29.97
CA ASN C 39 2.65 7.80 -28.66
C ASN C 39 2.35 6.39 -28.11
N ARG C 40 2.43 5.39 -28.99
CA ARG C 40 2.27 3.98 -28.63
C ARG C 40 3.48 3.16 -29.08
N PRO C 41 4.75 3.65 -28.94
CA PRO C 41 5.87 2.82 -29.39
C PRO C 41 6.01 1.49 -28.65
N LEU C 42 5.74 1.46 -27.32
CA LEU C 42 5.87 0.23 -26.54
C LEU C 42 4.85 -0.81 -26.98
N THR C 43 3.58 -0.41 -27.14
CA THR C 43 2.53 -1.32 -27.59
C THR C 43 2.84 -1.89 -29.00
N VAL C 44 3.14 -1.00 -29.98
CA VAL C 44 3.36 -1.43 -31.37
C VAL C 44 4.65 -2.26 -31.53
N ILE C 45 5.76 -1.87 -30.85
CA ILE C 45 7.02 -2.62 -30.93
C ILE C 45 6.90 -3.98 -30.22
N MET C 46 6.30 -4.02 -28.99
CA MET C 46 6.10 -5.29 -28.29
C MET C 46 5.20 -6.23 -29.09
N HIS C 47 4.04 -5.74 -29.56
CA HIS C 47 3.13 -6.57 -30.35
C HIS C 47 3.86 -7.13 -31.60
N THR C 48 4.67 -6.32 -32.33
CA THR C 48 5.46 -6.74 -33.51
C THR C 48 6.44 -7.85 -33.15
N ILE C 49 7.19 -7.67 -32.04
CA ILE C 49 8.15 -8.64 -31.54
C ILE C 49 7.48 -9.94 -31.11
N PHE C 50 6.33 -9.85 -30.43
CA PHE C 50 5.59 -11.05 -30.00
C PHE C 50 5.12 -11.88 -31.21
N GLN C 51 4.67 -11.18 -32.31
CA GLN C 51 4.24 -11.83 -33.55
C GLN C 51 5.46 -12.46 -34.26
N GLU C 52 6.57 -11.72 -34.35
CA GLU C 52 7.83 -12.11 -34.97
C GLU C 52 8.42 -13.37 -34.32
N ARG C 53 8.35 -13.46 -32.99
CA ARG C 53 8.88 -14.60 -32.25
C ARG C 53 7.85 -15.70 -31.98
N ASP C 54 6.62 -15.52 -32.49
CA ASP C 54 5.50 -16.45 -32.37
C ASP C 54 5.12 -16.73 -30.90
N LEU C 55 5.28 -15.71 -30.03
CA LEU C 55 5.02 -15.82 -28.59
C LEU C 55 3.54 -15.96 -28.24
N LEU C 56 2.64 -15.38 -29.03
CA LEU C 56 1.19 -15.49 -28.79
C LEU C 56 0.72 -16.93 -28.95
N LYS C 57 1.19 -17.61 -30.04
CA LYS C 57 0.89 -19.00 -30.36
C LYS C 57 1.53 -19.93 -29.30
N THR C 58 2.85 -19.79 -29.05
CA THR C 58 3.61 -20.60 -28.09
C THR C 58 3.02 -20.56 -26.68
N PHE C 59 2.67 -19.36 -26.18
CA PHE C 59 2.17 -19.23 -24.81
C PHE C 59 0.69 -19.02 -24.72
N LYS C 60 -0.05 -19.24 -25.84
CA LYS C 60 -1.51 -19.12 -25.94
C LYS C 60 -2.02 -17.79 -25.33
N ILE C 61 -1.39 -16.68 -25.76
CA ILE C 61 -1.72 -15.33 -25.29
C ILE C 61 -2.85 -14.77 -26.15
N PRO C 62 -4.10 -14.55 -25.62
CA PRO C 62 -5.16 -13.95 -26.44
C PRO C 62 -4.68 -12.58 -26.90
N VAL C 63 -4.90 -12.24 -28.19
CA VAL C 63 -4.37 -10.99 -28.76
C VAL C 63 -4.93 -9.73 -28.06
N ASP C 64 -6.23 -9.74 -27.69
CA ASP C 64 -6.92 -8.65 -27.00
C ASP C 64 -6.31 -8.45 -25.61
N THR C 65 -5.93 -9.57 -24.94
CA THR C 65 -5.30 -9.56 -23.64
C THR C 65 -3.92 -8.93 -23.76
N LEU C 66 -3.14 -9.30 -24.79
CA LEU C 66 -1.82 -8.73 -25.02
C LEU C 66 -1.90 -7.21 -25.26
N ILE C 67 -2.77 -6.77 -26.16
CA ILE C 67 -2.93 -5.35 -26.50
C ILE C 67 -3.38 -4.54 -25.28
N THR C 68 -4.35 -5.06 -24.48
CA THR C 68 -4.85 -4.37 -23.27
C THR C 68 -3.71 -4.21 -22.28
N TYR C 69 -2.94 -5.28 -22.02
CA TYR C 69 -1.83 -5.23 -21.09
C TYR C 69 -0.78 -4.23 -21.55
N LEU C 70 -0.37 -4.29 -22.83
CA LEU C 70 0.65 -3.40 -23.38
C LEU C 70 0.26 -1.93 -23.26
N MET C 71 -1.01 -1.61 -23.55
CA MET C 71 -1.53 -0.25 -23.46
C MET C 71 -1.54 0.21 -22.01
N THR C 72 -1.92 -0.68 -21.08
CA THR C 72 -1.95 -0.45 -19.63
C THR C 72 -0.52 -0.20 -19.14
N LEU C 73 0.42 -1.08 -19.52
CA LEU C 73 1.82 -0.96 -19.15
C LEU C 73 2.39 0.39 -19.65
N GLU C 74 2.15 0.70 -20.93
CA GLU C 74 2.61 1.94 -21.56
C GLU C 74 2.03 3.19 -20.86
N ASP C 75 0.75 3.12 -20.46
CA ASP C 75 0.05 4.18 -19.74
C ASP C 75 0.67 4.43 -18.36
N HIS C 76 1.42 3.44 -17.79
CA HIS C 76 2.03 3.63 -16.48
C HIS C 76 3.48 4.14 -16.55
N TYR C 77 3.96 4.44 -17.77
CA TYR C 77 5.22 5.15 -18.00
C TYR C 77 4.76 6.63 -18.06
N HIS C 78 5.54 7.53 -17.47
CA HIS C 78 5.13 8.94 -17.37
C HIS C 78 5.46 9.73 -18.62
N ALA C 79 4.44 10.36 -19.22
CA ALA C 79 4.58 11.20 -20.43
C ALA C 79 5.40 12.46 -20.17
N ASP C 80 5.36 12.98 -18.94
CA ASP C 80 6.10 14.19 -18.53
C ASP C 80 7.60 13.93 -18.17
N VAL C 81 8.04 12.66 -18.19
CA VAL C 81 9.43 12.29 -17.85
C VAL C 81 10.19 12.22 -19.19
N ALA C 82 11.25 13.05 -19.36
CA ALA C 82 11.96 13.19 -20.64
C ALA C 82 12.67 11.95 -21.13
N TYR C 83 13.26 11.15 -20.24
CA TYR C 83 14.00 9.97 -20.65
C TYR C 83 13.34 8.65 -20.26
N HIS C 84 13.07 8.44 -18.94
CA HIS C 84 12.52 7.19 -18.42
C HIS C 84 11.01 7.07 -18.66
N ASN C 85 10.65 7.02 -19.94
CA ASN C 85 9.28 6.94 -20.40
C ASN C 85 9.08 5.73 -21.31
N ASN C 86 7.93 5.62 -21.97
CA ASN C 86 7.55 4.53 -22.86
C ASN C 86 8.45 4.38 -24.10
N ILE C 87 9.09 5.48 -24.57
CA ILE C 87 9.99 5.43 -25.72
C ILE C 87 11.26 4.68 -25.31
N HIS C 88 11.79 4.99 -24.10
CA HIS C 88 12.95 4.28 -23.55
C HIS C 88 12.66 2.79 -23.36
N ALA C 89 11.46 2.45 -22.81
CA ALA C 89 11.03 1.06 -22.62
C ALA C 89 10.97 0.31 -23.97
N ALA C 90 10.34 0.93 -25.00
CA ALA C 90 10.21 0.36 -26.36
C ALA C 90 11.61 0.09 -26.96
N ASP C 91 12.54 1.03 -26.74
CA ASP C 91 13.92 0.97 -27.19
C ASP C 91 14.69 -0.16 -26.50
N VAL C 92 14.52 -0.34 -25.19
CA VAL C 92 15.21 -1.42 -24.46
C VAL C 92 14.66 -2.78 -24.90
N VAL C 93 13.33 -2.87 -25.11
CA VAL C 93 12.67 -4.08 -25.61
C VAL C 93 13.28 -4.46 -27.00
N GLN C 94 13.27 -3.51 -27.93
CA GLN C 94 13.77 -3.75 -29.27
C GLN C 94 15.27 -4.09 -29.29
N SER C 95 16.07 -3.43 -28.44
CA SER C 95 17.51 -3.72 -28.34
C SER C 95 17.77 -5.11 -27.79
N THR C 96 16.96 -5.55 -26.79
CA THR C 96 17.04 -6.91 -26.22
C THR C 96 16.67 -7.94 -27.31
N HIS C 97 15.63 -7.64 -28.10
CA HIS C 97 15.16 -8.47 -29.19
C HIS C 97 16.29 -8.74 -30.22
N VAL C 98 17.06 -7.68 -30.56
CA VAL C 98 18.19 -7.77 -31.50
C VAL C 98 19.32 -8.59 -30.85
N LEU C 99 19.67 -8.27 -29.57
CA LEU C 99 20.71 -9.00 -28.84
C LEU C 99 20.41 -10.50 -28.64
N LEU C 100 19.13 -10.87 -28.51
CA LEU C 100 18.70 -12.26 -28.37
C LEU C 100 18.96 -13.05 -29.67
N SER C 101 18.95 -12.36 -30.83
CA SER C 101 19.14 -12.94 -32.17
C SER C 101 20.61 -13.01 -32.60
N THR C 102 21.55 -12.70 -31.70
CA THR C 102 22.98 -12.73 -32.03
C THR C 102 23.44 -14.18 -32.37
N PRO C 103 24.20 -14.39 -33.49
CA PRO C 103 24.61 -15.76 -33.88
C PRO C 103 25.23 -16.62 -32.77
N ALA C 104 26.08 -16.02 -31.92
CA ALA C 104 26.74 -16.72 -30.83
C ALA C 104 25.79 -17.29 -29.77
N LEU C 105 24.50 -16.86 -29.79
CA LEU C 105 23.48 -17.30 -28.84
C LEU C 105 22.36 -18.10 -29.51
N GLU C 106 22.53 -18.49 -30.79
CA GLU C 106 21.55 -19.27 -31.56
C GLU C 106 21.19 -20.59 -30.86
N ALA C 107 19.89 -20.82 -30.64
CA ALA C 107 19.28 -21.98 -29.98
C ALA C 107 19.76 -22.22 -28.52
N VAL C 108 20.35 -21.18 -27.89
CA VAL C 108 20.81 -21.26 -26.50
C VAL C 108 19.62 -21.16 -25.53
N PHE C 109 18.76 -20.13 -25.72
CA PHE C 109 17.65 -19.86 -24.80
C PHE C 109 16.33 -20.46 -25.22
N THR C 110 15.53 -20.89 -24.24
CA THR C 110 14.18 -21.45 -24.46
C THR C 110 13.21 -20.31 -24.76
N ASP C 111 12.00 -20.63 -25.24
CA ASP C 111 10.96 -19.62 -25.52
C ASP C 111 10.57 -18.86 -24.25
N LEU C 112 10.59 -19.54 -23.08
CA LEU C 112 10.25 -18.95 -21.78
C LEU C 112 11.31 -17.96 -21.32
N GLU C 113 12.60 -18.27 -21.56
CA GLU C 113 13.71 -17.37 -21.22
C GLU C 113 13.69 -16.14 -22.11
N ILE C 114 13.30 -16.32 -23.39
CA ILE C 114 13.15 -15.26 -24.38
C ILE C 114 12.00 -14.33 -23.94
N LEU C 115 10.86 -14.91 -23.56
CA LEU C 115 9.68 -14.20 -23.07
C LEU C 115 10.06 -13.39 -21.80
N ALA C 116 10.82 -14.01 -20.86
CA ALA C 116 11.31 -13.36 -19.64
C ALA C 116 12.17 -12.14 -19.94
N ALA C 117 13.15 -12.24 -20.86
CA ALA C 117 14.03 -11.11 -21.20
C ALA C 117 13.26 -9.96 -21.85
N ILE C 118 12.29 -10.28 -22.73
CA ILE C 118 11.47 -9.28 -23.42
C ILE C 118 10.49 -8.61 -22.44
N PHE C 119 9.77 -9.40 -21.62
CA PHE C 119 8.84 -8.89 -20.62
C PHE C 119 9.61 -8.04 -19.58
N ALA C 120 10.76 -8.54 -19.06
CA ALA C 120 11.59 -7.77 -18.13
C ALA C 120 11.98 -6.40 -18.72
N SER C 121 12.42 -6.38 -20.01
CA SER C 121 12.79 -5.15 -20.72
C SER C 121 11.62 -4.17 -20.81
N ALA C 122 10.41 -4.67 -21.06
CA ALA C 122 9.21 -3.86 -21.21
C ALA C 122 8.79 -3.16 -19.92
N ILE C 123 8.92 -3.85 -18.76
CA ILE C 123 8.50 -3.31 -17.46
C ILE C 123 9.62 -2.68 -16.66
N HIS C 124 10.89 -2.83 -17.09
CA HIS C 124 12.08 -2.49 -16.29
C HIS C 124 12.11 -1.07 -15.68
N ASP C 125 11.42 -0.07 -16.27
CA ASP C 125 11.38 1.29 -15.73
C ASP C 125 9.95 1.80 -15.55
N VAL C 126 8.95 0.90 -15.50
CA VAL C 126 7.55 1.34 -15.42
C VAL C 126 7.30 2.21 -14.16
N ASP C 127 6.55 3.32 -14.34
CA ASP C 127 6.19 4.24 -13.27
C ASP C 127 7.42 4.97 -12.68
N HIS C 128 8.43 5.17 -13.53
CA HIS C 128 9.63 5.92 -13.13
C HIS C 128 9.23 7.41 -12.91
N PRO C 129 9.53 8.01 -11.73
CA PRO C 129 9.17 9.42 -11.50
C PRO C 129 10.15 10.45 -12.10
N GLY C 130 11.23 9.99 -12.72
CA GLY C 130 12.20 10.91 -13.32
C GLY C 130 13.25 11.40 -12.34
N VAL C 131 13.32 10.76 -11.15
CA VAL C 131 14.30 11.09 -10.11
C VAL C 131 15.04 9.83 -9.68
N SER C 132 16.24 10.00 -9.13
CA SER C 132 17.07 8.90 -8.69
C SER C 132 16.55 8.29 -7.38
N ASN C 133 17.05 7.08 -7.06
CA ASN C 133 16.80 6.38 -5.82
C ASN C 133 17.22 7.25 -4.64
N GLN C 134 18.39 7.91 -4.73
CA GLN C 134 18.92 8.78 -3.68
C GLN C 134 18.00 9.96 -3.35
N PHE C 135 17.38 10.58 -4.36
CA PHE C 135 16.43 11.69 -4.17
C PHE C 135 15.22 11.15 -3.37
N LEU C 136 14.73 9.95 -3.73
CA LEU C 136 13.60 9.31 -3.06
C LEU C 136 13.94 8.95 -1.61
N ILE C 137 15.18 8.52 -1.37
CA ILE C 137 15.68 8.17 -0.03
C ILE C 137 15.77 9.44 0.83
N ASN C 138 16.46 10.48 0.33
CA ASN C 138 16.68 11.75 1.03
C ASN C 138 15.40 12.51 1.41
N THR C 139 14.32 12.37 0.62
CA THR C 139 13.03 13.04 0.88
C THR C 139 12.10 12.21 1.76
N ASN C 140 12.53 10.99 2.17
CA ASN C 140 11.72 10.06 2.98
C ASN C 140 10.42 9.70 2.24
N SER C 141 10.51 9.50 0.93
CA SER C 141 9.34 9.13 0.13
C SER C 141 8.76 7.79 0.62
N GLU C 142 7.46 7.61 0.40
CA GLU C 142 6.76 6.38 0.78
C GLU C 142 7.40 5.16 0.09
N LEU C 143 7.87 5.32 -1.17
CA LEU C 143 8.54 4.25 -1.92
C LEU C 143 9.80 3.80 -1.22
N ALA C 144 10.67 4.76 -0.81
CA ALA C 144 11.93 4.43 -0.11
C ALA C 144 11.63 3.77 1.24
N LEU C 145 10.54 4.17 1.92
CA LEU C 145 10.13 3.57 3.19
C LEU C 145 9.63 2.13 3.00
N MET C 146 8.83 1.88 1.95
CA MET C 146 8.35 0.55 1.60
C MET C 146 9.52 -0.40 1.28
N TYR C 147 10.49 0.08 0.48
CA TYR C 147 11.61 -0.76 0.02
C TYR C 147 12.89 -0.63 0.77
N ASN C 148 12.86 -0.05 1.97
CA ASN C 148 14.04 0.05 2.85
C ASN C 148 15.27 0.61 2.15
N ASP C 149 15.08 1.69 1.35
CA ASP C 149 16.17 2.39 0.64
C ASP C 149 17.03 1.49 -0.29
N SER C 150 16.55 0.25 -0.60
CA SER C 150 17.32 -0.74 -1.39
C SER C 150 16.67 -1.01 -2.73
N SER C 151 17.36 -0.66 -3.85
CA SER C 151 16.88 -0.76 -5.24
C SER C 151 15.42 -0.32 -5.26
N VAL C 152 15.16 0.88 -4.69
CA VAL C 152 13.79 1.42 -4.52
C VAL C 152 13.01 1.38 -5.83
N LEU C 153 13.52 2.07 -6.87
CA LEU C 153 12.86 2.14 -8.17
C LEU C 153 12.73 0.77 -8.82
N GLU C 154 13.83 -0.01 -8.85
CA GLU C 154 13.84 -1.33 -9.50
C GLU C 154 12.84 -2.31 -8.88
N ASN C 155 12.70 -2.29 -7.52
CA ASN C 155 11.70 -3.08 -6.83
C ASN C 155 10.28 -2.64 -7.20
N HIS C 156 10.08 -1.31 -7.30
CA HIS C 156 8.80 -0.73 -7.68
C HIS C 156 8.42 -1.06 -9.15
N HIS C 157 9.37 -0.94 -10.11
CA HIS C 157 9.14 -1.27 -11.52
C HIS C 157 8.60 -2.68 -11.65
N LEU C 158 9.21 -3.63 -10.92
CA LEU C 158 8.78 -5.02 -10.89
C LEU C 158 7.38 -5.20 -10.30
N ALA C 159 7.13 -4.59 -9.11
CA ALA C 159 5.83 -4.73 -8.45
C ALA C 159 4.69 -4.18 -9.33
N VAL C 160 4.91 -3.05 -10.03
CA VAL C 160 3.94 -2.43 -10.93
C VAL C 160 3.72 -3.31 -12.18
N GLY C 161 4.81 -3.76 -12.81
CA GLY C 161 4.73 -4.62 -13.99
C GLY C 161 3.89 -5.86 -13.78
N PHE C 162 4.08 -6.51 -12.61
CA PHE C 162 3.30 -7.69 -12.22
C PHE C 162 1.90 -7.32 -11.78
N LYS C 163 1.73 -6.24 -10.99
CA LYS C 163 0.40 -5.79 -10.54
C LYS C 163 -0.54 -5.47 -11.69
N LEU C 164 -0.02 -4.88 -12.78
CA LEU C 164 -0.83 -4.52 -13.94
C LEU C 164 -1.45 -5.73 -14.66
N LEU C 165 -0.93 -6.97 -14.42
CA LEU C 165 -1.51 -8.20 -14.98
C LEU C 165 -2.90 -8.48 -14.38
N GLN C 166 -3.22 -7.86 -13.23
CA GLN C 166 -4.50 -8.04 -12.51
C GLN C 166 -5.59 -7.09 -12.98
N GLU C 167 -5.27 -6.14 -13.89
CA GLU C 167 -6.30 -5.23 -14.40
C GLU C 167 -7.22 -5.98 -15.36
N GLU C 168 -8.36 -5.41 -15.73
CA GLU C 168 -9.34 -6.10 -16.59
C GLU C 168 -8.72 -6.56 -17.93
N ASN C 169 -8.78 -7.89 -18.18
CA ASN C 169 -8.26 -8.50 -19.41
C ASN C 169 -6.78 -8.19 -19.67
N CYS C 170 -5.96 -8.25 -18.63
CA CYS C 170 -4.52 -7.95 -18.73
C CYS C 170 -3.62 -9.14 -18.44
N ASP C 171 -4.17 -10.29 -17.99
CA ASP C 171 -3.28 -11.41 -17.65
C ASP C 171 -2.80 -12.16 -18.88
N ILE C 172 -1.68 -11.70 -19.44
CA ILE C 172 -1.06 -12.31 -20.62
C ILE C 172 -0.46 -13.70 -20.33
N PHE C 173 -0.27 -14.05 -19.06
CA PHE C 173 0.28 -15.33 -18.62
C PHE C 173 -0.78 -16.30 -18.13
N GLN C 174 -2.06 -16.01 -18.41
CA GLN C 174 -3.19 -16.84 -17.98
C GLN C 174 -3.13 -18.31 -18.45
N ASN C 175 -2.47 -18.60 -19.57
CA ASN C 175 -2.41 -19.96 -20.10
C ASN C 175 -1.07 -20.66 -19.89
N LEU C 176 -0.19 -20.05 -19.08
CA LEU C 176 1.08 -20.64 -18.68
C LEU C 176 0.77 -21.56 -17.49
N THR C 177 1.53 -22.66 -17.36
CA THR C 177 1.38 -23.58 -16.22
C THR C 177 2.00 -22.89 -15.00
N LYS C 178 1.68 -23.37 -13.78
CA LYS C 178 2.25 -22.87 -12.53
C LYS C 178 3.77 -22.91 -12.57
N LYS C 179 4.37 -24.01 -13.13
CA LYS C 179 5.82 -24.15 -13.25
C LYS C 179 6.40 -23.08 -14.19
N GLN C 180 5.75 -22.82 -15.33
CA GLN C 180 6.18 -21.78 -16.29
C GLN C 180 6.13 -20.38 -15.64
N ARG C 181 5.04 -20.07 -14.93
CA ARG C 181 4.82 -18.79 -14.21
C ARG C 181 5.87 -18.55 -13.12
N GLN C 182 6.20 -19.59 -12.32
CA GLN C 182 7.23 -19.50 -11.26
C GLN C 182 8.60 -19.27 -11.86
N SER C 183 8.92 -19.96 -12.96
CA SER C 183 10.23 -19.82 -13.58
C SER C 183 10.36 -18.45 -14.25
N LEU C 184 9.31 -18.03 -14.98
CA LEU C 184 9.26 -16.71 -15.65
C LEU C 184 9.40 -15.60 -14.62
N ARG C 185 8.63 -15.68 -13.53
CA ARG C 185 8.66 -14.68 -12.45
C ARG C 185 10.05 -14.52 -11.85
N LYS C 186 10.73 -15.64 -11.51
CA LYS C 186 12.09 -15.59 -10.95
C LYS C 186 13.09 -14.92 -11.90
N MET C 187 13.03 -15.27 -13.20
CA MET C 187 13.91 -14.71 -14.22
C MET C 187 13.68 -13.21 -14.41
N VAL C 188 12.42 -12.78 -14.48
CA VAL C 188 12.06 -11.36 -14.65
C VAL C 188 12.60 -10.53 -13.47
N ILE C 189 12.44 -11.04 -12.24
CA ILE C 189 12.95 -10.36 -11.02
C ILE C 189 14.48 -10.22 -11.04
N ASP C 190 15.17 -11.34 -11.33
CA ASP C 190 16.65 -11.35 -11.41
C ASP C 190 17.17 -10.36 -12.45
N ILE C 191 16.45 -10.22 -13.56
CA ILE C 191 16.82 -9.30 -14.65
C ILE C 191 16.59 -7.85 -14.26
N VAL C 192 15.37 -7.48 -13.82
CA VAL C 192 15.08 -6.08 -13.49
C VAL C 192 15.90 -5.59 -12.30
N LEU C 193 16.14 -6.43 -11.29
CA LEU C 193 16.97 -6.01 -10.14
C LEU C 193 18.42 -5.74 -10.56
N ALA C 194 18.89 -6.42 -11.62
CA ALA C 194 20.23 -6.23 -12.19
C ALA C 194 20.35 -4.90 -12.99
N THR C 195 19.22 -4.19 -13.24
CA THR C 195 19.24 -2.89 -13.95
C THR C 195 19.61 -1.74 -13.01
N ASP C 196 19.69 -2.00 -11.68
CA ASP C 196 20.11 -0.97 -10.71
C ASP C 196 21.60 -0.74 -10.94
N MET C 197 21.99 0.51 -11.24
CA MET C 197 23.40 0.88 -11.51
C MET C 197 24.36 0.56 -10.36
N SER C 198 23.86 0.46 -9.12
CA SER C 198 24.68 0.08 -7.95
C SER C 198 25.20 -1.37 -8.09
N LYS C 199 24.61 -2.15 -9.01
CA LYS C 199 24.97 -3.55 -9.27
C LYS C 199 25.90 -3.70 -10.49
N HIS C 200 26.14 -2.60 -11.25
CA HIS C 200 26.93 -2.61 -12.47
C HIS C 200 28.32 -3.26 -12.36
N MET C 201 29.14 -2.78 -11.40
CA MET C 201 30.51 -3.25 -11.19
C MET C 201 30.59 -4.75 -10.93
N ASN C 202 29.71 -5.28 -10.05
CA ASN C 202 29.68 -6.72 -9.75
C ASN C 202 29.17 -7.55 -10.91
N LEU C 203 28.18 -7.03 -11.67
CA LEU C 203 27.63 -7.67 -12.87
C LEU C 203 28.72 -7.78 -13.94
N LEU C 204 29.47 -6.69 -14.17
CA LEU C 204 30.57 -6.64 -15.14
C LEU C 204 31.75 -7.58 -14.74
N ALA C 205 32.13 -7.59 -13.44
CA ALA C 205 33.19 -8.46 -12.91
C ALA C 205 32.84 -9.93 -13.18
N ASP C 206 31.56 -10.32 -12.93
CA ASP C 206 31.06 -11.67 -13.17
C ASP C 206 31.00 -12.02 -14.67
N LEU C 207 30.65 -11.03 -15.54
CA LEU C 207 30.62 -11.23 -17.00
C LEU C 207 32.05 -11.46 -17.52
N LYS C 208 33.04 -10.72 -16.96
CA LYS C 208 34.47 -10.85 -17.30
C LYS C 208 34.96 -12.27 -16.95
N THR C 209 34.57 -12.77 -15.75
CA THR C 209 34.90 -14.10 -15.25
C THR C 209 34.37 -15.18 -16.21
N MET C 210 33.12 -15.00 -16.68
CA MET C 210 32.50 -15.92 -17.64
C MET C 210 33.23 -15.89 -18.98
N VAL C 211 33.67 -14.70 -19.45
CA VAL C 211 34.40 -14.56 -20.71
C VAL C 211 35.73 -15.33 -20.64
N GLU C 212 36.42 -15.28 -19.49
CA GLU C 212 37.69 -15.97 -19.23
C GLU C 212 37.57 -17.49 -19.34
N THR C 213 36.49 -18.07 -18.77
CA THR C 213 36.20 -19.51 -18.75
C THR C 213 35.09 -19.90 -19.73
N LYS C 214 34.94 -19.15 -20.82
CA LYS C 214 33.93 -19.35 -21.86
C LYS C 214 34.03 -20.72 -22.55
N LYS C 215 32.91 -21.46 -22.60
CA LYS C 215 32.78 -22.75 -23.26
C LYS C 215 31.79 -22.62 -24.43
N VAL C 216 32.22 -23.05 -25.63
CA VAL C 216 31.45 -22.98 -26.87
C VAL C 216 31.07 -24.38 -27.34
N VAL C 221 28.93 -21.29 -31.00
CA VAL C 221 27.73 -21.00 -30.22
C VAL C 221 27.93 -21.35 -28.73
N LEU C 222 27.69 -20.36 -27.85
CA LEU C 222 27.84 -20.41 -26.38
C LEU C 222 27.19 -21.63 -25.71
N LEU C 223 27.84 -22.16 -24.68
CA LEU C 223 27.35 -23.30 -23.89
C LEU C 223 27.11 -22.84 -22.45
N LEU C 224 25.82 -22.79 -22.03
CA LEU C 224 25.41 -22.36 -20.69
C LEU C 224 24.65 -23.52 -20.05
N ASP C 225 25.31 -24.18 -19.08
CA ASP C 225 24.87 -25.42 -18.42
C ASP C 225 23.84 -25.27 -17.32
N ASN C 226 24.07 -24.31 -16.39
CA ASN C 226 23.25 -24.08 -15.21
C ASN C 226 22.45 -22.76 -15.26
N TYR C 227 21.47 -22.60 -14.34
CA TYR C 227 20.66 -21.38 -14.23
C TYR C 227 21.54 -20.15 -13.97
N SER C 228 22.53 -20.28 -13.08
CA SER C 228 23.45 -19.21 -12.72
C SER C 228 24.14 -18.55 -13.94
N ASP C 229 24.59 -19.37 -14.93
CA ASP C 229 25.23 -18.87 -16.16
C ASP C 229 24.22 -18.30 -17.11
N ARG C 230 23.06 -18.97 -17.23
CA ARG C 230 21.98 -18.55 -18.13
C ARG C 230 21.39 -17.18 -17.71
N ILE C 231 21.09 -17.01 -16.41
CA ILE C 231 20.54 -15.78 -15.89
C ILE C 231 21.57 -14.64 -15.96
N GLN C 232 22.87 -14.93 -15.70
CA GLN C 232 23.94 -13.93 -15.78
C GLN C 232 23.99 -13.30 -17.17
N VAL C 233 23.92 -14.13 -18.23
CA VAL C 233 23.94 -13.67 -19.63
C VAL C 233 22.70 -12.81 -19.91
N LEU C 234 21.52 -13.26 -19.47
CA LEU C 234 20.26 -12.54 -19.63
C LEU C 234 20.25 -11.20 -18.91
N GLN C 235 20.82 -11.15 -17.69
CA GLN C 235 20.93 -9.93 -16.87
C GLN C 235 21.85 -8.94 -17.57
N ASN C 236 23.02 -9.42 -18.05
CA ASN C 236 23.99 -8.57 -18.76
C ASN C 236 23.48 -8.10 -20.10
N MET C 237 22.71 -8.96 -20.79
CA MET C 237 22.10 -8.61 -22.07
C MET C 237 21.11 -7.44 -21.92
N VAL C 238 20.18 -7.51 -20.95
CA VAL C 238 19.18 -6.44 -20.73
C VAL C 238 19.88 -5.19 -20.18
N HIS C 239 20.94 -5.36 -19.37
CA HIS C 239 21.76 -4.27 -18.85
C HIS C 239 22.47 -3.56 -20.04
N CYS C 240 23.00 -4.34 -21.03
CA CYS C 240 23.58 -3.81 -22.28
C CYS C 240 22.53 -3.05 -23.07
N ALA C 241 21.32 -3.63 -23.22
CA ALA C 241 20.23 -2.98 -23.94
C ALA C 241 19.83 -1.65 -23.23
N ASP C 242 19.83 -1.63 -21.91
CA ASP C 242 19.51 -0.43 -21.12
C ASP C 242 20.59 0.64 -21.33
N LEU C 243 21.86 0.23 -21.49
CA LEU C 243 23.02 1.08 -21.71
C LEU C 243 23.47 1.08 -23.21
N SER C 244 22.54 0.94 -24.15
CA SER C 244 22.85 0.86 -25.57
C SER C 244 22.75 2.19 -26.33
N ASN C 245 22.23 3.28 -25.73
CA ASN C 245 22.11 4.56 -26.44
C ASN C 245 23.42 5.01 -27.13
N PRO C 246 24.61 5.00 -26.45
CA PRO C 246 25.84 5.46 -27.12
C PRO C 246 26.32 4.57 -28.27
N THR C 247 25.77 3.35 -28.38
CA THR C 247 26.11 2.35 -29.42
C THR C 247 25.20 2.49 -30.66
N LYS C 248 24.23 3.40 -30.61
CA LYS C 248 23.25 3.59 -31.67
C LYS C 248 23.69 4.64 -32.69
N PRO C 249 23.11 4.64 -33.92
CA PRO C 249 23.41 5.72 -34.88
C PRO C 249 23.25 7.08 -34.17
N LEU C 250 24.22 7.99 -34.42
CA LEU C 250 24.37 9.29 -33.78
C LEU C 250 23.09 10.14 -33.66
N GLN C 251 22.21 10.16 -34.70
CA GLN C 251 20.98 10.98 -34.61
C GLN C 251 20.01 10.44 -33.52
N LEU C 252 20.11 9.13 -33.20
CA LEU C 252 19.32 8.51 -32.14
C LEU C 252 19.97 8.84 -30.79
N TYR C 253 21.30 8.60 -30.66
CA TYR C 253 22.10 8.85 -29.46
C TYR C 253 21.95 10.29 -28.95
N ARG C 254 22.07 11.28 -29.85
CA ARG C 254 21.94 12.70 -29.53
C ARG C 254 20.59 13.03 -28.89
N GLN C 255 19.51 12.41 -29.39
CA GLN C 255 18.16 12.57 -28.86
C GLN C 255 18.06 11.97 -27.46
N TRP C 256 18.69 10.80 -27.24
CA TRP C 256 18.74 10.16 -25.92
C TRP C 256 19.51 11.02 -24.92
N THR C 257 20.65 11.61 -25.36
CA THR C 257 21.45 12.52 -24.53
C THR C 257 20.64 13.76 -24.14
N ASP C 258 19.94 14.41 -25.10
CA ASP C 258 19.13 15.58 -24.81
C ASP C 258 18.06 15.27 -23.78
N ARG C 259 17.45 14.08 -23.88
CA ARG C 259 16.39 13.60 -22.98
C ARG C 259 16.90 13.30 -21.57
N ILE C 260 18.02 12.57 -21.43
CA ILE C 260 18.56 12.27 -20.11
C ILE C 260 19.06 13.55 -19.41
N MET C 261 19.66 14.49 -20.17
CA MET C 261 20.15 15.77 -19.62
C MET C 261 18.99 16.62 -19.12
N GLU C 262 17.88 16.66 -19.88
CA GLU C 262 16.67 17.37 -19.51
C GLU C 262 16.11 16.76 -18.21
N GLU C 263 16.11 15.43 -18.11
CA GLU C 263 15.65 14.73 -16.91
C GLU C 263 16.57 15.01 -15.69
N PHE C 264 17.90 14.93 -15.89
CA PHE C 264 18.90 15.23 -14.86
C PHE C 264 18.79 16.67 -14.37
N PHE C 265 18.66 17.65 -15.32
CA PHE C 265 18.54 19.07 -14.99
C PHE C 265 17.26 19.36 -14.22
N ARG C 266 16.16 18.68 -14.55
CA ARG C 266 14.90 18.87 -13.84
C ARG C 266 15.07 18.37 -12.39
N GLN C 267 15.82 17.27 -12.18
CA GLN C 267 16.11 16.78 -10.82
C GLN C 267 16.96 17.81 -10.04
N GLY C 268 17.98 18.37 -10.69
CA GLY C 268 18.85 19.38 -10.10
C GLY C 268 18.09 20.63 -9.71
N ASP C 269 17.07 21.04 -10.52
CA ASP C 269 16.20 22.18 -10.23
C ASP C 269 15.38 21.91 -8.99
N ARG C 270 14.93 20.65 -8.83
CA ARG C 270 14.15 20.21 -7.67
C ARG C 270 15.03 20.16 -6.42
N GLU C 271 16.26 19.63 -6.55
CA GLU C 271 17.23 19.60 -5.46
C GLU C 271 17.61 21.02 -5.02
N ARG C 272 17.83 21.92 -5.98
CA ARG C 272 18.20 23.32 -5.71
C ARG C 272 17.10 24.07 -4.95
N GLU C 273 15.84 24.00 -5.42
CA GLU C 273 14.74 24.70 -4.76
C GLU C 273 14.45 24.16 -3.33
N ARG C 274 14.87 22.93 -3.05
CA ARG C 274 14.69 22.25 -1.77
C ARG C 274 15.88 22.41 -0.82
N GLY C 275 16.97 23.04 -1.30
CA GLY C 275 18.19 23.25 -0.51
C GLY C 275 19.01 21.99 -0.37
N MET C 276 18.81 21.01 -1.27
CA MET C 276 19.54 19.74 -1.26
C MET C 276 20.80 19.89 -2.11
N GLU C 277 21.79 19.03 -1.88
CA GLU C 277 23.02 18.98 -2.69
C GLU C 277 22.58 18.53 -4.10
N ILE C 278 23.03 19.25 -5.13
CA ILE C 278 22.69 18.90 -6.51
C ILE C 278 23.50 17.68 -6.92
N SER C 279 22.81 16.63 -7.43
CA SER C 279 23.42 15.37 -7.85
C SER C 279 24.39 15.56 -9.04
N PRO C 280 25.40 14.68 -9.21
CA PRO C 280 26.29 14.81 -10.39
C PRO C 280 25.52 14.87 -11.71
N MET C 281 25.90 15.81 -12.60
CA MET C 281 25.34 16.09 -13.94
C MET C 281 23.96 16.75 -13.93
N CYS C 282 23.44 17.11 -12.74
CA CYS C 282 22.09 17.66 -12.59
C CYS C 282 22.06 19.19 -12.48
N ASP C 283 23.22 19.85 -12.43
CA ASP C 283 23.26 21.31 -12.37
C ASP C 283 23.38 21.92 -13.77
N LYS C 284 22.27 22.49 -14.28
CA LYS C 284 22.22 23.14 -15.60
C LYS C 284 23.16 24.37 -15.69
N HIS C 285 23.55 24.95 -14.53
CA HIS C 285 24.45 26.11 -14.45
C HIS C 285 25.92 25.72 -14.41
N ASN C 286 26.23 24.45 -14.09
CA ASN C 286 27.59 23.95 -14.02
C ASN C 286 27.66 22.58 -14.71
N ALA C 287 27.17 22.52 -15.96
CA ALA C 287 27.09 21.31 -16.77
C ALA C 287 28.16 21.21 -17.85
N SER C 288 28.51 19.97 -18.21
CA SER C 288 29.47 19.61 -19.27
C SER C 288 28.89 18.38 -19.99
N VAL C 289 27.77 18.56 -20.72
CA VAL C 289 27.04 17.52 -21.45
C VAL C 289 27.97 16.57 -22.25
N GLU C 290 28.86 17.14 -23.07
CA GLU C 290 29.81 16.42 -23.94
C GLU C 290 30.82 15.63 -23.10
N LYS C 291 31.43 16.27 -22.09
CA LYS C 291 32.38 15.64 -21.16
C LYS C 291 31.71 14.52 -20.38
N SER C 292 30.40 14.68 -20.05
CA SER C 292 29.58 13.70 -19.35
C SER C 292 29.36 12.45 -20.22
N GLN C 293 29.12 12.65 -21.53
CA GLN C 293 28.95 11.54 -22.47
C GLN C 293 30.23 10.77 -22.67
N VAL C 294 31.37 11.49 -22.82
CA VAL C 294 32.69 10.88 -22.97
C VAL C 294 33.04 10.10 -21.69
N GLY C 295 32.68 10.67 -20.53
CA GLY C 295 32.89 10.02 -19.23
C GLY C 295 32.09 8.75 -19.06
N PHE C 296 30.79 8.81 -19.41
CA PHE C 296 29.88 7.67 -19.34
C PHE C 296 30.35 6.51 -20.24
N ILE C 297 30.76 6.83 -21.49
CA ILE C 297 31.28 5.83 -22.44
C ILE C 297 32.55 5.18 -21.89
N ASP C 298 33.54 5.98 -21.47
CA ASP C 298 34.84 5.47 -20.98
C ASP C 298 34.77 4.63 -19.72
N TYR C 299 33.95 5.03 -18.74
CA TYR C 299 33.91 4.34 -17.46
C TYR C 299 32.79 3.30 -17.31
N ILE C 300 31.69 3.40 -18.07
CA ILE C 300 30.59 2.44 -17.92
C ILE C 300 30.28 1.65 -19.20
N VAL C 301 29.87 2.35 -20.29
CA VAL C 301 29.36 1.77 -21.54
C VAL C 301 30.41 0.98 -22.30
N HIS C 302 31.59 1.57 -22.57
CA HIS C 302 32.66 0.87 -23.30
C HIS C 302 33.16 -0.35 -22.54
N PRO C 303 33.53 -0.28 -21.23
CA PRO C 303 33.96 -1.51 -20.52
C PRO C 303 32.93 -2.64 -20.56
N LEU C 304 31.63 -2.30 -20.45
CA LEU C 304 30.56 -3.30 -20.53
C LEU C 304 30.43 -3.91 -21.93
N TRP C 305 30.28 -3.07 -22.96
CA TRP C 305 30.12 -3.51 -24.35
C TRP C 305 31.34 -4.24 -24.93
N GLU C 306 32.54 -3.87 -24.48
CA GLU C 306 33.81 -4.52 -24.86
C GLU C 306 33.81 -5.98 -24.33
N THR C 307 33.33 -6.18 -23.08
CA THR C 307 33.20 -7.49 -22.45
C THR C 307 32.10 -8.32 -23.15
N TRP C 308 30.95 -7.68 -23.48
CA TRP C 308 29.87 -8.36 -24.21
C TRP C 308 30.39 -8.80 -25.59
N ALA C 309 31.09 -7.89 -26.30
CA ALA C 309 31.69 -8.15 -27.62
C ALA C 309 32.63 -9.36 -27.56
N ASP C 310 33.38 -9.53 -26.45
CA ASP C 310 34.26 -10.69 -26.25
C ASP C 310 33.46 -11.98 -26.09
N LEU C 311 32.36 -11.93 -25.32
CA LEU C 311 31.49 -13.08 -25.08
C LEU C 311 30.86 -13.60 -26.37
N VAL C 312 30.41 -12.67 -27.26
CA VAL C 312 29.74 -13.04 -28.50
C VAL C 312 30.63 -12.83 -29.76
N HIS C 313 31.96 -12.65 -29.57
CA HIS C 313 32.90 -12.39 -30.68
C HIS C 313 32.67 -13.25 -31.94
N PRO C 314 32.53 -12.64 -33.16
CA PRO C 314 32.68 -11.22 -33.51
C PRO C 314 31.37 -10.46 -33.76
N ASP C 315 30.25 -10.99 -33.22
CA ASP C 315 28.90 -10.47 -33.43
C ASP C 315 28.66 -8.99 -33.15
N ALA C 316 29.31 -8.44 -32.10
CA ALA C 316 29.09 -7.05 -31.69
C ALA C 316 30.14 -6.05 -32.20
N GLN C 317 30.94 -6.46 -33.21
CA GLN C 317 31.99 -5.61 -33.74
C GLN C 317 31.48 -4.26 -34.27
N ASP C 318 30.38 -4.24 -35.04
CA ASP C 318 29.82 -3.00 -35.58
C ASP C 318 29.22 -2.10 -34.49
N ILE C 319 28.65 -2.71 -33.42
CA ILE C 319 28.08 -1.99 -32.27
C ILE C 319 29.21 -1.27 -31.53
N LEU C 320 30.30 -1.99 -31.31
CA LEU C 320 31.49 -1.46 -30.65
C LEU C 320 32.15 -0.34 -31.50
N ASP C 321 32.16 -0.49 -32.85
CA ASP C 321 32.69 0.51 -33.78
C ASP C 321 31.86 1.79 -33.74
N THR C 322 30.50 1.68 -33.70
CA THR C 322 29.62 2.85 -33.63
C THR C 322 29.84 3.58 -32.29
N LEU C 323 30.02 2.81 -31.19
CA LEU C 323 30.28 3.34 -29.85
C LEU C 323 31.54 4.20 -29.85
N GLU C 324 32.63 3.67 -30.44
CA GLU C 324 33.92 4.35 -30.56
C GLU C 324 33.83 5.59 -31.47
N ASP C 325 33.01 5.54 -32.55
CA ASP C 325 32.78 6.70 -33.44
C ASP C 325 32.01 7.81 -32.73
N ASN C 326 30.96 7.42 -31.95
CA ASN C 326 30.12 8.36 -31.19
C ASN C 326 30.91 9.01 -30.06
N ARG C 327 31.78 8.25 -29.40
CA ARG C 327 32.66 8.75 -28.35
C ARG C 327 33.53 9.88 -28.92
N GLU C 328 34.13 9.64 -30.12
CA GLU C 328 34.97 10.61 -30.82
C GLU C 328 34.21 11.83 -31.23
N TRP C 329 32.95 11.69 -31.71
CA TRP C 329 32.11 12.81 -32.09
C TRP C 329 31.84 13.73 -30.89
N TYR C 330 31.56 13.13 -29.72
CA TYR C 330 31.30 13.90 -28.48
C TYR C 330 32.55 14.61 -27.98
N GLN C 331 33.69 13.89 -27.97
CA GLN C 331 35.02 14.38 -27.59
C GLN C 331 35.39 15.66 -28.38
N SER C 332 35.23 15.63 -29.71
CA SER C 332 35.54 16.76 -30.60
C SER C 332 34.62 17.97 -30.40
N THR C 333 33.43 17.74 -29.80
CA THR C 333 32.39 18.74 -29.49
C THR C 333 32.75 19.48 -28.18
N ILE C 334 33.72 18.94 -27.39
CA ILE C 334 34.18 19.55 -26.12
C ILE C 334 34.90 20.88 -26.42
N PRO C 335 34.37 22.03 -25.89
CA PRO C 335 35.02 23.33 -26.16
C PRO C 335 36.46 23.41 -25.65
N GLN C 336 37.38 23.84 -26.54
CA GLN C 336 38.84 24.00 -26.37
C GLN C 336 39.49 22.83 -25.61
N GLN D 12 2.33 -6.68 41.20
CA GLN D 12 3.53 -7.53 41.31
C GLN D 12 4.81 -6.84 40.81
N GLU D 13 4.87 -5.50 41.03
CA GLU D 13 5.96 -4.62 40.63
C GLU D 13 7.25 -4.92 41.40
N ASP D 14 7.13 -5.53 42.59
CA ASP D 14 8.27 -5.91 43.43
C ASP D 14 8.96 -7.14 42.85
N VAL D 15 8.16 -8.14 42.40
CA VAL D 15 8.67 -9.38 41.82
C VAL D 15 9.30 -9.07 40.45
N LEU D 16 8.64 -8.20 39.63
CA LEU D 16 9.11 -7.74 38.33
C LEU D 16 10.43 -6.97 38.45
N ALA D 17 10.57 -6.12 39.47
CA ALA D 17 11.80 -5.36 39.72
C ALA D 17 12.97 -6.29 40.03
N LYS D 18 12.73 -7.41 40.73
CA LYS D 18 13.78 -8.38 41.07
C LYS D 18 14.23 -9.17 39.86
N GLU D 19 13.30 -9.46 38.93
CA GLU D 19 13.65 -10.17 37.70
C GLU D 19 14.46 -9.24 36.78
N LEU D 20 14.09 -7.95 36.72
CA LEU D 20 14.75 -6.97 35.84
C LEU D 20 16.17 -6.58 36.28
N GLU D 21 16.62 -7.05 37.46
CA GLU D 21 17.98 -6.78 37.92
C GLU D 21 18.96 -7.70 37.18
N ASP D 22 18.43 -8.73 36.50
CA ASP D 22 19.21 -9.67 35.70
C ASP D 22 19.28 -9.27 34.22
N VAL D 23 18.85 -8.03 33.86
CA VAL D 23 18.83 -7.53 32.47
C VAL D 23 20.20 -7.61 31.77
N ASN D 24 21.29 -7.52 32.53
CA ASN D 24 22.64 -7.55 32.02
C ASN D 24 23.20 -8.96 31.98
N LYS D 25 22.36 -9.97 32.32
CA LYS D 25 22.81 -11.36 32.38
C LYS D 25 22.22 -12.24 31.31
N TRP D 26 23.06 -13.13 30.77
CA TRP D 26 22.69 -14.18 29.81
C TRP D 26 21.86 -15.19 30.61
N GLY D 27 20.63 -15.43 30.18
CA GLY D 27 19.76 -16.34 30.92
C GLY D 27 18.70 -15.66 31.76
N LEU D 28 18.36 -14.40 31.44
CA LEU D 28 17.27 -13.66 32.07
C LEU D 28 15.96 -14.49 31.96
N HIS D 29 15.12 -14.47 33.01
CA HIS D 29 13.86 -15.22 33.03
C HIS D 29 12.81 -14.43 32.23
N VAL D 30 12.97 -14.43 30.90
CA VAL D 30 12.15 -13.68 29.94
C VAL D 30 10.66 -14.12 29.98
N PHE D 31 10.38 -15.42 30.14
CA PHE D 31 9.00 -15.94 30.23
C PHE D 31 8.31 -15.46 31.51
N ARG D 32 9.05 -15.40 32.63
CA ARG D 32 8.54 -14.89 33.91
C ARG D 32 8.26 -13.38 33.78
N ILE D 33 9.17 -12.63 33.11
CA ILE D 33 8.98 -11.19 32.85
C ILE D 33 7.73 -10.95 31.98
N ALA D 34 7.51 -11.82 30.98
CA ALA D 34 6.32 -11.75 30.11
C ALA D 34 5.03 -11.90 30.95
N GLU D 35 5.01 -12.83 31.93
CA GLU D 35 3.85 -13.06 32.82
C GLU D 35 3.67 -11.89 33.80
N LEU D 36 4.73 -11.48 34.51
CA LEU D 36 4.71 -10.38 35.48
C LEU D 36 4.38 -9.00 34.89
N SER D 37 4.77 -8.73 33.63
CA SER D 37 4.49 -7.43 32.99
C SER D 37 3.09 -7.37 32.33
N GLY D 38 2.32 -8.45 32.41
CA GLY D 38 1.01 -8.55 31.76
C GLY D 38 1.16 -8.62 30.25
N ASN D 39 2.08 -9.48 29.78
CA ASN D 39 2.43 -9.70 28.37
C ASN D 39 3.01 -8.45 27.70
N ARG D 40 3.89 -7.76 28.44
CA ARG D 40 4.62 -6.60 27.97
C ARG D 40 6.14 -6.80 28.10
N PRO D 41 6.72 -8.00 27.80
CA PRO D 41 8.17 -8.15 27.96
C PRO D 41 9.00 -7.20 27.07
N LEU D 42 8.55 -6.94 25.83
CA LEU D 42 9.29 -6.05 24.93
C LEU D 42 9.31 -4.61 25.45
N THR D 43 8.17 -4.09 25.88
CA THR D 43 8.07 -2.75 26.44
C THR D 43 8.96 -2.60 27.71
N VAL D 44 8.82 -3.51 28.70
CA VAL D 44 9.57 -3.41 29.97
C VAL D 44 11.07 -3.62 29.77
N ILE D 45 11.46 -4.62 28.97
CA ILE D 45 12.88 -4.87 28.75
C ILE D 45 13.52 -3.70 27.95
N MET D 46 12.87 -3.22 26.86
CA MET D 46 13.41 -2.08 26.10
C MET D 46 13.51 -0.82 26.97
N HIS D 47 12.47 -0.55 27.78
CA HIS D 47 12.48 0.62 28.66
C HIS D 47 13.65 0.54 29.65
N THR D 48 13.87 -0.65 30.25
CA THR D 48 14.95 -0.90 31.21
C THR D 48 16.30 -0.63 30.53
N ILE D 49 16.50 -1.19 29.32
CA ILE D 49 17.75 -1.05 28.57
C ILE D 49 18.00 0.41 28.17
N PHE D 50 16.96 1.13 27.73
CA PHE D 50 17.12 2.54 27.33
C PHE D 50 17.53 3.41 28.52
N GLN D 51 16.97 3.11 29.73
CA GLN D 51 17.29 3.80 30.98
C GLN D 51 18.72 3.48 31.41
N GLU D 52 19.09 2.18 31.38
CA GLU D 52 20.39 1.63 31.73
C GLU D 52 21.51 2.25 30.88
N ARG D 53 21.28 2.41 29.57
CA ARG D 53 22.26 2.95 28.64
C ARG D 53 22.15 4.47 28.44
N ASP D 54 21.22 5.12 29.18
CA ASP D 54 20.99 6.58 29.16
C ASP D 54 20.63 7.08 27.76
N LEU D 55 19.94 6.24 26.95
CA LEU D 55 19.57 6.56 25.57
C LEU D 55 18.50 7.66 25.47
N LEU D 56 17.62 7.79 26.46
CA LEU D 56 16.57 8.85 26.48
C LEU D 56 17.20 10.23 26.55
N LYS D 57 18.20 10.40 27.44
CA LYS D 57 18.95 11.63 27.67
C LYS D 57 19.82 11.94 26.45
N THR D 58 20.63 10.96 25.99
CA THR D 58 21.54 11.11 24.85
C THR D 58 20.81 11.53 23.56
N PHE D 59 19.66 10.89 23.26
CA PHE D 59 18.96 11.17 22.02
C PHE D 59 17.70 12.00 22.21
N LYS D 60 17.54 12.58 23.41
CA LYS D 60 16.40 13.46 23.75
C LYS D 60 15.04 12.83 23.40
N ILE D 61 14.86 11.58 23.83
CA ILE D 61 13.65 10.80 23.59
C ILE D 61 12.65 11.07 24.70
N PRO D 62 11.48 11.72 24.43
CA PRO D 62 10.49 11.88 25.52
C PRO D 62 10.07 10.50 26.02
N VAL D 63 9.96 10.31 27.35
CA VAL D 63 9.66 9.00 27.93
C VAL D 63 8.29 8.45 27.48
N ASP D 64 7.26 9.32 27.38
CA ASP D 64 5.89 8.96 26.94
C ASP D 64 5.94 8.52 25.47
N THR D 65 6.81 9.15 24.64
CA THR D 65 6.99 8.81 23.23
C THR D 65 7.61 7.41 23.14
N LEU D 66 8.63 7.13 23.97
CA LEU D 66 9.27 5.80 23.98
C LEU D 66 8.29 4.71 24.38
N ILE D 67 7.54 4.92 25.48
CA ILE D 67 6.57 3.93 25.96
C ILE D 67 5.45 3.70 24.92
N THR D 68 4.93 4.76 24.29
CA THR D 68 3.86 4.64 23.28
C THR D 68 4.36 3.81 22.10
N TYR D 69 5.57 4.14 21.60
CA TYR D 69 6.16 3.40 20.48
C TYR D 69 6.34 1.92 20.84
N LEU D 70 6.94 1.64 22.01
CA LEU D 70 7.20 0.27 22.45
C LEU D 70 5.93 -0.57 22.56
N MET D 71 4.86 0.01 23.11
CA MET D 71 3.56 -0.65 23.24
C MET D 71 2.97 -0.92 21.87
N THR D 72 3.07 0.06 20.94
CA THR D 72 2.63 -0.04 19.55
C THR D 72 3.42 -1.14 18.82
N LEU D 73 4.75 -1.12 18.94
CA LEU D 73 5.62 -2.12 18.34
C LEU D 73 5.26 -3.52 18.84
N GLU D 74 5.14 -3.66 20.17
CA GLU D 74 4.80 -4.93 20.80
C GLU D 74 3.43 -5.44 20.35
N ASP D 75 2.46 -4.52 20.19
CA ASP D 75 1.10 -4.84 19.71
C ASP D 75 1.10 -5.37 18.28
N HIS D 76 2.18 -5.10 17.49
CA HIS D 76 2.23 -5.56 16.11
C HIS D 76 2.97 -6.91 15.96
N TYR D 77 3.34 -7.52 17.08
CA TYR D 77 3.84 -8.90 17.14
C TYR D 77 2.57 -9.69 17.41
N HIS D 78 2.41 -10.84 16.77
CA HIS D 78 1.17 -11.62 16.87
C HIS D 78 1.15 -12.53 18.09
N ALA D 79 0.13 -12.35 18.94
CA ALA D 79 -0.07 -13.13 20.17
C ALA D 79 -0.36 -14.61 19.87
N ASP D 80 -0.98 -14.91 18.70
CA ASP D 80 -1.31 -16.27 18.28
C ASP D 80 -0.14 -17.04 17.64
N VAL D 81 1.04 -16.38 17.45
CA VAL D 81 2.23 -17.01 16.84
C VAL D 81 3.10 -17.52 18.01
N ALA D 82 3.34 -18.84 18.07
CA ALA D 82 4.02 -19.50 19.22
C ALA D 82 5.46 -19.06 19.45
N TYR D 83 6.22 -18.81 18.39
CA TYR D 83 7.63 -18.43 18.57
C TYR D 83 7.93 -16.97 18.18
N HIS D 84 7.63 -16.57 16.93
CA HIS D 84 7.95 -15.23 16.39
C HIS D 84 6.98 -14.16 16.88
N ASN D 85 6.99 -13.95 18.21
CA ASN D 85 6.11 -13.03 18.91
C ASN D 85 6.95 -12.02 19.74
N ASN D 86 6.27 -11.22 20.59
CA ASN D 86 6.90 -10.20 21.42
C ASN D 86 7.91 -10.75 22.46
N ILE D 87 7.74 -12.03 22.90
CA ILE D 87 8.68 -12.66 23.86
C ILE D 87 10.01 -12.90 23.15
N HIS D 88 9.96 -13.42 21.91
CA HIS D 88 11.16 -13.64 21.10
C HIS D 88 11.87 -12.31 20.82
N ALA D 89 11.12 -11.25 20.46
CA ALA D 89 11.68 -9.90 20.22
C ALA D 89 12.39 -9.38 21.49
N ALA D 90 11.74 -9.47 22.67
CA ALA D 90 12.30 -9.04 23.96
C ALA D 90 13.60 -9.80 24.27
N ASP D 91 13.62 -11.09 23.97
CA ASP D 91 14.75 -12.00 24.15
C ASP D 91 15.91 -11.63 23.24
N VAL D 92 15.65 -11.29 21.96
CA VAL D 92 16.71 -10.89 21.03
C VAL D 92 17.29 -9.54 21.45
N VAL D 93 16.42 -8.61 21.88
CA VAL D 93 16.82 -7.29 22.40
C VAL D 93 17.79 -7.47 23.59
N GLN D 94 17.36 -8.23 24.60
CA GLN D 94 18.14 -8.44 25.81
C GLN D 94 19.44 -9.17 25.51
N SER D 95 19.41 -10.17 24.60
CA SER D 95 20.65 -10.88 24.21
C SER D 95 21.63 -9.97 23.49
N THR D 96 21.13 -9.08 22.60
CA THR D 96 21.96 -8.06 21.91
C THR D 96 22.57 -7.09 22.94
N HIS D 97 21.77 -6.67 23.93
CA HIS D 97 22.20 -5.78 24.99
C HIS D 97 23.39 -6.39 25.77
N VAL D 98 23.34 -7.70 26.08
CA VAL D 98 24.41 -8.43 26.79
C VAL D 98 25.64 -8.52 25.87
N LEU D 99 25.45 -8.92 24.60
CA LEU D 99 26.53 -9.01 23.61
C LEU D 99 27.23 -7.66 23.36
N LEU D 100 26.49 -6.54 23.39
CA LEU D 100 27.08 -5.21 23.21
C LEU D 100 28.00 -4.84 24.37
N SER D 101 27.75 -5.38 25.59
CA SER D 101 28.51 -5.14 26.82
C SER D 101 29.71 -6.05 27.01
N THR D 102 30.02 -6.91 26.05
CA THR D 102 31.13 -7.83 26.14
C THR D 102 32.48 -7.05 26.27
N PRO D 103 33.39 -7.43 27.24
CA PRO D 103 34.66 -6.70 27.38
C PRO D 103 35.44 -6.42 26.11
N ALA D 104 35.54 -7.41 25.20
CA ALA D 104 36.29 -7.24 23.94
C ALA D 104 35.71 -6.15 23.00
N LEU D 105 34.48 -5.66 23.28
CA LEU D 105 33.87 -4.62 22.45
C LEU D 105 33.69 -3.30 23.19
N GLU D 106 34.30 -3.17 24.39
CA GLU D 106 34.17 -1.96 25.20
C GLU D 106 34.66 -0.71 24.46
N ALA D 107 33.79 0.33 24.39
CA ALA D 107 34.01 1.63 23.74
C ALA D 107 34.32 1.55 22.22
N VAL D 108 33.98 0.40 21.59
CA VAL D 108 34.14 0.21 20.15
C VAL D 108 33.01 0.96 19.38
N PHE D 109 31.75 0.78 19.81
CA PHE D 109 30.57 1.35 19.15
C PHE D 109 30.10 2.63 19.75
N THR D 110 29.60 3.54 18.89
CA THR D 110 29.07 4.84 19.31
C THR D 110 27.67 4.62 19.90
N ASP D 111 27.10 5.65 20.56
CA ASP D 111 25.75 5.55 21.12
C ASP D 111 24.71 5.31 20.03
N LEU D 112 24.95 5.87 18.81
CA LEU D 112 24.06 5.73 17.67
C LEU D 112 24.07 4.31 17.12
N GLU D 113 25.27 3.68 17.07
CA GLU D 113 25.41 2.28 16.62
C GLU D 113 24.77 1.33 17.62
N ILE D 114 24.86 1.66 18.92
CA ILE D 114 24.24 0.90 20.03
C ILE D 114 22.72 0.99 19.89
N LEU D 115 22.20 2.22 19.67
CA LEU D 115 20.78 2.48 19.47
C LEU D 115 20.28 1.68 18.25
N ALA D 116 21.05 1.68 17.14
CA ALA D 116 20.72 0.93 15.91
C ALA D 116 20.61 -0.56 16.16
N ALA D 117 21.58 -1.18 16.87
CA ALA D 117 21.56 -2.62 17.16
C ALA D 117 20.38 -3.02 18.04
N ILE D 118 20.06 -2.18 19.06
CA ILE D 118 18.94 -2.44 19.96
C ILE D 118 17.59 -2.25 19.25
N PHE D 119 17.42 -1.15 18.51
CA PHE D 119 16.21 -0.88 17.75
C PHE D 119 16.00 -1.97 16.69
N ALA D 120 17.07 -2.32 15.92
CA ALA D 120 16.98 -3.40 14.92
C ALA D 120 16.51 -4.72 15.57
N SER D 121 17.06 -5.07 16.75
CA SER D 121 16.66 -6.30 17.48
C SER D 121 15.18 -6.27 17.87
N ALA D 122 14.69 -5.10 18.32
CA ALA D 122 13.30 -4.92 18.75
C ALA D 122 12.28 -5.11 17.61
N ILE D 123 12.60 -4.63 16.42
CA ILE D 123 11.68 -4.67 15.25
C ILE D 123 11.93 -5.84 14.30
N HIS D 124 13.03 -6.59 14.49
CA HIS D 124 13.53 -7.58 13.52
C HIS D 124 12.50 -8.64 13.07
N ASP D 125 11.46 -8.97 13.85
CA ASP D 125 10.43 -9.93 13.45
C ASP D 125 9.01 -9.34 13.56
N VAL D 126 8.86 -8.01 13.63
CA VAL D 126 7.54 -7.44 13.86
C VAL D 126 6.54 -7.85 12.75
N ASP D 127 5.31 -8.21 13.16
CA ASP D 127 4.23 -8.59 12.24
C ASP D 127 4.54 -9.91 11.49
N HIS D 128 5.33 -10.79 12.15
CA HIS D 128 5.63 -12.10 11.60
C HIS D 128 4.32 -12.94 11.60
N PRO D 129 3.93 -13.53 10.44
CA PRO D 129 2.70 -14.32 10.38
C PRO D 129 2.85 -15.77 10.88
N GLY D 130 4.06 -16.18 11.24
CA GLY D 130 4.30 -17.54 11.73
C GLY D 130 4.54 -18.55 10.62
N VAL D 131 4.79 -18.05 9.39
CA VAL D 131 5.09 -18.86 8.19
C VAL D 131 6.37 -18.38 7.53
N SER D 132 7.02 -19.26 6.76
CA SER D 132 8.26 -18.96 6.08
C SER D 132 8.04 -18.08 4.84
N ASN D 133 9.15 -17.48 4.35
CA ASN D 133 9.18 -16.73 3.11
C ASN D 133 8.68 -17.58 1.95
N GLN D 134 9.13 -18.86 1.89
CA GLN D 134 8.72 -19.78 0.81
C GLN D 134 7.20 -20.03 0.75
N PHE D 135 6.55 -20.15 1.92
CA PHE D 135 5.09 -20.32 2.01
C PHE D 135 4.41 -19.07 1.41
N LEU D 136 4.92 -17.87 1.74
CA LEU D 136 4.40 -16.60 1.21
C LEU D 136 4.60 -16.47 -0.31
N ILE D 137 5.72 -16.98 -0.79
CA ILE D 137 6.07 -16.95 -2.22
C ILE D 137 5.13 -17.92 -2.98
N ASN D 138 5.04 -19.18 -2.50
CA ASN D 138 4.23 -20.24 -3.14
C ASN D 138 2.73 -19.94 -3.21
N THR D 139 2.20 -19.16 -2.26
CA THR D 139 0.77 -18.80 -2.22
C THR D 139 0.47 -17.52 -3.01
N ASN D 140 1.50 -16.87 -3.59
CA ASN D 140 1.38 -15.59 -4.31
C ASN D 140 0.79 -14.52 -3.42
N SER D 141 1.23 -14.49 -2.13
CA SER D 141 0.78 -13.49 -1.18
C SER D 141 1.13 -12.08 -1.66
N GLU D 142 0.34 -11.10 -1.26
CA GLU D 142 0.57 -9.68 -1.58
C GLU D 142 1.96 -9.22 -1.09
N LEU D 143 2.42 -9.74 0.08
CA LEU D 143 3.75 -9.43 0.62
C LEU D 143 4.84 -9.86 -0.35
N ALA D 144 4.79 -11.12 -0.85
CA ALA D 144 5.77 -11.66 -1.78
C ALA D 144 5.75 -10.89 -3.11
N LEU D 145 4.56 -10.42 -3.53
CA LEU D 145 4.40 -9.61 -4.74
C LEU D 145 5.04 -8.21 -4.55
N MET D 146 4.83 -7.58 -3.39
CA MET D 146 5.40 -6.28 -3.07
C MET D 146 6.92 -6.37 -3.04
N TYR D 147 7.48 -7.44 -2.42
CA TYR D 147 8.93 -7.56 -2.24
C TYR D 147 9.65 -8.45 -3.22
N ASN D 148 8.99 -8.78 -4.33
CA ASN D 148 9.62 -9.56 -5.41
C ASN D 148 10.30 -10.86 -4.93
N ASP D 149 9.61 -11.59 -4.00
CA ASP D 149 10.09 -12.88 -3.44
C ASP D 149 11.49 -12.82 -2.75
N SER D 150 12.01 -11.61 -2.46
CA SER D 150 13.37 -11.42 -1.91
C SER D 150 13.33 -10.88 -0.49
N SER D 151 13.80 -11.68 0.50
CA SER D 151 13.77 -11.37 1.95
C SER D 151 12.41 -10.75 2.28
N VAL D 152 11.33 -11.44 1.86
CA VAL D 152 9.96 -10.93 1.98
C VAL D 152 9.65 -10.49 3.41
N LEU D 153 9.78 -11.40 4.38
CA LEU D 153 9.49 -11.12 5.80
C LEU D 153 10.39 -10.04 6.35
N GLU D 154 11.72 -10.15 6.11
CA GLU D 154 12.72 -9.22 6.65
C GLU D 154 12.49 -7.79 6.14
N ASN D 155 12.11 -7.63 4.87
CA ASN D 155 11.77 -6.33 4.30
C ASN D 155 10.50 -5.78 4.96
N HIS D 156 9.51 -6.64 5.20
CA HIS D 156 8.26 -6.28 5.87
C HIS D 156 8.48 -5.88 7.35
N HIS D 157 9.33 -6.64 8.11
CA HIS D 157 9.64 -6.32 9.51
C HIS D 157 10.19 -4.91 9.61
N LEU D 158 11.10 -4.55 8.70
CA LEU D 158 11.70 -3.22 8.63
C LEU D 158 10.68 -2.14 8.30
N ALA D 159 9.86 -2.36 7.23
CA ALA D 159 8.87 -1.38 6.81
C ALA D 159 7.86 -1.09 7.92
N VAL D 160 7.41 -2.13 8.66
CA VAL D 160 6.47 -1.99 9.79
C VAL D 160 7.13 -1.25 10.95
N GLY D 161 8.35 -1.67 11.35
CA GLY D 161 9.10 -1.04 12.43
C GLY D 161 9.25 0.46 12.25
N PHE D 162 9.58 0.88 11.02
CA PHE D 162 9.70 2.30 10.69
C PHE D 162 8.34 2.98 10.51
N LYS D 163 7.35 2.29 9.89
CA LYS D 163 6.01 2.88 9.71
C LYS D 163 5.35 3.22 11.04
N LEU D 164 5.56 2.37 12.07
CA LEU D 164 4.97 2.58 13.40
C LEU D 164 5.44 3.85 14.09
N LEU D 165 6.58 4.46 13.64
CA LEU D 165 7.08 5.74 14.16
C LEU D 165 6.13 6.90 13.81
N GLN D 166 5.24 6.70 12.82
CA GLN D 166 4.29 7.71 12.35
C GLN D 166 2.97 7.69 13.11
N GLU D 167 2.77 6.71 14.01
CA GLU D 167 1.53 6.66 14.79
C GLU D 167 1.52 7.76 15.86
N GLU D 168 0.38 8.02 16.50
CA GLU D 168 0.29 9.14 17.45
C GLU D 168 1.34 9.05 18.59
N ASN D 169 2.20 10.08 18.71
CA ASN D 169 3.26 10.18 19.74
C ASN D 169 4.20 8.96 19.74
N CYS D 170 4.60 8.50 18.55
CA CYS D 170 5.49 7.33 18.40
C CYS D 170 6.87 7.64 17.84
N ASP D 171 7.13 8.92 17.41
CA ASP D 171 8.43 9.19 16.80
C ASP D 171 9.55 9.36 17.83
N ILE D 172 10.17 8.25 18.21
CA ILE D 172 11.25 8.25 19.19
C ILE D 172 12.54 8.93 18.67
N PHE D 173 12.65 9.10 17.33
CA PHE D 173 13.79 9.72 16.67
C PHE D 173 13.57 11.18 16.28
N GLN D 174 12.50 11.79 16.80
CA GLN D 174 12.12 13.18 16.49
C GLN D 174 13.21 14.22 16.77
N ASN D 175 14.11 13.97 17.75
CA ASN D 175 15.14 14.94 18.13
C ASN D 175 16.54 14.61 17.61
N LEU D 176 16.65 13.59 16.75
CA LEU D 176 17.89 13.23 16.06
C LEU D 176 18.04 14.15 14.86
N THR D 177 19.28 14.50 14.50
CA THR D 177 19.53 15.34 13.31
C THR D 177 19.29 14.47 12.07
N LYS D 178 19.14 15.09 10.89
CA LYS D 178 18.98 14.38 9.62
C LYS D 178 20.14 13.41 9.38
N LYS D 179 21.38 13.82 9.69
CA LYS D 179 22.57 12.96 9.56
C LYS D 179 22.47 11.73 10.48
N GLN D 180 22.06 11.93 11.74
CA GLN D 180 21.88 10.82 12.70
C GLN D 180 20.80 9.83 12.23
N ARG D 181 19.66 10.35 11.77
CA ARG D 181 18.53 9.56 11.25
C ARG D 181 18.91 8.75 10.03
N GLN D 182 19.64 9.34 9.07
CA GLN D 182 20.09 8.62 7.87
C GLN D 182 21.09 7.52 8.23
N SER D 183 21.99 7.79 9.18
CA SER D 183 22.99 6.79 9.56
C SER D 183 22.33 5.65 10.34
N LEU D 184 21.44 5.99 11.28
CA LEU D 184 20.69 5.02 12.07
C LEU D 184 19.83 4.14 11.17
N ARG D 185 19.11 4.77 10.23
CA ARG D 185 18.25 4.06 9.29
C ARG D 185 19.03 3.06 8.45
N LYS D 186 20.19 3.47 7.88
CA LYS D 186 21.03 2.56 7.08
C LYS D 186 21.50 1.34 7.89
N MET D 187 21.95 1.56 9.13
CA MET D 187 22.44 0.51 10.03
C MET D 187 21.33 -0.46 10.41
N VAL D 188 20.13 0.05 10.74
CA VAL D 188 18.98 -0.79 11.11
C VAL D 188 18.59 -1.71 9.94
N ILE D 189 18.54 -1.16 8.71
CA ILE D 189 18.21 -1.91 7.50
C ILE D 189 19.25 -3.02 7.24
N ASP D 190 20.55 -2.67 7.28
CA ASP D 190 21.64 -3.63 7.08
C ASP D 190 21.59 -4.77 8.10
N ILE D 191 21.23 -4.46 9.34
CA ILE D 191 21.11 -5.46 10.41
C ILE D 191 19.91 -6.38 10.20
N VAL D 192 18.69 -5.81 10.05
CA VAL D 192 17.49 -6.68 9.91
C VAL D 192 17.54 -7.53 8.61
N LEU D 193 18.03 -6.99 7.51
CA LEU D 193 18.14 -7.79 6.28
C LEU D 193 19.13 -8.96 6.44
N ALA D 194 20.12 -8.81 7.34
CA ALA D 194 21.09 -9.86 7.67
C ALA D 194 20.49 -10.98 8.54
N THR D 195 19.25 -10.80 9.06
CA THR D 195 18.57 -11.84 9.87
C THR D 195 17.90 -12.91 8.97
N ASP D 196 17.86 -12.69 7.64
CA ASP D 196 17.32 -13.68 6.69
C ASP D 196 18.34 -14.83 6.66
N MET D 197 17.89 -16.06 7.00
CA MET D 197 18.76 -17.26 7.04
C MET D 197 19.45 -17.57 5.71
N SER D 198 18.91 -17.08 4.58
CA SER D 198 19.53 -17.26 3.26
C SER D 198 20.87 -16.51 3.19
N LYS D 199 21.11 -15.57 4.13
CA LYS D 199 22.34 -14.77 4.20
C LYS D 199 23.38 -15.35 5.19
N HIS D 200 22.99 -16.35 5.99
CA HIS D 200 23.80 -16.95 7.06
C HIS D 200 25.23 -17.34 6.64
N MET D 201 25.36 -18.18 5.59
CA MET D 201 26.64 -18.70 5.10
C MET D 201 27.61 -17.59 4.71
N ASN D 202 27.14 -16.57 3.95
CA ASN D 202 27.99 -15.44 3.56
C ASN D 202 28.39 -14.56 4.73
N LEU D 203 27.45 -14.37 5.68
CA LEU D 203 27.69 -13.58 6.89
C LEU D 203 28.77 -14.28 7.74
N LEU D 204 28.66 -15.61 7.87
CA LEU D 204 29.60 -16.40 8.65
C LEU D 204 30.99 -16.41 8.00
N ALA D 205 31.05 -16.60 6.68
CA ALA D 205 32.31 -16.59 5.93
C ALA D 205 33.09 -15.28 6.17
N ASP D 206 32.39 -14.13 6.19
CA ASP D 206 32.92 -12.79 6.44
C ASP D 206 33.41 -12.65 7.89
N LEU D 207 32.65 -13.20 8.83
CA LEU D 207 33.01 -13.17 10.24
C LEU D 207 34.32 -13.97 10.46
N LYS D 208 34.43 -15.16 9.80
CA LYS D 208 35.63 -16.02 9.87
C LYS D 208 36.85 -15.27 9.33
N THR D 209 36.69 -14.57 8.19
CA THR D 209 37.74 -13.78 7.54
C THR D 209 38.23 -12.68 8.49
N MET D 210 37.30 -12.00 9.17
CA MET D 210 37.63 -10.98 10.15
C MET D 210 38.39 -11.56 11.36
N VAL D 211 38.00 -12.76 11.83
CA VAL D 211 38.66 -13.44 12.95
C VAL D 211 40.11 -13.77 12.58
N GLU D 212 40.35 -14.20 11.33
CA GLU D 212 41.70 -14.53 10.81
C GLU D 212 42.65 -13.34 10.81
N THR D 213 42.16 -12.15 10.40
CA THR D 213 42.92 -10.90 10.32
C THR D 213 42.55 -9.90 11.44
N LYS D 214 42.12 -10.43 12.60
CA LYS D 214 41.68 -9.68 13.79
C LYS D 214 42.75 -8.72 14.31
N LYS D 215 42.35 -7.44 14.50
CA LYS D 215 43.21 -6.39 15.03
C LYS D 215 42.61 -5.90 16.37
N VAL D 216 43.45 -5.80 17.40
CA VAL D 216 43.05 -5.25 18.70
C VAL D 216 43.77 -3.90 18.93
N THR D 217 43.19 -3.01 19.75
CA THR D 217 43.79 -1.70 20.05
C THR D 217 44.76 -1.86 21.23
N SER D 218 45.41 -0.76 21.67
CA SER D 218 46.29 -0.78 22.84
C SER D 218 45.47 -1.06 24.13
N SER D 219 44.12 -0.84 24.06
CA SER D 219 43.13 -1.07 25.13
C SER D 219 42.63 -2.52 25.18
N GLY D 220 43.10 -3.36 24.27
CA GLY D 220 42.67 -4.76 24.24
C GLY D 220 41.25 -5.00 23.72
N VAL D 221 40.71 -4.02 22.95
CA VAL D 221 39.38 -4.13 22.32
C VAL D 221 39.53 -4.18 20.78
N LEU D 222 38.52 -4.74 20.12
CA LEU D 222 38.51 -4.92 18.66
C LEU D 222 38.64 -3.61 17.88
N LEU D 223 39.52 -3.60 16.87
CA LEU D 223 39.75 -2.47 15.97
C LEU D 223 38.88 -2.66 14.72
N LEU D 224 38.00 -1.67 14.47
CA LEU D 224 37.05 -1.65 13.33
C LEU D 224 37.16 -0.27 12.70
N ASP D 225 37.96 -0.20 11.62
CA ASP D 225 38.41 0.97 10.87
C ASP D 225 37.39 1.65 9.99
N ASN D 226 36.46 0.90 9.45
CA ASN D 226 35.53 1.33 8.42
C ASN D 226 34.12 0.80 8.65
N TYR D 227 33.13 1.38 7.95
CA TYR D 227 31.72 1.00 8.08
C TYR D 227 31.48 -0.49 7.79
N SER D 228 32.10 -1.01 6.73
CA SER D 228 31.97 -2.40 6.31
C SER D 228 32.30 -3.40 7.44
N ASP D 229 33.33 -3.12 8.23
CA ASP D 229 33.75 -3.95 9.35
C ASP D 229 32.82 -3.78 10.52
N ARG D 230 32.47 -2.52 10.84
CA ARG D 230 31.59 -2.17 11.95
C ARG D 230 30.20 -2.77 11.79
N ILE D 231 29.60 -2.63 10.59
CA ILE D 231 28.27 -3.17 10.31
C ILE D 231 28.29 -4.70 10.30
N GLN D 232 29.38 -5.33 9.79
CA GLN D 232 29.55 -6.80 9.76
C GLN D 232 29.44 -7.38 11.17
N VAL D 233 30.15 -6.76 12.15
CA VAL D 233 30.15 -7.17 13.56
C VAL D 233 28.73 -7.01 14.14
N LEU D 234 28.07 -5.85 13.87
CA LEU D 234 26.70 -5.59 14.35
C LEU D 234 25.69 -6.55 13.77
N GLN D 235 25.83 -6.90 12.47
CA GLN D 235 24.94 -7.84 11.77
C GLN D 235 25.11 -9.21 12.38
N ASN D 236 26.38 -9.66 12.59
CA ASN D 236 26.67 -10.96 13.21
C ASN D 236 26.25 -11.03 14.66
N MET D 237 26.36 -9.92 15.37
CA MET D 237 25.96 -9.84 16.77
C MET D 237 24.45 -10.08 16.92
N VAL D 238 23.62 -9.35 16.14
CA VAL D 238 22.15 -9.50 16.18
C VAL D 238 21.74 -10.87 15.65
N HIS D 239 22.45 -11.39 14.64
CA HIS D 239 22.25 -12.73 14.09
C HIS D 239 22.54 -13.80 15.20
N CYS D 240 23.61 -13.60 15.99
CA CYS D 240 23.94 -14.45 17.15
C CYS D 240 22.81 -14.38 18.19
N ALA D 241 22.34 -13.16 18.49
CA ALA D 241 21.26 -12.94 19.45
C ALA D 241 19.98 -13.69 18.98
N ASP D 242 19.70 -13.63 17.68
CA ASP D 242 18.54 -14.28 17.05
C ASP D 242 18.67 -15.81 17.14
N LEU D 243 19.92 -16.32 17.03
CA LEU D 243 20.23 -17.75 17.10
C LEU D 243 20.82 -18.13 18.49
N SER D 244 20.39 -17.43 19.56
CA SER D 244 20.97 -17.64 20.89
C SER D 244 20.23 -18.66 21.77
N ASN D 245 19.01 -19.12 21.40
CA ASN D 245 18.24 -20.07 22.23
C ASN D 245 19.04 -21.31 22.67
N PRO D 246 19.78 -22.02 21.77
CA PRO D 246 20.51 -23.22 22.20
C PRO D 246 21.67 -22.94 23.17
N THR D 247 22.08 -21.67 23.35
CA THR D 247 23.17 -21.22 24.23
C THR D 247 22.65 -20.80 25.60
N LYS D 248 21.34 -20.85 25.79
CA LYS D 248 20.74 -20.43 27.05
C LYS D 248 20.60 -21.61 28.02
N PRO D 249 20.38 -21.37 29.35
CA PRO D 249 20.12 -22.51 30.27
C PRO D 249 19.01 -23.37 29.70
N LEU D 250 19.17 -24.70 29.81
CA LEU D 250 18.30 -25.74 29.25
C LEU D 250 16.81 -25.51 29.50
N GLN D 251 16.41 -25.08 30.71
CA GLN D 251 14.99 -24.83 31.01
C GLN D 251 14.42 -23.76 30.05
N LEU D 252 15.24 -22.75 29.65
CA LEU D 252 14.80 -21.71 28.70
C LEU D 252 14.79 -22.25 27.26
N TYR D 253 15.89 -22.89 26.84
CA TYR D 253 16.05 -23.50 25.51
C TYR D 253 14.90 -24.45 25.16
N ARG D 254 14.52 -25.34 26.09
CA ARG D 254 13.41 -26.30 25.92
C ARG D 254 12.09 -25.61 25.62
N GLN D 255 11.82 -24.47 26.28
CA GLN D 255 10.62 -23.66 26.06
C GLN D 255 10.64 -23.04 24.66
N TRP D 256 11.82 -22.56 24.21
CA TRP D 256 12.00 -22.02 22.85
C TRP D 256 11.79 -23.10 21.80
N THR D 257 12.31 -24.32 22.06
CA THR D 257 12.14 -25.48 21.18
C THR D 257 10.66 -25.86 21.05
N ASP D 258 9.93 -25.95 22.17
CA ASP D 258 8.50 -26.27 22.15
C ASP D 258 7.71 -25.26 21.32
N ARG D 259 8.08 -23.97 21.44
CA ARG D 259 7.43 -22.88 20.73
C ARG D 259 7.71 -22.92 19.22
N ILE D 260 8.97 -23.08 18.80
CA ILE D 260 9.30 -23.13 17.38
C ILE D 260 8.69 -24.37 16.71
N MET D 261 8.65 -25.53 17.43
CA MET D 261 8.07 -26.76 16.90
C MET D 261 6.56 -26.61 16.72
N GLU D 262 5.88 -25.97 17.66
CA GLU D 262 4.45 -25.67 17.60
C GLU D 262 4.18 -24.78 16.36
N GLU D 263 5.05 -23.77 16.13
CA GLU D 263 4.94 -22.87 15.00
C GLU D 263 5.18 -23.62 13.66
N PHE D 264 6.25 -24.44 13.60
CA PHE D 264 6.60 -25.25 12.44
C PHE D 264 5.48 -26.23 12.09
N PHE D 265 4.94 -26.94 13.10
CA PHE D 265 3.84 -27.90 12.94
C PHE D 265 2.57 -27.26 12.43
N ARG D 266 2.26 -26.03 12.89
CA ARG D 266 1.09 -25.30 12.40
C ARG D 266 1.28 -24.96 10.91
N GLN D 267 2.53 -24.62 10.48
CA GLN D 267 2.81 -24.34 9.07
C GLN D 267 2.61 -25.63 8.23
N GLY D 268 3.12 -26.76 8.74
CA GLY D 268 2.99 -28.08 8.10
C GLY D 268 1.54 -28.49 7.93
N ASP D 269 0.68 -28.18 8.92
CA ASP D 269 -0.76 -28.44 8.87
C ASP D 269 -1.41 -27.62 7.77
N ARG D 270 -0.96 -26.36 7.60
CA ARG D 270 -1.44 -25.47 6.57
C ARG D 270 -1.00 -25.94 5.19
N GLU D 271 0.26 -26.35 5.07
CA GLU D 271 0.81 -26.90 3.82
C GLU D 271 0.08 -28.19 3.42
N ARG D 272 -0.18 -29.08 4.40
CA ARG D 272 -0.86 -30.36 4.19
C ARG D 272 -2.28 -30.17 3.68
N GLU D 273 -3.09 -29.33 4.35
CA GLU D 273 -4.48 -29.08 3.95
C GLU D 273 -4.60 -28.40 2.57
N ARG D 274 -3.53 -27.72 2.12
CA ARG D 274 -3.46 -27.02 0.83
C ARG D 274 -2.85 -27.87 -0.29
N GLY D 275 -2.38 -29.07 0.04
CA GLY D 275 -1.76 -29.96 -0.93
C GLY D 275 -0.36 -29.54 -1.32
N MET D 276 0.30 -28.76 -0.44
CA MET D 276 1.66 -28.29 -0.67
C MET D 276 2.66 -29.29 -0.08
N GLU D 277 3.90 -29.26 -0.55
CA GLU D 277 5.00 -30.03 0.02
C GLU D 277 5.21 -29.51 1.46
N ILE D 278 5.29 -30.42 2.44
CA ILE D 278 5.49 -30.02 3.84
C ILE D 278 6.97 -29.64 4.02
N SER D 279 7.23 -28.42 4.54
CA SER D 279 8.58 -27.90 4.75
C SER D 279 9.37 -28.74 5.77
N PRO D 280 10.73 -28.73 5.72
CA PRO D 280 11.50 -29.49 6.72
C PRO D 280 11.13 -29.08 8.16
N MET D 281 10.95 -30.11 9.03
CA MET D 281 10.60 -30.03 10.46
C MET D 281 9.16 -29.62 10.73
N CYS D 282 8.33 -29.50 9.67
CA CYS D 282 6.94 -29.03 9.81
C CYS D 282 5.89 -30.15 9.83
N ASP D 283 6.32 -31.41 9.65
CA ASP D 283 5.37 -32.53 9.67
C ASP D 283 5.30 -33.15 11.08
N LYS D 284 4.20 -32.87 11.82
CA LYS D 284 3.97 -33.42 13.16
C LYS D 284 3.87 -34.96 13.18
N HIS D 285 3.56 -35.59 12.01
CA HIS D 285 3.45 -37.05 11.87
C HIS D 285 4.77 -37.72 11.55
N ASN D 286 5.76 -36.96 11.06
CA ASN D 286 7.08 -37.47 10.71
C ASN D 286 8.16 -36.54 11.27
N ALA D 287 8.06 -36.26 12.58
CA ALA D 287 8.95 -35.36 13.31
C ALA D 287 10.01 -36.08 14.14
N SER D 288 11.18 -35.45 14.28
CA SER D 288 12.34 -35.90 15.05
C SER D 288 12.91 -34.64 15.71
N VAL D 289 12.10 -34.01 16.60
CA VAL D 289 12.41 -32.76 17.33
C VAL D 289 13.85 -32.74 17.87
N GLU D 290 14.27 -33.79 18.60
CA GLU D 290 15.61 -33.90 19.19
C GLU D 290 16.72 -33.94 18.15
N LYS D 291 16.57 -34.76 17.08
CA LYS D 291 17.55 -34.85 15.98
C LYS D 291 17.69 -33.49 15.28
N SER D 292 16.55 -32.78 15.09
CA SER D 292 16.48 -31.44 14.49
C SER D 292 17.30 -30.42 15.29
N GLN D 293 17.23 -30.47 16.65
CA GLN D 293 17.98 -29.58 17.51
C GLN D 293 19.47 -29.81 17.40
N VAL D 294 19.88 -31.10 17.41
CA VAL D 294 21.27 -31.49 17.22
C VAL D 294 21.77 -31.00 15.84
N GLY D 295 20.95 -31.21 14.79
CA GLY D 295 21.27 -30.81 13.42
C GLY D 295 21.42 -29.29 13.31
N PHE D 296 20.48 -28.55 13.90
CA PHE D 296 20.51 -27.08 13.98
C PHE D 296 21.80 -26.57 14.67
N ILE D 297 22.20 -27.21 15.82
CA ILE D 297 23.40 -26.84 16.58
C ILE D 297 24.66 -27.16 15.78
N ASP D 298 24.76 -28.39 15.27
CA ASP D 298 25.94 -28.84 14.52
C ASP D 298 26.22 -28.08 13.26
N TYR D 299 25.18 -27.72 12.51
CA TYR D 299 25.35 -27.08 11.21
C TYR D 299 25.20 -25.55 11.20
N ILE D 300 24.46 -24.96 12.17
CA ILE D 300 24.24 -23.51 12.14
C ILE D 300 24.78 -22.77 13.39
N VAL D 301 24.24 -23.10 14.59
CA VAL D 301 24.48 -22.42 15.86
C VAL D 301 25.93 -22.58 16.34
N HIS D 302 26.43 -23.80 16.44
CA HIS D 302 27.80 -24.01 16.91
C HIS D 302 28.83 -23.36 15.97
N PRO D 303 28.82 -23.58 14.63
CA PRO D 303 29.79 -22.86 13.76
C PRO D 303 29.76 -21.34 13.92
N LEU D 304 28.56 -20.75 14.08
CA LEU D 304 28.41 -19.29 14.25
C LEU D 304 28.99 -18.83 15.61
N TRP D 305 28.53 -19.43 16.72
CA TRP D 305 28.94 -19.08 18.08
C TRP D 305 30.41 -19.37 18.38
N GLU D 306 30.99 -20.42 17.75
CA GLU D 306 32.41 -20.77 17.85
C GLU D 306 33.25 -19.62 17.23
N THR D 307 32.81 -19.10 16.08
CA THR D 307 33.47 -17.98 15.40
C THR D 307 33.32 -16.69 16.23
N TRP D 308 32.11 -16.43 16.78
CA TRP D 308 31.88 -15.24 17.62
C TRP D 308 32.79 -15.35 18.87
N ALA D 309 32.82 -16.54 19.53
CA ALA D 309 33.65 -16.79 20.71
C ALA D 309 35.11 -16.49 20.40
N ASP D 310 35.63 -16.80 19.19
CA ASP D 310 36.98 -16.46 18.75
C ASP D 310 37.20 -14.97 18.62
N LEU D 311 36.22 -14.24 18.05
CA LEU D 311 36.29 -12.80 17.87
C LEU D 311 36.35 -12.08 19.22
N VAL D 312 35.59 -12.56 20.23
CA VAL D 312 35.54 -11.91 21.54
C VAL D 312 36.32 -12.70 22.64
N HIS D 313 37.19 -13.65 22.24
CA HIS D 313 37.91 -14.54 23.17
C HIS D 313 38.50 -13.81 24.40
N PRO D 314 38.24 -14.25 25.65
CA PRO D 314 37.49 -15.45 26.08
C PRO D 314 36.07 -15.17 26.60
N ASP D 315 35.51 -14.01 26.25
CA ASP D 315 34.20 -13.52 26.72
C ASP D 315 33.02 -14.48 26.57
N ALA D 316 32.94 -15.24 25.47
CA ALA D 316 31.80 -16.13 25.26
C ALA D 316 32.08 -17.61 25.60
N GLN D 317 33.12 -17.91 26.41
CA GLN D 317 33.46 -19.30 26.78
C GLN D 317 32.33 -20.04 27.49
N ASP D 318 31.65 -19.41 28.46
CA ASP D 318 30.53 -20.05 29.19
C ASP D 318 29.31 -20.26 28.29
N ILE D 319 29.10 -19.34 27.33
CA ILE D 319 28.00 -19.41 26.35
C ILE D 319 28.22 -20.64 25.50
N LEU D 320 29.44 -20.81 25.00
CA LEU D 320 29.85 -21.95 24.17
C LEU D 320 29.75 -23.29 24.94
N ASP D 321 30.12 -23.28 26.24
CA ASP D 321 30.04 -24.46 27.11
C ASP D 321 28.59 -24.89 27.32
N THR D 322 27.66 -23.93 27.52
CA THR D 322 26.22 -24.23 27.69
C THR D 322 25.66 -24.82 26.40
N LEU D 323 26.07 -24.27 25.24
CA LEU D 323 25.67 -24.72 23.91
C LEU D 323 26.04 -26.20 23.72
N GLU D 324 27.29 -26.55 24.05
CA GLU D 324 27.81 -27.92 23.96
C GLU D 324 27.09 -28.87 24.95
N ASP D 325 26.74 -28.39 26.16
CA ASP D 325 25.99 -29.20 27.14
C ASP D 325 24.55 -29.46 26.66
N ASN D 326 23.90 -28.42 26.09
CA ASN D 326 22.54 -28.50 25.56
C ASN D 326 22.45 -29.42 24.35
N ARG D 327 23.47 -29.41 23.49
CA ARG D 327 23.51 -30.28 22.33
C ARG D 327 23.60 -31.74 22.80
N GLU D 328 24.40 -32.00 23.86
CA GLU D 328 24.55 -33.35 24.45
C GLU D 328 23.24 -33.82 25.05
N TRP D 329 22.48 -32.91 25.66
CA TRP D 329 21.18 -33.25 26.23
C TRP D 329 20.14 -33.67 25.18
N TYR D 330 20.01 -32.92 24.05
CA TYR D 330 19.07 -33.31 23.00
C TYR D 330 19.49 -34.61 22.35
N GLN D 331 20.80 -34.79 22.10
CA GLN D 331 21.37 -36.03 21.56
C GLN D 331 20.94 -37.25 22.43
N SER D 332 21.06 -37.12 23.75
CA SER D 332 20.70 -38.14 24.73
C SER D 332 19.18 -38.45 24.81
N THR D 333 18.33 -37.57 24.23
CA THR D 333 16.90 -37.79 24.25
C THR D 333 16.35 -38.12 22.85
N ILE D 334 17.24 -38.50 21.92
CA ILE D 334 16.81 -38.94 20.57
C ILE D 334 16.34 -40.42 20.75
N PRO D 335 15.08 -40.79 20.40
CA PRO D 335 14.68 -42.21 20.54
C PRO D 335 15.48 -43.12 19.61
N GLN D 336 15.92 -44.29 20.13
CA GLN D 336 16.70 -45.25 19.35
C GLN D 336 15.80 -46.19 18.58
ZN ZN E . -10.99 20.07 -8.79
MG MG F . -11.84 16.23 -8.03
S SO4 G . -4.08 34.68 -17.67
O1 SO4 G . -5.27 33.93 -18.07
O2 SO4 G . -3.57 34.22 -16.42
O3 SO4 G . -4.42 36.10 -17.56
O4 SO4 G . -3.04 34.46 -18.71
C1 EOH H . -14.76 11.69 8.46
C2 EOH H . -13.91 11.82 9.72
O EOH H . -15.96 12.43 8.75
C1 EOH I . 9.61 14.07 -3.62
C2 EOH I . 9.83 12.54 -3.68
O EOH I . 8.31 14.27 -3.12
C1 EOH J . -3.42 16.53 10.46
C2 EOH J . -3.44 15.22 9.73
O EOH J . -2.37 16.36 11.36
C13 7DJ K . -14.66 17.94 -13.64
C17 7DJ K . -15.45 19.10 -11.74
C16 7DJ K . -15.50 17.92 -11.04
C15 7DJ K . -15.15 16.72 -11.62
C11 7DJ K . -19.09 15.01 -16.02
C12 7DJ K . -15.01 19.16 -13.06
F3 7DJ K . -14.16 17.91 -14.88
C14 7DJ K . -14.74 16.75 -12.94
F2 7DJ K . -14.39 15.60 -13.56
F1 7DJ K . -15.89 17.95 -9.75
F 7DJ K . -15.82 20.24 -11.12
N5 7DJ K . -14.90 20.41 -13.78
C1 7DJ K . -15.54 20.73 -14.99
N 7DJ K . -16.53 19.92 -15.40
N1 7DJ K . -17.10 20.25 -16.62
C6 7DJ K . -18.13 19.57 -17.26
C7 7DJ K . -18.94 18.45 -16.68
N4 7DJ K . -18.53 17.99 -15.50
C8 7DJ K . -19.30 17.17 -14.59
C9 7DJ K . -18.94 15.65 -14.64
O2 7DJ K . -17.58 15.60 -14.17
C10 7DJ K . -19.87 14.96 -13.63
O1 7DJ K . -19.36 13.65 -13.42
O 7DJ K . -19.96 18.05 -17.24
C5 7DJ K . -18.32 20.23 -18.44
N3 7DJ K . -17.48 21.30 -18.53
C2 7DJ K . -16.75 21.31 -17.43
C3 7DJ K . -15.68 22.24 -16.94
C 7DJ K . -15.07 21.92 -15.74
N2 7DJ K . -15.45 23.36 -17.76
C4 7DJ K . -14.49 24.42 -17.49
ZN ZN L . -19.52 -8.88 12.06
MG MG M . -17.75 -5.44 11.21
S SO4 N . -22.39 -25.03 20.96
O1 SO4 N . -22.83 -26.40 21.25
O2 SO4 N . -21.41 -24.63 21.98
O3 SO4 N . -23.53 -24.12 21.02
O4 SO4 N . -21.80 -24.99 19.63
C1 EOH O . -16.86 -0.34 22.01
C2 EOH O . -15.75 -0.11 20.94
O EOH O . -17.19 0.94 22.52
C1 EOH P . -1.00 -16.88 2.46
C2 EOH P . -0.47 -16.00 3.59
O EOH P . -2.35 -17.16 2.78
C1 EOH Q . -20.33 0.93 -4.77
C2 EOH Q . -19.97 0.32 -6.12
O EOH Q . -21.72 1.09 -4.80
C13 7DJ R . -19.83 -5.08 17.28
C17 7DJ R . -21.45 -5.39 15.60
C16 7DJ R . -20.84 -4.42 14.84
C15 7DJ R . -19.72 -3.75 15.29
C11 7DJ R . -20.76 0.11 20.09
C12 7DJ R . -20.97 -5.75 16.86
F3 7DJ R . -19.27 -5.42 18.45
C14 7DJ R . -19.23 -4.10 16.52
F2 7DJ R . -18.11 -3.50 16.99
F1 7DJ R . -21.33 -4.15 13.61
F 7DJ R . -22.52 -6.03 15.08
N5 7DJ R . -21.60 -6.77 17.65
C1 7DJ R . -22.08 -6.61 18.98
N 7DJ R . -22.16 -5.36 19.49
N1 7DJ R . -22.56 -5.30 20.81
C6 7DJ R . -22.74 -4.15 21.58
C7 7DJ R . -22.70 -2.75 21.08
N4 7DJ R . -22.24 -2.58 19.84
C8 7DJ R . -22.57 -1.42 19.02
C9 7DJ R . -21.42 -0.39 18.82
O2 7DJ R . -20.47 -1.08 17.99
C10 7DJ R . -22.09 0.79 18.02
O1 7DJ R . -21.08 1.50 17.31
O 7DJ R . -23.13 -1.81 21.76
C5 7DJ R . -23.12 -4.60 22.81
N3 7DJ R . -23.21 -5.96 22.84
C2 7DJ R . -22.88 -6.37 21.62
C3 7DJ R . -22.84 -7.74 21.04
C 7DJ R . -22.43 -7.83 19.73
N2 7DJ R . -23.32 -8.76 21.87
C4 7DJ R . -23.52 -10.15 21.50
ZN ZN S . 16.09 1.86 -18.36
MG MG T . 16.06 1.85 -14.35
S SO4 U . 14.49 8.74 -35.37
O1 SO4 U . 15.25 9.25 -34.24
O2 SO4 U . 13.37 7.93 -34.92
O3 SO4 U . 15.43 7.95 -36.18
O4 SO4 U . 13.98 9.89 -36.14
C1 EOH V . 14.64 -13.84 -6.67
C2 EOH V . 13.36 -14.67 -6.70
O EOH V . 15.62 -14.62 -7.38
C13 7DJ W . 20.27 6.31 -16.39
C17 7DJ W . 20.69 4.11 -17.13
C16 7DJ W . 20.39 3.64 -15.87
C15 7DJ W . 20.04 4.48 -14.84
C11 7DJ W . 24.40 8.34 -12.92
C12 7DJ W . 20.62 5.46 -17.44
F3 7DJ W . 20.21 7.63 -16.60
C14 7DJ W . 20.00 5.83 -15.12
F2 7DJ W . 19.72 6.71 -14.14
F1 7DJ W . 20.45 2.30 -15.64
F 7DJ W . 21.03 3.23 -18.09
N5 7DJ W . 20.89 5.95 -18.76
C1 7DJ W . 21.88 6.92 -19.08
N 7DJ W . 22.79 7.26 -18.10
N1 7DJ W . 23.70 8.25 -18.48
C6 7DJ W . 24.72 8.79 -17.71
C7 7DJ W . 25.16 8.33 -16.36
N4 7DJ W . 24.50 7.29 -15.85
C8 7DJ W . 24.89 6.50 -14.69
C9 7DJ W . 24.16 6.89 -13.35
O2 7DJ W . 22.76 6.68 -13.54
C10 7DJ W . 24.71 5.91 -12.28
O1 7DJ W . 23.77 5.83 -11.21
O 7DJ W . 26.14 8.84 -15.81
C5 7DJ W . 25.32 9.72 -18.50
N3 7DJ W . 24.71 9.79 -19.73
C2 7DJ W . 23.75 8.88 -19.71
C3 7DJ W . 22.77 8.44 -20.77
C 7DJ W . 21.84 7.48 -20.43
N2 7DJ W . 22.97 9.00 -22.04
C4 7DJ W . 22.26 8.68 -23.26
ZN ZN X . 14.00 -13.57 15.22
MG MG Y . 13.26 -13.13 11.33
C1 EOH Z . 20.57 0.13 3.00
C2 EOH Z . 20.61 1.65 2.85
O EOH Z . 21.95 -0.28 3.06
C13 7DJ AA . 13.81 -19.56 12.91
C17 7DJ AA . 15.68 -18.17 13.26
C16 7DJ AA . 15.44 -17.55 12.05
C15 7DJ AA . 14.39 -17.91 11.25
C11 7DJ AA . 15.01 -23.70 8.58
C12 7DJ AA . 14.87 -19.21 13.73
F3 7DJ AA . 12.97 -20.53 13.30
C14 7DJ AA . 13.58 -18.93 11.70
F2 7DJ AA . 12.53 -19.34 10.95
F1 7DJ AA . 16.27 -16.54 11.66
F 7DJ AA . 16.72 -17.74 14.00
N5 7DJ AA . 15.11 -19.84 15.00
C1 7DJ AA . 15.19 -21.25 15.20
N 7DJ AA . 15.39 -22.02 14.10
N1 7DJ AA . 15.43 -23.38 14.35
C6 7DJ AA . 15.64 -24.39 13.42
C7 7DJ AA . 16.03 -24.20 11.99
N4 7DJ AA . 15.90 -22.96 11.51
C8 7DJ AA . 16.51 -22.43 10.29
C9 7DJ AA . 15.51 -22.35 9.07
O2 7DJ AA . 14.41 -21.55 9.56
C10 7DJ AA . 16.16 -21.56 7.89
O1 7DJ AA . 17.24 -22.30 7.33
O 7DJ AA . 16.53 -25.12 11.34
C5 7DJ AA . 15.59 -25.57 14.11
N3 7DJ AA . 15.39 -25.31 15.45
C2 7DJ AA . 15.31 -23.99 15.59
C3 7DJ AA . 15.13 -23.12 16.79
C 7DJ AA . 15.07 -21.77 16.58
N2 7DJ AA . 15.14 -23.76 18.03
C4 7DJ AA . 15.08 -23.11 19.34
#